data_9HBW
#
_entry.id   9HBW
#
_cell.length_a   1.00
_cell.length_b   1.00
_cell.length_c   1.00
_cell.angle_alpha   90.00
_cell.angle_beta   90.00
_cell.angle_gamma   90.00
#
_symmetry.space_group_name_H-M   'P 1'
#
loop_
_entity.id
_entity.type
_entity.pdbx_description
1 polymer 'Tilapia Lake Virus nucleoprotein (segment 4)'
2 polymer '40-mer vRNA loop'
3 polymer '40-mer vRNA loop'
#
loop_
_entity_poly.entity_id
_entity_poly.type
_entity_poly.pdbx_seq_one_letter_code
_entity_poly.pdbx_strand_id
1 'polypeptide(L)'
;MVRTTKTSMAAASTVAPEVAMDEGSPSTSQAQVELPRNLEVFNEACGHVFGSSFNREDNSVISDAAAFLFKMHTHSLDGQ
EAKVLRASEKKRERENAKKSRKAPEAGMRVGRSLILTSRWTEYCATCVPALGSKMKVIKASGDAAMIQMMKDHNSLLRVC
VRIEVWKARYVSLVALDERIQTLEDAQWFPYLSGDSYRACPGLVGGYFAKKAAAGERGKNYKKLNQTAIIPPPRFLIIGH
RLQIGDQVTLRELLASIAWGLCDGVLAECWSPSQGDGSIGVVVGLPLQATGSCFLVVASHGLSAIADSRIEGTGNTNLLE
ECIAIQKQDGVIKCKRSGKSLYHCLKETAGAVGR
;
A,B,C,D
2 'polyribonucleotide'
;(Y5P)(Y5P)(Y5P)(Y5P)(Y5P)(P5P)(Y5P)(P5P)(Y5P)(Y5P)(P5P)(P5P)(Y5P)(P5P)(Y5P)(P5P)
(P5P)(P5P)(P5P)(P5P)(P5P)(P5P)(P5P)(Y5P)(Y5P)(Y5P)(P5P)(Y5P)
;
O
3 'polyribonucleotide' (P5P)(P5P)(P5P)(P5P)(P5P)(Y5P)(Y5P)(P5P)(P5P)(Y5P) P,Q,R
#
loop_
_chem_comp.id
_chem_comp.type
_chem_comp.name
_chem_comp.formula
P5P RNA linking 'PURINE RIBOSIDE-5'-MONOPHOSPHATE' 'C10 H13 N4 O7 P'
Y5P RNA linking 1-(5-O-phosphono-beta-D-ribofuranosyl)-1,4-dihydropyrimidine 'C9 H15 N2 O7 P'
#
# COMPACT_ATOMS: atom_id res chain seq x y z
N GLU A 34 18.82 40.37 -25.85
CA GLU A 34 19.40 40.29 -24.51
C GLU A 34 18.69 39.22 -23.68
N LEU A 35 18.15 38.21 -24.36
CA LEU A 35 17.45 37.14 -23.68
C LEU A 35 18.42 36.20 -22.99
N PRO A 36 17.96 35.47 -21.97
CA PRO A 36 18.85 34.49 -21.31
C PRO A 36 19.26 33.39 -22.27
N ARG A 37 20.42 32.81 -21.99
CA ARG A 37 20.93 31.73 -22.83
C ARG A 37 19.93 30.59 -22.94
N ASN A 38 19.14 30.36 -21.88
CA ASN A 38 18.17 29.26 -21.92
C ASN A 38 17.17 29.43 -23.05
N LEU A 39 16.60 30.63 -23.17
CA LEU A 39 15.62 30.88 -24.23
C LEU A 39 16.29 31.12 -25.58
N GLU A 40 17.49 31.70 -25.58
CA GLU A 40 18.21 31.91 -26.83
C GLU A 40 18.54 30.59 -27.49
N VAL A 41 18.94 29.58 -26.70
CA VAL A 41 19.25 28.27 -27.25
C VAL A 41 18.01 27.69 -27.91
N PHE A 42 16.86 27.78 -27.25
CA PHE A 42 15.63 27.24 -27.83
C PHE A 42 15.26 27.98 -29.11
N ASN A 43 15.38 29.31 -29.10
CA ASN A 43 15.06 30.07 -30.30
C ASN A 43 15.96 29.68 -31.47
N GLU A 44 17.26 29.57 -31.21
CA GLU A 44 18.19 29.21 -32.28
C GLU A 44 17.91 27.81 -32.79
N ALA A 45 17.66 26.86 -31.89
CA ALA A 45 17.38 25.49 -32.32
C ALA A 45 16.10 25.43 -33.16
N CYS A 46 15.05 26.10 -32.69
CA CYS A 46 13.79 26.10 -33.44
C CYS A 46 13.98 26.72 -34.81
N GLY A 47 14.69 27.85 -34.89
CA GLY A 47 14.94 28.45 -36.19
C GLY A 47 15.71 27.53 -37.11
N HIS A 48 16.81 26.97 -36.61
CA HIS A 48 17.63 26.10 -37.45
C HIS A 48 16.85 24.88 -37.93
N VAL A 49 15.94 24.38 -37.10
CA VAL A 49 15.23 23.14 -37.43
C VAL A 49 13.98 23.38 -38.27
N PHE A 50 13.39 24.57 -38.22
CA PHE A 50 12.10 24.79 -38.87
C PHE A 50 12.08 25.97 -39.84
N GLY A 51 13.24 26.58 -40.14
CA GLY A 51 13.23 27.63 -41.15
C GLY A 51 12.31 28.77 -40.75
N SER A 52 11.62 29.32 -41.75
CA SER A 52 10.65 30.38 -41.52
C SER A 52 9.28 29.86 -41.14
N SER A 53 9.03 28.56 -41.27
CA SER A 53 7.72 28.00 -40.95
C SER A 53 7.39 28.07 -39.47
N PHE A 54 8.38 28.32 -38.61
CA PHE A 54 8.14 28.40 -37.17
C PHE A 54 7.59 29.78 -36.84
N ASN A 55 6.36 29.82 -36.35
CA ASN A 55 5.71 31.07 -35.93
C ASN A 55 5.84 31.21 -34.43
N ARG A 56 6.44 32.32 -33.97
CA ARG A 56 6.69 32.54 -32.56
C ARG A 56 5.53 33.24 -31.85
N GLU A 57 4.32 33.13 -32.40
CA GLU A 57 3.15 33.79 -31.82
C GLU A 57 1.96 32.85 -31.66
N ASP A 58 2.07 31.60 -32.08
CA ASP A 58 0.99 30.61 -31.94
C ASP A 58 1.40 29.57 -30.91
N ASN A 59 0.54 29.39 -29.89
CA ASN A 59 0.87 28.45 -28.83
C ASN A 59 0.98 27.02 -29.36
N SER A 60 0.05 26.62 -30.25
CA SER A 60 0.08 25.26 -30.75
C SER A 60 1.36 24.98 -31.53
N VAL A 61 1.76 25.92 -32.40
CA VAL A 61 2.96 25.73 -33.20
C VAL A 61 4.19 25.63 -32.29
N ILE A 62 4.27 26.51 -31.29
CA ILE A 62 5.41 26.49 -30.39
C ILE A 62 5.46 25.19 -29.60
N SER A 63 4.30 24.72 -29.13
CA SER A 63 4.26 23.47 -28.38
C SER A 63 4.68 22.30 -29.25
N ASP A 64 4.20 22.25 -30.49
CA ASP A 64 4.58 21.16 -31.39
C ASP A 64 6.07 21.20 -31.68
N ALA A 65 6.63 22.38 -31.91
CA ALA A 65 8.07 22.50 -32.16
C ALA A 65 8.87 22.05 -30.94
N ALA A 66 8.42 22.46 -29.75
CA ALA A 66 9.12 22.04 -28.53
C ALA A 66 9.07 20.54 -28.36
N ALA A 67 7.91 19.92 -28.63
CA ALA A 67 7.81 18.47 -28.52
C ALA A 67 8.73 17.78 -29.52
N PHE A 68 8.78 18.28 -30.75
CA PHE A 68 9.67 17.69 -31.74
C PHE A 68 11.12 17.81 -31.32
N LEU A 69 11.52 18.98 -30.82
CA LEU A 69 12.90 19.16 -30.36
C LEU A 69 13.20 18.23 -29.19
N PHE A 70 12.25 18.06 -28.27
CA PHE A 70 12.45 17.16 -27.15
C PHE A 70 12.64 15.73 -27.62
N LYS A 71 11.81 15.29 -28.58
CA LYS A 71 11.97 13.95 -29.12
C LYS A 71 13.31 13.79 -29.83
N MET A 72 13.75 14.80 -30.57
CA MET A 72 15.04 14.73 -31.25
C MET A 72 16.19 14.63 -30.25
N HIS A 73 16.14 15.43 -29.18
CA HIS A 73 17.23 15.46 -28.21
C HIS A 73 17.20 14.29 -27.23
N THR A 74 16.09 13.54 -27.18
CA THR A 74 15.99 12.36 -26.34
C THR A 74 16.38 11.09 -27.09
N HIS A 75 16.82 11.21 -28.34
CA HIS A 75 17.17 10.05 -29.16
C HIS A 75 15.96 9.13 -29.31
N SER A 76 14.85 9.69 -29.77
CA SER A 76 13.61 8.96 -29.97
C SER A 76 13.14 8.97 -31.42
N LEU A 77 13.75 9.77 -32.29
CA LEU A 77 13.35 9.84 -33.68
C LEU A 77 13.88 8.63 -34.45
N ASP A 78 13.36 8.44 -35.66
CA ASP A 78 13.81 7.36 -36.52
C ASP A 78 15.24 7.61 -36.97
N GLY A 79 16.03 6.54 -37.01
CA GLY A 79 17.41 6.61 -37.43
C GLY A 79 18.40 7.01 -36.35
N GLN A 80 17.94 7.31 -35.15
CA GLN A 80 18.82 7.71 -34.06
C GLN A 80 19.29 6.48 -33.29
N GLU A 81 20.25 6.70 -32.39
CA GLU A 81 20.84 5.61 -31.62
C GLU A 81 19.79 4.80 -30.90
N ALA A 82 20.10 3.54 -30.59
CA ALA A 82 19.18 2.64 -29.93
C ALA A 82 19.50 2.54 -28.45
N LYS A 83 18.47 2.58 -27.62
CA LYS A 83 18.61 2.50 -26.17
C LYS A 83 18.66 1.03 -25.79
N VAL A 84 19.87 0.47 -25.76
CA VAL A 84 20.06 -0.97 -25.63
C VAL A 84 20.97 -1.27 -24.44
N LEU A 85 20.97 -0.41 -23.43
CA LEU A 85 21.80 -0.67 -22.26
C LEU A 85 21.30 -1.88 -21.50
N ARG A 86 20.00 -1.92 -21.20
CA ARG A 86 19.38 -3.07 -20.54
C ARG A 86 18.00 -3.35 -21.12
N ALA A 87 17.79 -3.02 -22.38
CA ALA A 87 16.48 -3.16 -22.99
C ALA A 87 16.02 -4.61 -23.00
N SER A 88 14.72 -4.81 -22.83
CA SER A 88 14.13 -6.12 -22.95
C SER A 88 14.01 -6.51 -24.42
N GLU A 89 13.62 -7.76 -24.66
CA GLU A 89 13.56 -8.25 -26.04
C GLU A 89 12.59 -7.43 -26.87
N LYS A 90 11.40 -7.14 -26.33
CA LYS A 90 10.45 -6.31 -27.06
C LYS A 90 10.99 -4.90 -27.25
N LYS A 91 11.52 -4.30 -26.18
CA LYS A 91 12.14 -2.99 -26.32
C LYS A 91 13.37 -3.05 -27.22
N ARG A 92 14.11 -4.16 -27.16
CA ARG A 92 15.25 -4.34 -28.05
C ARG A 92 14.80 -4.24 -29.50
N GLU A 93 13.75 -4.98 -29.86
CA GLU A 93 13.25 -4.95 -31.24
C GLU A 93 12.72 -3.57 -31.59
N ARG A 94 12.03 -2.92 -30.66
CA ARG A 94 11.50 -1.59 -30.92
C ARG A 94 12.63 -0.60 -31.24
N GLU A 95 13.66 -0.59 -30.39
CA GLU A 95 14.78 0.33 -30.63
C GLU A 95 15.52 -0.02 -31.90
N ASN A 96 15.69 -1.31 -32.20
CA ASN A 96 16.36 -1.70 -33.44
C ASN A 96 15.57 -1.24 -34.66
N ALA A 97 14.24 -1.40 -34.62
CA ALA A 97 13.42 -0.94 -35.72
C ALA A 97 13.47 0.57 -35.86
N LYS A 98 13.45 1.29 -34.74
CA LYS A 98 13.58 2.74 -34.80
C LYS A 98 14.89 3.16 -35.43
N LYS A 99 15.99 2.51 -35.03
CA LYS A 99 17.30 2.85 -35.58
C LYS A 99 17.36 2.53 -37.07
N SER A 100 16.80 1.39 -37.47
CA SER A 100 16.84 0.99 -38.87
C SER A 100 15.85 1.82 -39.71
N ARG A 101 14.81 2.35 -39.09
CA ARG A 101 13.82 3.13 -39.81
C ARG A 101 14.46 4.40 -40.37
N LYS A 102 14.05 4.77 -41.58
CA LYS A 102 14.60 5.96 -42.22
C LYS A 102 14.29 7.19 -41.38
N ALA A 103 15.31 8.03 -41.19
CA ALA A 103 15.14 9.25 -40.42
C ALA A 103 14.27 10.25 -41.19
N PRO A 104 13.67 11.21 -40.49
CA PRO A 104 12.86 12.21 -41.19
C PRO A 104 13.68 12.98 -42.22
N GLU A 105 13.01 13.42 -43.27
CA GLU A 105 13.63 14.16 -44.36
C GLU A 105 13.15 15.59 -44.37
N ALA A 106 13.89 16.45 -45.09
CA ALA A 106 13.51 17.84 -45.21
C ALA A 106 12.15 17.95 -45.89
N GLY A 107 11.36 18.93 -45.46
CA GLY A 107 10.03 19.14 -45.98
C GLY A 107 8.94 18.41 -45.25
N MET A 108 9.27 17.59 -44.25
CA MET A 108 8.26 16.87 -43.49
C MET A 108 7.39 17.86 -42.71
N ARG A 109 6.11 17.51 -42.60
CA ARG A 109 5.15 18.32 -41.86
C ARG A 109 5.04 17.78 -40.44
N VAL A 110 5.57 18.54 -39.49
CA VAL A 110 5.54 18.18 -38.07
C VAL A 110 4.44 19.00 -37.43
N GLY A 111 3.30 18.38 -37.19
CA GLY A 111 2.15 19.08 -36.61
C GLY A 111 1.22 19.61 -37.70
N ARG A 112 1.06 20.93 -37.75
CA ARG A 112 0.17 21.56 -38.71
C ARG A 112 0.85 22.65 -39.53
N SER A 113 1.76 23.42 -38.93
CA SER A 113 2.38 24.55 -39.61
C SER A 113 3.87 24.61 -39.37
N LEU A 114 4.53 23.46 -39.27
CA LEU A 114 5.97 23.37 -39.14
C LEU A 114 6.52 22.44 -40.20
N ILE A 115 7.49 22.92 -40.97
CA ILE A 115 8.09 22.16 -42.07
C ILE A 115 9.58 22.05 -41.82
N LEU A 116 10.10 20.83 -41.83
CA LEU A 116 11.51 20.61 -41.60
C LEU A 116 12.33 21.12 -42.78
N THR A 117 13.51 21.65 -42.47
CA THR A 117 14.43 22.19 -43.46
C THR A 117 15.60 21.22 -43.64
N SER A 118 16.49 21.57 -44.58
CA SER A 118 17.66 20.75 -44.84
C SER A 118 18.72 20.89 -43.74
N ARG A 119 18.68 21.97 -42.96
CA ARG A 119 19.66 22.19 -41.91
C ARG A 119 19.37 21.39 -40.64
N TRP A 120 18.21 20.71 -40.57
CA TRP A 120 17.87 19.99 -39.35
C TRP A 120 18.83 18.85 -39.09
N THR A 121 19.28 18.15 -40.13
CA THR A 121 20.21 17.05 -39.94
C THR A 121 21.53 17.54 -39.35
N GLU A 122 22.03 18.67 -39.84
CA GLU A 122 23.29 19.21 -39.32
C GLU A 122 23.15 19.58 -37.85
N TYR A 123 22.04 20.22 -37.48
CA TYR A 123 21.82 20.57 -36.08
C TYR A 123 21.73 19.33 -35.21
N CYS A 124 21.00 18.31 -35.68
CA CYS A 124 20.89 17.09 -34.90
C CYS A 124 22.26 16.44 -34.71
N ALA A 125 23.08 16.42 -35.76
CA ALA A 125 24.38 15.78 -35.67
C ALA A 125 25.33 16.55 -34.76
N THR A 126 25.30 17.87 -34.82
CA THR A 126 26.31 18.67 -34.14
C THR A 126 25.93 19.05 -32.71
N CYS A 127 24.64 19.27 -32.42
CA CYS A 127 24.22 19.76 -31.12
C CYS A 127 23.72 18.66 -30.19
N VAL A 128 23.03 17.66 -30.70
CA VAL A 128 22.47 16.59 -29.86
C VAL A 128 23.63 15.76 -29.32
N PRO A 129 23.79 15.63 -28.01
CA PRO A 129 24.87 14.80 -27.48
C PRO A 129 24.69 13.35 -27.92
N ALA A 130 25.82 12.67 -28.10
CA ALA A 130 25.77 11.24 -28.43
C ALA A 130 25.10 10.46 -27.32
N LEU A 131 24.34 9.44 -27.70
CA LEU A 131 23.58 8.66 -26.73
C LEU A 131 24.50 8.12 -25.64
N GLY A 132 24.08 8.27 -24.40
CA GLY A 132 24.89 7.86 -23.27
C GLY A 132 25.87 8.89 -22.77
N SER A 133 25.90 10.08 -23.36
CA SER A 133 26.81 11.12 -22.90
C SER A 133 26.42 11.56 -21.49
N LYS A 134 27.44 11.79 -20.66
CA LYS A 134 27.26 12.22 -19.29
C LYS A 134 28.00 13.54 -19.06
N MET A 135 27.41 14.41 -18.23
CA MET A 135 28.02 15.70 -17.97
C MET A 135 29.37 15.54 -17.29
N LYS A 136 29.50 14.56 -16.39
CA LYS A 136 30.75 14.35 -15.69
C LYS A 136 31.89 14.08 -16.67
N VAL A 137 31.65 13.22 -17.65
CA VAL A 137 32.71 12.85 -18.60
C VAL A 137 33.12 14.07 -19.42
N ILE A 138 32.15 14.82 -19.92
CA ILE A 138 32.46 16.00 -20.74
C ILE A 138 33.23 17.03 -19.91
N LYS A 139 32.80 17.25 -18.66
CA LYS A 139 33.50 18.20 -17.81
C LYS A 139 34.93 17.74 -17.55
N ALA A 140 35.13 16.45 -17.26
CA ALA A 140 36.47 15.94 -17.04
C ALA A 140 37.34 16.10 -18.27
N SER A 141 36.76 15.86 -19.45
CA SER A 141 37.53 16.01 -20.68
C SER A 141 38.07 17.43 -20.85
N GLY A 142 37.40 18.41 -20.26
CA GLY A 142 37.83 19.78 -20.35
C GLY A 142 37.52 20.48 -21.66
N ASP A 143 36.77 19.84 -22.54
CA ASP A 143 36.44 20.43 -23.84
C ASP A 143 35.39 21.51 -23.64
N ALA A 144 35.77 22.77 -23.91
CA ALA A 144 34.84 23.87 -23.71
C ALA A 144 33.64 23.76 -24.63
N ALA A 145 33.86 23.41 -25.90
CA ALA A 145 32.77 23.33 -26.86
C ALA A 145 31.74 22.28 -26.43
N MET A 146 32.23 21.10 -26.03
CA MET A 146 31.31 20.04 -25.62
C MET A 146 30.58 20.41 -24.34
N ILE A 147 31.26 21.08 -23.40
CA ILE A 147 30.60 21.50 -22.16
C ILE A 147 29.48 22.49 -22.48
N GLN A 148 29.76 23.46 -23.35
CA GLN A 148 28.72 24.41 -23.74
C GLN A 148 27.57 23.72 -24.45
N MET A 149 27.88 22.77 -25.33
CA MET A 149 26.84 22.04 -26.03
C MET A 149 25.96 21.27 -25.05
N MET A 150 26.56 20.63 -24.05
CA MET A 150 25.79 19.89 -23.06
C MET A 150 24.92 20.81 -22.23
N LYS A 151 25.45 21.97 -21.84
CA LYS A 151 24.66 22.93 -21.08
C LYS A 151 23.47 23.42 -21.91
N ASP A 152 23.70 23.71 -23.19
CA ASP A 152 22.61 24.12 -24.06
C ASP A 152 21.58 23.02 -24.20
N HIS A 153 22.04 21.76 -24.31
CA HIS A 153 21.12 20.65 -24.39
C HIS A 153 20.25 20.55 -23.15
N ASN A 154 20.84 20.71 -21.97
CA ASN A 154 20.07 20.66 -20.73
C ASN A 154 19.06 21.79 -20.68
N SER A 155 19.47 23.01 -21.05
CA SER A 155 18.54 24.13 -21.05
C SER A 155 17.39 23.89 -22.02
N LEU A 156 17.69 23.37 -23.20
CA LEU A 156 16.65 23.07 -24.19
C LEU A 156 15.70 22.01 -23.65
N LEU A 157 16.23 20.98 -23.00
CA LEU A 157 15.38 19.96 -22.41
C LEU A 157 14.44 20.56 -21.38
N ARG A 158 14.97 21.41 -20.50
CA ARG A 158 14.13 22.01 -19.47
C ARG A 158 13.03 22.88 -20.08
N VAL A 159 13.38 23.70 -21.06
CA VAL A 159 12.40 24.58 -21.68
C VAL A 159 11.33 23.75 -22.40
N CYS A 160 11.75 22.72 -23.13
CA CYS A 160 10.79 21.89 -23.85
C CYS A 160 9.87 21.16 -22.87
N VAL A 161 10.40 20.71 -21.75
CA VAL A 161 9.56 20.02 -20.77
C VAL A 161 8.56 20.99 -20.16
N ARG A 162 8.99 22.22 -19.89
CA ARG A 162 8.05 23.22 -19.39
C ARG A 162 6.93 23.47 -20.39
N ILE A 163 7.29 23.61 -21.67
CA ILE A 163 6.28 23.82 -22.71
C ILE A 163 5.34 22.62 -22.81
N GLU A 164 5.89 21.42 -22.67
CA GLU A 164 5.07 20.21 -22.72
C GLU A 164 4.07 20.18 -21.57
N VAL A 165 4.52 20.55 -20.38
CA VAL A 165 3.62 20.59 -19.23
C VAL A 165 2.51 21.61 -19.47
N TRP A 166 2.87 22.78 -19.98
CA TRP A 166 1.85 23.80 -20.25
C TRP A 166 0.84 23.28 -21.28
N LYS A 167 1.33 22.63 -22.33
CA LYS A 167 0.44 22.13 -23.37
C LYS A 167 -0.48 21.03 -22.83
N ALA A 168 0.04 20.16 -21.97
CA ALA A 168 -0.81 19.15 -21.35
C ALA A 168 -1.88 19.80 -20.50
N ARG A 169 -1.52 20.82 -19.72
CA ARG A 169 -2.53 21.53 -18.93
C ARG A 169 -3.57 22.16 -19.82
N TYR A 170 -3.16 22.79 -20.92
CA TYR A 170 -4.10 23.40 -21.84
C TYR A 170 -5.05 22.37 -22.43
N VAL A 171 -4.51 21.22 -22.83
CA VAL A 171 -5.35 20.17 -23.42
C VAL A 171 -6.36 19.67 -22.39
N SER A 172 -5.93 19.49 -21.15
CA SER A 172 -6.80 18.91 -20.13
C SER A 172 -8.02 19.77 -19.83
N LEU A 173 -8.02 21.05 -20.23
CA LEU A 173 -9.14 21.93 -19.90
C LEU A 173 -10.44 21.45 -20.52
N VAL A 174 -10.38 20.82 -21.70
CA VAL A 174 -11.59 20.48 -22.45
C VAL A 174 -11.72 18.97 -22.61
N ALA A 175 -10.60 18.25 -22.51
CA ALA A 175 -10.62 16.80 -22.69
C ALA A 175 -9.81 16.17 -21.56
N LEU A 176 -10.50 15.49 -20.65
CA LEU A 176 -9.84 14.84 -19.53
C LEU A 176 -9.29 13.48 -19.95
N ASP A 177 -8.30 13.00 -19.19
CA ASP A 177 -7.71 11.71 -19.41
C ASP A 177 -8.58 10.62 -18.79
N GLU A 178 -8.74 9.50 -19.51
CA GLU A 178 -9.57 8.43 -19.00
C GLU A 178 -9.01 7.87 -17.69
N ARG A 179 -7.70 7.93 -17.51
CA ARG A 179 -7.09 7.39 -16.30
C ARG A 179 -7.51 8.15 -15.05
N ILE A 180 -7.82 9.44 -15.18
CA ILE A 180 -8.21 10.27 -14.04
C ILE A 180 -9.67 9.96 -13.75
N GLN A 181 -9.88 8.98 -12.87
CA GLN A 181 -11.22 8.62 -12.40
C GLN A 181 -11.40 8.83 -10.91
N THR A 182 -10.33 9.13 -10.18
CA THR A 182 -10.41 9.32 -8.74
C THR A 182 -9.37 10.35 -8.33
N LEU A 183 -9.56 10.90 -7.12
CA LEU A 183 -8.67 11.95 -6.63
C LEU A 183 -7.22 11.47 -6.61
N GLU A 184 -7.00 10.20 -6.25
CA GLU A 184 -5.65 9.67 -6.24
C GLU A 184 -5.04 9.72 -7.64
N ASP A 185 -5.82 9.35 -8.66
CA ASP A 185 -5.30 9.41 -10.02
C ASP A 185 -4.99 10.85 -10.42
N ALA A 186 -5.90 11.78 -10.09
CA ALA A 186 -5.68 13.18 -10.44
C ALA A 186 -4.51 13.79 -9.67
N GLN A 187 -4.11 13.18 -8.56
CA GLN A 187 -3.04 13.74 -7.75
C GLN A 187 -1.72 13.82 -8.51
N TRP A 188 -1.52 12.97 -9.51
CA TRP A 188 -0.24 12.85 -10.20
C TRP A 188 -0.25 13.49 -11.59
N PHE A 189 -1.31 14.22 -11.93
CA PHE A 189 -1.34 14.91 -13.21
C PHE A 189 -0.21 15.95 -13.26
N PRO A 190 0.44 16.15 -14.43
CA PRO A 190 0.26 15.47 -15.71
C PRO A 190 0.89 14.08 -15.78
N TYR A 191 0.63 13.35 -16.86
CA TYR A 191 1.20 12.02 -17.08
C TYR A 191 2.13 12.10 -18.30
N LEU A 192 3.39 12.41 -18.05
CA LEU A 192 4.39 12.56 -19.10
C LEU A 192 5.40 11.43 -19.04
N SER A 193 6.43 11.52 -19.87
CA SER A 193 7.42 10.47 -19.99
C SER A 193 8.53 10.65 -18.97
N GLY A 194 9.45 9.69 -18.95
CA GLY A 194 10.51 9.70 -17.94
C GLY A 194 11.48 10.85 -18.11
N ASP A 195 11.87 11.14 -19.35
CA ASP A 195 12.80 12.26 -19.57
C ASP A 195 12.18 13.57 -19.14
N SER A 196 10.87 13.73 -19.36
CA SER A 196 10.18 14.93 -18.89
C SER A 196 10.29 15.06 -17.38
N TYR A 197 10.09 13.95 -16.66
CA TYR A 197 10.24 13.99 -15.20
C TYR A 197 11.68 14.32 -14.82
N ARG A 198 12.65 13.77 -15.54
CA ARG A 198 14.06 14.04 -15.22
C ARG A 198 14.38 15.51 -15.35
N ALA A 199 14.04 16.11 -16.50
CA ALA A 199 14.45 17.50 -16.74
C ALA A 199 13.84 18.46 -15.73
N CYS A 200 12.55 18.27 -15.42
CA CYS A 200 11.83 19.14 -14.49
C CYS A 200 11.07 18.28 -13.50
N PRO A 201 11.74 17.74 -12.48
CA PRO A 201 11.05 16.85 -11.54
C PRO A 201 9.90 17.51 -10.80
N GLY A 202 9.99 18.81 -10.53
CA GLY A 202 8.99 19.50 -9.75
C GLY A 202 7.71 19.86 -10.46
N LEU A 203 7.71 19.83 -11.80
CA LEU A 203 6.52 20.19 -12.58
C LEU A 203 5.83 19.00 -13.23
N VAL A 204 6.51 17.87 -13.37
CA VAL A 204 6.01 16.73 -14.10
C VAL A 204 5.53 15.67 -13.12
N GLY A 205 4.27 15.28 -13.25
CA GLY A 205 3.74 14.19 -12.45
C GLY A 205 3.84 12.87 -13.19
N GLY A 206 2.88 11.97 -12.98
CA GLY A 206 2.88 10.71 -13.68
C GLY A 206 3.52 9.58 -12.87
N TYR A 207 3.87 8.52 -13.60
CA TYR A 207 4.36 7.31 -12.94
C TYR A 207 5.69 7.58 -12.22
N PHE A 208 6.57 8.37 -12.83
CA PHE A 208 7.87 8.61 -12.21
C PHE A 208 7.73 9.46 -10.94
N ALA A 209 6.87 10.47 -10.98
CA ALA A 209 6.60 11.24 -9.77
C ALA A 209 5.98 10.36 -8.70
N LYS A 210 5.08 9.45 -9.10
CA LYS A 210 4.50 8.52 -8.14
C LYS A 210 5.58 7.65 -7.50
N LYS A 211 6.48 7.11 -8.31
CA LYS A 211 7.53 6.25 -7.79
C LYS A 211 8.45 7.02 -6.84
N ALA A 212 8.83 8.24 -7.22
CA ALA A 212 9.69 9.04 -6.36
C ALA A 212 8.99 9.35 -5.04
N ALA A 213 7.72 9.72 -5.09
CA ALA A 213 6.97 9.97 -3.85
C ALA A 213 6.67 8.66 -3.13
N ALA A 214 6.20 7.65 -3.88
CA ALA A 214 5.91 6.35 -3.29
C ALA A 214 7.18 5.53 -3.18
N GLY A 215 8.19 6.07 -2.52
CA GLY A 215 9.46 5.38 -2.38
C GLY A 215 10.43 6.23 -1.59
N GLU A 216 11.65 5.73 -1.48
CA GLU A 216 12.66 6.45 -0.72
C GLU A 216 13.03 7.75 -1.41
N ARG A 217 13.15 8.81 -0.61
CA ARG A 217 13.40 10.15 -1.12
C ARG A 217 14.67 10.70 -0.51
N GLY A 218 15.54 11.25 -1.36
CA GLY A 218 16.78 11.85 -0.92
C GLY A 218 16.64 13.34 -0.65
N LYS A 219 17.78 13.96 -0.34
CA LYS A 219 17.80 15.39 -0.10
C LYS A 219 17.39 16.17 -1.35
N ASN A 220 17.87 15.74 -2.52
CA ASN A 220 17.50 16.37 -3.79
C ASN A 220 16.19 15.79 -4.32
N TYR A 221 15.14 16.01 -3.53
CA TYR A 221 13.79 15.55 -3.88
C TYR A 221 12.91 16.77 -4.10
N LYS A 222 12.16 16.77 -5.20
CA LYS A 222 11.25 17.85 -5.55
C LYS A 222 9.82 17.35 -5.53
N LYS A 223 8.93 18.15 -4.95
CA LYS A 223 7.52 17.80 -4.85
C LYS A 223 6.76 18.35 -6.04
N LEU A 224 5.82 17.56 -6.57
CA LEU A 224 5.05 17.97 -7.72
C LEU A 224 4.20 19.19 -7.40
N ASN A 225 4.23 20.18 -8.29
CA ASN A 225 3.45 21.42 -8.15
C ASN A 225 2.46 21.47 -9.31
N GLN A 226 1.26 20.93 -9.09
CA GLN A 226 0.27 20.87 -10.15
C GLN A 226 -0.10 22.24 -10.69
N THR A 227 0.12 23.31 -9.92
CA THR A 227 -0.34 24.64 -10.29
C THR A 227 0.81 25.64 -10.38
N ALA A 228 2.04 25.18 -10.50
CA ALA A 228 3.15 26.10 -10.66
C ALA A 228 2.91 26.98 -11.88
N ILE A 229 3.12 28.28 -11.72
CA ILE A 229 2.79 29.25 -12.76
C ILE A 229 3.77 29.07 -13.91
N ILE A 230 3.26 28.60 -15.05
CA ILE A 230 4.04 28.46 -16.28
C ILE A 230 3.51 29.49 -17.28
N PRO A 231 4.32 30.47 -17.69
CA PRO A 231 3.84 31.42 -18.68
C PRO A 231 3.51 30.72 -19.97
N PRO A 232 2.60 31.28 -20.77
CA PRO A 232 2.29 30.66 -22.06
C PRO A 232 3.54 30.55 -22.92
N PRO A 233 3.60 29.55 -23.80
CA PRO A 233 4.83 29.37 -24.60
C PRO A 233 5.25 30.61 -25.36
N ARG A 234 4.28 31.37 -25.90
CA ARG A 234 4.64 32.60 -26.61
C ARG A 234 5.34 33.59 -25.70
N PHE A 235 4.98 33.61 -24.41
CA PHE A 235 5.66 34.45 -23.43
C PHE A 235 6.88 33.76 -22.84
N LEU A 236 6.86 32.42 -22.74
CA LEU A 236 7.98 31.71 -22.15
C LEU A 236 9.24 31.84 -23.00
N ILE A 237 9.11 31.73 -24.32
CA ILE A 237 10.27 31.73 -25.20
C ILE A 237 10.92 33.10 -25.34
N ILE A 238 10.20 34.17 -25.03
CA ILE A 238 10.73 35.53 -25.15
C ILE A 238 11.10 36.09 -23.78
N GLY A 239 11.02 35.29 -22.72
CA GLY A 239 11.36 35.74 -21.40
C GLY A 239 10.30 36.56 -20.70
N HIS A 240 9.15 36.77 -21.34
CA HIS A 240 8.09 37.55 -20.72
C HIS A 240 7.50 36.79 -19.54
N ARG A 241 7.38 37.47 -18.41
CA ARG A 241 6.83 36.89 -17.20
C ARG A 241 5.36 37.25 -17.07
N LEU A 242 4.52 36.25 -16.85
CA LEU A 242 3.09 36.49 -16.71
C LEU A 242 2.82 37.41 -15.53
N GLN A 243 1.96 38.39 -15.76
CA GLN A 243 1.63 39.39 -14.73
C GLN A 243 0.27 39.99 -15.07
N ILE A 244 -0.09 41.06 -14.37
CA ILE A 244 -1.38 41.71 -14.56
C ILE A 244 -1.25 42.78 -15.63
N GLY A 245 -2.20 42.80 -16.56
CA GLY A 245 -2.23 43.80 -17.60
C GLY A 245 -1.77 43.33 -18.96
N ASP A 246 -1.55 42.04 -19.16
CA ASP A 246 -1.11 41.49 -20.44
C ASP A 246 -2.24 40.67 -21.05
N GLN A 247 -2.50 40.90 -22.33
CA GLN A 247 -3.61 40.24 -23.00
C GLN A 247 -3.35 38.74 -23.14
N VAL A 248 -4.33 37.93 -22.77
CA VAL A 248 -4.25 36.48 -22.89
C VAL A 248 -5.66 35.95 -23.11
N THR A 249 -5.75 34.64 -23.37
CA THR A 249 -7.03 33.97 -23.53
C THR A 249 -7.40 33.24 -22.23
N LEU A 250 -8.71 33.07 -22.02
CA LEU A 250 -9.19 32.40 -20.82
C LEU A 250 -8.54 31.03 -20.68
N ARG A 251 -8.57 30.22 -21.75
CA ARG A 251 -7.92 28.92 -21.70
C ARG A 251 -6.42 29.07 -21.46
N GLU A 252 -5.80 30.06 -22.11
CA GLU A 252 -4.37 30.27 -21.92
C GLU A 252 -4.03 30.52 -20.45
N LEU A 253 -4.72 31.47 -19.82
CA LEU A 253 -4.44 31.78 -18.42
C LEU A 253 -4.76 30.59 -17.52
N LEU A 254 -5.87 29.92 -17.76
CA LEU A 254 -6.24 28.78 -16.91
C LEU A 254 -5.17 27.69 -16.99
N ALA A 255 -4.70 27.39 -18.20
CA ALA A 255 -3.61 26.42 -18.34
C ALA A 255 -2.35 26.92 -17.65
N SER A 256 -2.05 28.21 -17.75
CA SER A 256 -0.84 28.74 -17.16
C SER A 256 -0.87 28.61 -15.64
N ILE A 257 -2.04 28.76 -15.03
CA ILE A 257 -2.16 28.78 -13.57
C ILE A 257 -2.84 27.56 -12.99
N ALA A 258 -3.45 26.71 -13.82
CA ALA A 258 -4.18 25.56 -13.30
C ALA A 258 -4.41 24.57 -14.44
N TRP A 259 -5.18 23.53 -14.17
CA TRP A 259 -5.49 22.51 -15.16
C TRP A 259 -6.98 22.18 -15.07
N GLY A 260 -7.39 21.12 -15.76
CA GLY A 260 -8.81 20.90 -16.00
C GLY A 260 -9.61 20.70 -14.72
N LEU A 261 -9.08 19.94 -13.78
CA LEU A 261 -9.83 19.54 -12.59
C LEU A 261 -9.73 20.56 -11.46
N CYS A 262 -8.99 21.65 -11.64
CA CYS A 262 -8.91 22.68 -10.62
C CYS A 262 -10.25 23.38 -10.44
N ASP A 263 -10.39 24.06 -9.30
CA ASP A 263 -11.63 24.77 -9.02
C ASP A 263 -11.86 25.88 -10.03
N GLY A 264 -13.12 26.09 -10.38
CA GLY A 264 -13.48 27.09 -11.38
C GLY A 264 -13.37 28.52 -10.89
N VAL A 265 -13.23 28.73 -9.59
CA VAL A 265 -13.12 30.09 -9.06
C VAL A 265 -11.92 30.80 -9.68
N LEU A 266 -10.88 30.05 -10.04
CA LEU A 266 -9.69 30.67 -10.62
C LEU A 266 -10.03 31.42 -11.91
N ALA A 267 -11.16 31.10 -12.55
CA ALA A 267 -11.56 31.82 -13.75
C ALA A 267 -11.72 33.31 -13.48
N GLU A 268 -11.94 33.69 -12.23
CA GLU A 268 -12.06 35.10 -11.89
C GLU A 268 -10.77 35.87 -12.17
N CYS A 269 -9.64 35.19 -12.34
CA CYS A 269 -8.39 35.86 -12.62
C CYS A 269 -8.33 36.45 -14.02
N TRP A 270 -9.27 36.10 -14.89
CA TRP A 270 -9.32 36.60 -16.26
C TRP A 270 -10.54 37.49 -16.44
N SER A 271 -10.37 38.55 -17.22
CA SER A 271 -11.49 39.46 -17.50
C SER A 271 -11.56 39.73 -19.00
N PRO A 272 -12.69 39.47 -19.65
CA PRO A 272 -12.77 39.72 -21.09
C PRO A 272 -12.64 41.20 -21.40
N SER A 273 -12.04 41.48 -22.57
CA SER A 273 -11.87 42.85 -23.02
C SER A 273 -13.11 43.31 -23.76
N GLN A 274 -13.07 44.54 -24.28
CA GLN A 274 -14.20 45.07 -25.03
C GLN A 274 -14.47 44.21 -26.25
N GLY A 275 -15.72 43.79 -26.40
CA GLY A 275 -16.11 42.94 -27.52
C GLY A 275 -15.71 41.49 -27.38
N ASP A 276 -15.13 41.10 -26.25
CA ASP A 276 -14.71 39.72 -26.04
C ASP A 276 -13.71 39.30 -27.12
N GLY A 277 -14.19 38.62 -28.16
CA GLY A 277 -13.31 38.17 -29.21
C GLY A 277 -12.33 37.08 -28.81
N SER A 278 -12.61 36.37 -27.71
CA SER A 278 -11.76 35.31 -27.17
C SER A 278 -10.47 35.85 -26.56
N ILE A 279 -10.29 37.16 -26.50
CA ILE A 279 -9.08 37.78 -25.94
C ILE A 279 -9.52 38.73 -24.84
N GLY A 280 -8.91 38.57 -23.66
CA GLY A 280 -9.19 39.41 -22.51
C GLY A 280 -7.91 39.95 -21.91
N VAL A 281 -7.87 39.98 -20.58
CA VAL A 281 -6.72 40.50 -19.86
C VAL A 281 -6.64 39.82 -18.50
N VAL A 282 -5.43 39.72 -17.97
CA VAL A 282 -5.20 39.14 -16.65
C VAL A 282 -5.37 40.25 -15.60
N VAL A 283 -6.19 39.96 -14.58
CA VAL A 283 -6.41 40.91 -13.49
C VAL A 283 -5.77 40.47 -12.19
N GLY A 284 -5.31 39.23 -12.09
CA GLY A 284 -4.68 38.76 -10.87
C GLY A 284 -4.14 37.36 -11.08
N LEU A 285 -3.42 36.89 -10.07
CA LEU A 285 -2.83 35.55 -10.10
C LEU A 285 -2.98 34.96 -8.70
N PRO A 286 -3.32 33.67 -8.59
CA PRO A 286 -3.55 33.08 -7.27
C PRO A 286 -2.26 32.95 -6.47
N LEU A 287 -2.42 32.97 -5.16
CA LEU A 287 -1.31 32.83 -4.22
C LEU A 287 -1.29 31.43 -3.62
N GLN A 288 -0.11 31.02 -3.18
CA GLN A 288 0.08 29.71 -2.57
C GLN A 288 0.84 29.82 -1.26
N GLY A 291 2.68 29.92 1.69
CA GLY A 291 2.65 28.49 1.94
C GLY A 291 2.98 28.14 3.38
N SER A 292 2.16 27.27 3.96
CA SER A 292 2.34 26.83 5.34
C SER A 292 1.46 25.60 5.55
N CYS A 293 1.51 25.05 6.76
CA CYS A 293 0.71 23.89 7.14
C CYS A 293 0.14 24.10 8.53
N PHE A 294 -0.94 23.38 8.81
CA PHE A 294 -1.63 23.48 10.09
C PHE A 294 -1.79 22.11 10.76
N LEU A 295 -0.98 21.15 10.37
CA LEU A 295 -1.07 19.80 10.93
C LEU A 295 -0.59 19.78 12.38
N VAL A 296 -1.27 18.97 13.20
CA VAL A 296 -0.85 18.75 14.58
C VAL A 296 -0.75 17.25 14.82
N VAL A 297 0.47 16.74 14.80
CA VAL A 297 0.68 15.31 15.02
C VAL A 297 0.30 14.94 16.46
N ALA A 298 -0.35 13.80 16.60
CA ALA A 298 -0.66 13.28 17.93
C ALA A 298 0.61 13.19 18.76
N SER A 299 0.61 13.86 19.91
CA SER A 299 1.80 13.90 20.74
C SER A 299 1.38 13.99 22.20
N HIS A 300 2.14 13.34 23.06
CA HIS A 300 1.92 13.40 24.50
C HIS A 300 0.49 13.00 24.86
N GLY A 301 0.02 11.91 24.27
CA GLY A 301 -1.31 11.41 24.53
C GLY A 301 -2.42 12.16 23.83
N LEU A 302 -2.11 13.11 22.96
CA LEU A 302 -3.12 13.87 22.26
C LEU A 302 -3.55 13.15 20.98
N SER A 303 -4.63 13.64 20.38
CA SER A 303 -5.18 13.08 19.14
C SER A 303 -4.76 13.94 17.97
N ALA A 304 -4.35 13.29 16.88
CA ALA A 304 -3.85 14.01 15.72
C ALA A 304 -4.96 14.82 15.07
N ILE A 305 -4.57 15.96 14.49
CA ILE A 305 -5.49 16.87 13.81
C ILE A 305 -4.99 17.06 12.39
N ALA A 306 -5.89 16.88 11.43
CA ALA A 306 -5.53 17.09 10.03
C ALA A 306 -5.40 18.57 9.71
N ASP A 307 -6.17 19.43 10.38
CA ASP A 307 -6.10 20.86 10.16
C ASP A 307 -6.75 21.55 11.36
N SER A 308 -5.99 22.43 12.02
CA SER A 308 -6.54 23.12 13.18
C SER A 308 -7.72 23.99 12.81
N ARG A 309 -7.63 24.69 11.68
CA ARG A 309 -8.73 25.57 11.26
C ARG A 309 -10.03 24.80 11.11
N ILE A 310 -9.93 23.53 10.69
CA ILE A 310 -11.14 22.73 10.47
C ILE A 310 -11.90 22.54 11.76
N GLU A 311 -11.19 22.37 12.88
CA GLU A 311 -11.83 22.14 14.16
C GLU A 311 -12.66 23.35 14.57
N GLY A 312 -13.98 23.22 14.50
CA GLY A 312 -14.88 24.31 14.84
C GLY A 312 -16.18 24.25 14.07
N ASN A 317 -16.89 23.64 6.99
CA ASN A 317 -17.06 24.65 5.96
C ASN A 317 -16.12 24.42 4.79
N LEU A 318 -16.61 23.70 3.79
CA LEU A 318 -15.83 23.40 2.58
C LEU A 318 -16.22 24.25 1.39
N LEU A 319 -17.53 24.53 1.22
CA LEU A 319 -17.96 25.38 0.11
C LEU A 319 -17.61 26.83 0.35
N GLU A 320 -17.49 27.24 1.61
CA GLU A 320 -17.17 28.62 1.95
C GLU A 320 -15.69 28.95 1.80
N GLU A 321 -14.85 27.95 1.60
CA GLU A 321 -13.41 28.20 1.46
C GLU A 321 -13.15 29.18 0.32
N CYS A 322 -12.23 30.10 0.55
CA CYS A 322 -11.89 31.14 -0.41
C CYS A 322 -10.45 31.01 -0.85
N ILE A 323 -10.18 31.45 -2.08
CA ILE A 323 -8.84 31.50 -2.63
C ILE A 323 -8.35 32.94 -2.61
N ALA A 324 -7.04 33.10 -2.54
CA ALA A 324 -6.39 34.40 -2.48
C ALA A 324 -5.89 34.78 -3.88
N ILE A 325 -6.35 35.92 -4.38
CA ILE A 325 -5.96 36.42 -5.69
C ILE A 325 -5.23 37.75 -5.49
N GLN A 326 -4.05 37.85 -6.09
CA GLN A 326 -3.23 39.07 -6.01
C GLN A 326 -3.68 40.01 -7.12
N LYS A 327 -4.44 41.04 -6.76
CA LYS A 327 -4.92 42.01 -7.72
C LYS A 327 -3.99 43.22 -7.76
N GLN A 328 -4.29 44.16 -8.66
CA GLN A 328 -3.47 45.37 -8.77
C GLN A 328 -3.50 46.16 -7.46
N ASP A 329 -4.67 46.28 -6.84
CA ASP A 329 -4.78 47.01 -5.58
C ASP A 329 -4.16 46.20 -4.45
N GLY A 330 -4.61 44.96 -4.27
CA GLY A 330 -4.09 44.13 -3.20
C GLY A 330 -4.74 42.76 -3.24
N VAL A 331 -4.30 41.92 -2.29
CA VAL A 331 -4.83 40.57 -2.22
C VAL A 331 -6.30 40.62 -1.86
N ILE A 332 -7.09 39.75 -2.49
CA ILE A 332 -8.51 39.62 -2.20
C ILE A 332 -8.84 38.14 -2.02
N LYS A 333 -9.91 37.88 -1.26
CA LYS A 333 -10.40 36.53 -1.02
C LYS A 333 -11.67 36.33 -1.82
N CYS A 334 -11.69 35.28 -2.65
CA CYS A 334 -12.84 34.97 -3.49
C CYS A 334 -13.38 33.60 -3.12
N LYS A 335 -14.70 33.53 -2.91
CA LYS A 335 -15.32 32.25 -2.54
C LYS A 335 -15.19 31.25 -3.67
N ARG A 336 -14.93 30.00 -3.30
CA ARG A 336 -14.73 28.96 -4.29
C ARG A 336 -16.04 28.63 -5.00
N SER A 337 -15.91 28.17 -6.26
CA SER A 337 -17.08 27.80 -7.05
C SER A 337 -17.56 26.39 -6.76
N GLY A 338 -16.65 25.47 -6.41
CA GLY A 338 -17.01 24.10 -6.17
C GLY A 338 -17.18 23.26 -7.42
N LYS A 339 -16.94 23.83 -8.60
CA LYS A 339 -17.06 23.12 -9.86
C LYS A 339 -15.71 23.15 -10.59
N SER A 340 -15.33 22.01 -11.15
CA SER A 340 -14.06 21.92 -11.86
C SER A 340 -14.07 22.83 -13.09
N LEU A 341 -12.89 23.33 -13.44
CA LEU A 341 -12.78 24.18 -14.62
C LEU A 341 -13.31 23.46 -15.86
N TYR A 342 -13.09 22.14 -15.94
CA TYR A 342 -13.60 21.37 -17.07
C TYR A 342 -15.12 21.46 -17.15
N HIS A 343 -15.81 21.14 -16.04
CA HIS A 343 -17.26 21.19 -16.03
C HIS A 343 -17.77 22.60 -16.24
N CYS A 344 -17.11 23.59 -15.63
CA CYS A 344 -17.55 24.97 -15.78
C CYS A 344 -17.45 25.42 -17.24
N LEU A 345 -16.33 25.11 -17.90
CA LEU A 345 -16.20 25.47 -19.30
C LEU A 345 -17.20 24.73 -20.17
N LYS A 346 -17.44 23.45 -19.86
CA LYS A 346 -18.43 22.69 -20.62
C LYS A 346 -19.81 23.33 -20.50
N GLU A 347 -20.20 23.74 -19.29
CA GLU A 347 -21.51 24.33 -19.09
C GLU A 347 -21.60 25.70 -19.76
N THR A 348 -20.58 26.53 -19.59
CA THR A 348 -20.60 27.88 -20.14
C THR A 348 -20.33 27.93 -21.64
N ALA A 349 -19.94 26.80 -22.24
CA ALA A 349 -19.72 26.78 -23.69
C ALA A 349 -20.98 27.09 -24.46
N GLY A 350 -22.14 26.68 -23.97
CA GLY A 350 -23.40 26.94 -24.63
C GLY A 350 -24.58 26.34 -23.90
P Y5P B 1 2.55 3.19 -32.82
C5' Y5P B 1 1.60 0.75 -32.98
O5' Y5P B 1 1.69 2.05 -33.53
C4' Y5P B 1 1.58 -0.31 -34.04
O4' Y5P B 1 1.51 -1.62 -33.42
C3' Y5P B 1 0.38 -0.29 -34.99
O3' Y5P B 1 0.54 0.66 -36.03
C2' Y5P B 1 0.31 -1.73 -35.48
O2' Y5P B 1 1.24 -1.97 -36.52
C1' Y5P B 1 0.75 -2.50 -34.22
N1 Y5P B 1 -0.39 -3.02 -33.43
C2 Y5P B 1 -1.15 -4.02 -33.99
N3 Y5P B 1 -2.17 -4.51 -33.21
C4 Y5P B 1 -2.53 -4.05 -31.96
C6 Y5P B 1 -0.68 -2.54 -32.17
OP1 Y5P B 1 3.98 2.89 -33.03
OP2 Y5P B 1 2.00 4.50 -33.25
C5 Y5P B 1 -1.69 -3.01 -31.43
P Y5P B 2 -0.73 1.53 -36.52
C5' Y5P B 2 -0.85 0.23 -38.80
O5' Y5P B 2 -1.46 0.58 -37.57
C4' Y5P B 2 -1.57 -0.92 -39.47
O4' Y5P B 2 -1.57 -2.06 -38.58
C3' Y5P B 2 -3.04 -0.69 -39.78
O3' Y5P B 2 -3.26 0.04 -40.97
C2' Y5P B 2 -3.58 -2.12 -39.84
O2' Y5P B 2 -3.24 -2.74 -41.08
C1' Y5P B 2 -2.77 -2.79 -38.74
N1 Y5P B 2 -3.50 -2.79 -37.44
C2 Y5P B 2 -4.51 -3.71 -37.30
N3 Y5P B 2 -5.15 -3.67 -36.08
C4 Y5P B 2 -4.89 -2.82 -35.03
C6 Y5P B 2 -3.19 -1.91 -36.44
OP1 Y5P B 2 -0.20 2.70 -37.27
OP2 Y5P B 2 -1.64 1.75 -35.38
C5 Y5P B 2 -3.83 -1.89 -35.27
P Y5P B 3 -4.71 0.65 -41.28
C5' Y5P B 3 -5.70 -1.44 -42.51
O5' Y5P B 3 -5.66 -0.63 -41.35
C4' Y5P B 3 -6.80 -2.47 -42.45
O4' Y5P B 3 -6.60 -3.35 -41.30
C3' Y5P B 3 -8.21 -1.96 -42.26
O3' Y5P B 3 -8.78 -1.44 -43.45
C2' Y5P B 3 -8.93 -3.18 -41.72
O2' Y5P B 3 -9.26 -4.09 -42.76
C1' Y5P B 3 -7.86 -3.79 -40.82
N1 Y5P B 3 -8.01 -3.39 -39.40
C2 Y5P B 3 -9.04 -3.97 -38.64
N3 Y5P B 3 -9.18 -3.62 -37.35
C4 Y5P B 3 -8.36 -2.73 -36.81
C6 Y5P B 3 -7.18 -2.47 -38.83
OP1 Y5P B 3 -4.67 1.26 -42.64
OP2 Y5P B 3 -5.13 1.48 -40.12
C5 Y5P B 3 -7.31 -2.10 -37.55
P Y5P B 4 -9.99 -0.39 -43.37
C5' Y5P B 4 -11.76 -2.32 -43.60
O5' Y5P B 4 -11.22 -1.26 -42.82
C4' Y5P B 4 -12.87 -3.03 -42.88
O4' Y5P B 4 -12.35 -3.71 -41.70
C3' Y5P B 4 -13.99 -2.17 -42.33
O3' Y5P B 4 -14.92 -1.76 -43.32
C2' Y5P B 4 -14.59 -3.07 -41.26
O2' Y5P B 4 -15.42 -4.07 -41.84
C1' Y5P B 4 -13.34 -3.73 -40.70
N1 Y5P B 4 -12.83 -3.01 -39.51
C2 Y5P B 4 -13.52 -3.17 -38.31
N3 Y5P B 4 -13.00 -2.47 -37.25
C4 Y5P B 4 -11.88 -1.66 -37.25
C6 Y5P B 4 -11.71 -2.21 -39.57
OP1 Y5P B 4 -10.33 0.03 -44.75
OP2 Y5P B 4 -9.66 0.62 -42.34
C5 Y5P B 4 -11.23 -1.54 -38.51
P Y5P B 5 -15.68 -0.36 -43.16
C5' Y5P B 5 -17.85 -1.45 -42.16
O5' Y5P B 5 -16.71 -0.61 -41.97
C4' Y5P B 5 -18.48 -1.82 -40.84
O4' Y5P B 5 -17.47 -2.31 -39.93
C3' Y5P B 5 -19.15 -0.69 -40.07
O3' Y5P B 5 -20.45 -0.38 -40.56
C2' Y5P B 5 -19.14 -1.22 -38.64
O2' Y5P B 5 -20.20 -2.15 -38.44
C1' Y5P B 5 -17.81 -1.98 -38.60
N1 Y5P B 5 -16.72 -1.17 -38.00
C2 Y5P B 5 -16.77 -0.89 -36.63
N3 Y5P B 5 -15.77 -0.16 -36.07
C4 Y5P B 5 -14.76 0.27 -36.83
C6 Y5P B 5 -15.67 -0.73 -38.76
OP1 Y5P B 5 -16.47 -0.13 -44.40
OP2 Y5P B 5 -14.70 0.66 -42.72
C5 Y5P B 5 -14.68 -0.01 -38.22
N1 P5P B 6 -17.20 3.31 -33.07
C2 P5P B 6 -18.44 3.18 -32.59
N3 P5P B 6 -19.54 2.73 -33.20
C4 P5P B 6 -19.26 2.36 -34.47
C5 P5P B 6 -18.02 2.44 -35.09
C6 P5P B 6 -16.95 2.94 -34.34
N7 P5P B 6 -18.11 1.97 -36.40
C8 P5P B 6 -19.37 1.65 -36.53
N9 P5P B 6 -20.12 1.85 -35.40
C1' P5P B 6 -21.56 1.56 -35.25
C2' P5P B 6 -22.42 2.81 -35.37
O2' P5P B 6 -23.60 2.63 -34.56
C3' P5P B 6 -22.78 2.80 -36.85
O3' P5P B 6 -23.93 3.54 -37.17
C4' P5P B 6 -22.92 1.31 -37.15
O4' P5P B 6 -21.94 0.67 -36.29
C5' P5P B 6 -22.67 0.90 -38.58
O5' P5P B 6 -21.43 1.40 -39.06
P P5P B 6 -20.97 1.14 -40.56
OP1 P5P B 6 -22.17 1.20 -41.42
OP2 P5P B 6 -19.82 2.03 -40.85
P Y5P B 7 -23.85 5.15 -37.29
C5' Y5P B 7 -24.41 5.61 -34.77
O5' Y5P B 7 -23.45 5.62 -35.82
C4' Y5P B 7 -23.84 6.20 -33.51
O4' Y5P B 7 -22.67 5.45 -33.09
C3' Y5P B 7 -23.34 7.64 -33.61
O3' Y5P B 7 -24.39 8.58 -33.53
C2' Y5P B 7 -22.34 7.72 -32.47
O2' Y5P B 7 -23.00 7.91 -31.22
C1' Y5P B 7 -21.73 6.32 -32.49
N1 Y5P B 7 -20.48 6.28 -33.28
C2 Y5P B 7 -19.28 6.71 -32.72
N3 Y5P B 7 -18.14 6.67 -33.45
C4 Y5P B 7 -18.17 6.20 -34.69
C6 Y5P B 7 -20.49 5.80 -34.57
OP1 Y5P B 7 -25.21 5.65 -37.59
OP2 Y5P B 7 -22.73 5.49 -38.21
C5 Y5P B 7 -19.37 5.74 -35.30
N1 P5P B 8 -15.82 11.39 -33.77
C2 P5P B 8 -16.12 11.84 -32.51
N3 P5P B 8 -17.33 11.79 -31.97
C4 P5P B 8 -18.24 11.25 -32.82
C5 P5P B 8 -18.04 10.77 -34.09
C6 P5P B 8 -16.75 10.83 -34.66
N7 P5P B 8 -19.23 10.30 -34.63
C8 P5P B 8 -20.11 10.49 -33.69
N9 P5P B 8 -19.57 11.06 -32.56
C1' P5P B 8 -20.29 11.40 -31.32
C2' P5P B 8 -20.61 12.90 -31.23
O2' P5P B 8 -20.60 13.30 -29.87
C3' P5P B 8 -22.02 12.93 -31.81
O3' P5P B 8 -22.76 14.08 -31.44
C4' P5P B 8 -22.63 11.64 -31.27
O4' P5P B 8 -21.52 10.70 -31.29
C5' P5P B 8 -23.78 11.08 -32.07
O5' P5P B 8 -23.45 10.92 -33.43
P P5P B 8 -24.30 9.95 -34.37
OP1 P5P B 8 -25.68 10.51 -34.47
OP2 P5P B 8 -23.52 9.71 -35.61
P Y5P B 9 -22.82 15.36 -32.42
C5' Y5P B 9 -21.04 16.46 -30.85
O5' Y5P B 9 -21.42 16.08 -32.16
C4' Y5P B 9 -19.59 16.87 -30.79
O4' Y5P B 9 -18.73 15.73 -31.09
C3' Y5P B 9 -19.16 17.92 -31.79
O3' Y5P B 9 -19.52 19.24 -31.41
C2' Y5P B 9 -17.65 17.69 -31.88
O2' Y5P B 9 -16.98 18.24 -30.76
C1' Y5P B 9 -17.59 16.17 -31.80
N1 Y5P B 9 -17.60 15.56 -33.15
C2 Y5P B 9 -16.41 15.53 -33.85
N3 Y5P B 9 -16.50 14.97 -35.10
C4 Y5P B 9 -17.63 14.43 -35.69
C6 Y5P B 9 -18.76 15.06 -33.69
OP1 Y5P B 9 -23.90 16.25 -31.95
OP2 Y5P B 9 -22.82 14.87 -33.83
C5 Y5P B 9 -18.82 14.52 -34.90
P Y5P B 10 -20.27 20.21 -32.46
C5' Y5P B 10 -18.21 21.81 -32.68
O5' Y5P B 10 -19.08 20.86 -33.29
C4' Y5P B 10 -16.78 21.61 -33.14
O4' Y5P B 10 -16.55 20.22 -33.48
C3' Y5P B 10 -16.38 22.38 -34.39
O3' Y5P B 10 -16.07 23.74 -34.15
C2' Y5P B 10 -15.19 21.56 -34.90
O2' Y5P B 10 -14.01 21.87 -34.16
C1' Y5P B 10 -15.63 20.14 -34.55
N1 Y5P B 10 -16.30 19.48 -35.71
C2 Y5P B 10 -15.51 19.19 -36.82
N3 Y5P B 10 -16.09 18.59 -37.89
C4 Y5P B 10 -17.38 18.27 -37.88
C6 Y5P B 10 -17.63 19.15 -35.68
OP1 Y5P B 10 -20.93 21.28 -31.68
OP2 Y5P B 10 -21.08 19.37 -33.39
C5 Y5P B 10 -18.20 18.55 -36.74
N1 P5P B 11 -14.27 17.75 -39.98
C2 P5P B 11 -12.94 18.09 -39.88
N3 P5P B 11 -12.06 17.94 -40.85
C4 P5P B 11 -12.62 17.44 -41.97
C5 P5P B 11 -13.93 17.07 -42.17
C6 P5P B 11 -14.87 17.22 -41.12
N7 P5P B 11 -14.11 16.59 -43.46
C8 P5P B 11 -12.92 16.65 -44.00
N9 P5P B 11 -11.97 17.16 -43.15
C1' P5P B 11 -10.54 17.37 -43.45
C2' P5P B 11 -9.66 16.27 -42.87
O2' P5P B 11 -8.38 16.82 -42.58
C3' P5P B 11 -9.59 15.30 -44.04
O3' P5P B 11 -8.49 14.42 -43.98
C4' P5P B 11 -9.55 16.23 -45.24
O4' P5P B 11 -10.38 17.35 -44.86
C5' P5P B 11 -10.05 15.65 -46.54
O5' P5P B 11 -10.33 16.67 -47.49
P P5P B 11 -11.50 16.50 -48.56
OP1 P5P B 11 -10.95 16.86 -49.90
OP2 P5P B 11 -12.13 15.17 -48.37
N1 P5P B 12 -14.18 15.23 -36.76
C2 P5P B 12 -13.04 15.67 -36.18
N3 P5P B 12 -11.82 15.74 -36.69
C4 P5P B 12 -11.80 15.28 -37.96
C5 P5P B 12 -12.88 14.80 -38.68
C6 P5P B 12 -14.12 14.77 -38.03
N7 P5P B 12 -12.51 14.41 -39.95
C8 P5P B 12 -11.22 14.67 -39.98
N9 P5P B 12 -10.73 15.19 -38.82
C1' P5P B 12 -9.33 15.59 -38.54
C2' P5P B 12 -8.60 14.59 -37.65
O2' P5P B 12 -7.66 15.28 -36.84
C3' P5P B 12 -7.89 13.72 -38.69
O3' P5P B 12 -6.77 13.03 -38.17
C4' P5P B 12 -7.52 14.72 -39.76
O4' P5P B 12 -8.63 15.66 -39.77
C5' P5P B 12 -7.31 14.16 -41.14
O5' P5P B 12 -8.48 13.51 -41.63
P P5P B 12 -8.58 13.04 -43.15
OP1 P5P B 12 -7.39 12.22 -43.46
OP2 P5P B 12 -9.94 12.47 -43.35
P Y5P B 13 -6.93 11.54 -37.58
C5' Y5P B 13 -6.84 12.39 -35.11
O5' Y5P B 13 -7.57 11.75 -36.15
C4' Y5P B 13 -7.71 12.70 -33.93
O4' Y5P B 13 -8.84 13.51 -34.36
C3' Y5P B 13 -8.35 11.51 -33.24
O3' Y5P B 13 -7.47 10.86 -32.34
C2' Y5P B 13 -9.57 12.13 -32.57
O2' Y5P B 13 -9.22 12.79 -31.36
C1' Y5P B 13 -9.98 13.18 -33.61
N1 Y5P B 13 -11.02 12.67 -34.53
C2 Y5P B 13 -12.35 12.59 -34.10
N3 Y5P B 13 -13.30 12.15 -34.95
C4 Y5P B 13 -12.96 11.78 -36.19
C6 Y5P B 13 -10.70 12.29 -35.80
OP1 Y5P B 13 -5.56 10.98 -37.40
OP2 Y5P B 13 -7.91 10.81 -38.44
C5 Y5P B 13 -11.63 11.85 -36.66
N1 P5P B 14 -16.00 8.38 -32.54
C2 P5P B 14 -16.02 8.80 -31.23
N3 P5P B 14 -14.93 9.19 -30.55
C4 P5P B 14 -13.82 9.13 -31.32
C5 P5P B 14 -13.70 8.73 -32.63
C6 P5P B 14 -14.86 8.32 -33.33
N7 P5P B 14 -12.38 8.80 -33.05
C8 P5P B 14 -11.74 9.24 -32.01
N9 P5P B 14 -12.55 9.46 -30.92
C1' P5P B 14 -12.13 9.95 -29.60
C2' P5P B 14 -12.01 8.81 -28.58
O2' P5P B 14 -12.27 9.33 -27.28
C3' P5P B 14 -10.54 8.43 -28.73
O3' P5P B 14 -10.01 7.73 -27.63
C4' P5P B 14 -9.87 9.78 -28.96
O4' P5P B 14 -10.84 10.53 -29.74
C5' P5P B 14 -8.56 9.74 -29.71
O5' P5P B 14 -8.71 9.13 -30.98
P P5P B 14 -7.57 9.27 -32.10
OP1 P5P B 14 -6.29 8.82 -31.50
OP2 P5P B 14 -8.07 8.64 -33.34
P Y5P B 15 -10.03 6.12 -27.60
C5' Y5P B 15 -12.24 6.24 -26.20
O5' Y5P B 15 -11.56 5.76 -27.34
C4' Y5P B 15 -13.72 5.98 -26.28
O4' Y5P B 15 -14.28 6.69 -27.42
C3' Y5P B 15 -14.12 4.53 -26.51
O3' Y5P B 15 -14.11 3.76 -25.33
C2' Y5P B 15 -15.50 4.67 -27.14
O2' Y5P B 15 -16.49 4.94 -26.15
C1' Y5P B 15 -15.31 5.92 -28.00
N1 Y5P B 15 -14.90 5.57 -29.38
C2 Y5P B 15 -15.88 5.17 -30.27
N3 Y5P B 15 -15.43 4.87 -31.53
C4 Y5P B 15 -14.12 4.92 -31.97
C6 Y5P B 15 -13.58 5.64 -29.76
OP1 Y5P B 15 -9.25 5.67 -26.42
OP2 Y5P B 15 -9.66 5.63 -28.95
C5 Y5P B 15 -13.16 5.34 -31.00
N1 P5P B 16 -15.96 0.33 -33.23
C2 P5P B 16 -17.09 -0.06 -32.56
N3 P5P B 16 -17.31 0.16 -31.28
C4 P5P B 16 -16.28 0.81 -30.70
C5 P5P B 16 -15.10 1.24 -31.27
C6 P5P B 16 -14.89 1.00 -32.65
N7 P5P B 16 -14.29 1.87 -30.33
C8 P5P B 16 -14.99 1.81 -29.23
N9 P5P B 16 -16.20 1.18 -29.38
C1' P5P B 16 -17.23 0.92 -28.35
C2' P5P B 16 -17.41 -0.57 -28.10
O2' P5P B 16 -18.75 -0.81 -27.69
C3' P5P B 16 -16.44 -0.80 -26.96
O3' P5P B 16 -16.67 -2.00 -26.24
C4' P5P B 16 -16.61 0.46 -26.14
O4' P5P B 16 -16.80 1.50 -27.13
C5' P5P B 16 -15.46 0.83 -25.23
O5' P5P B 16 -14.35 1.31 -25.96
P P5P B 16 -13.33 2.35 -25.28
OP1 P5P B 16 -13.16 1.96 -23.86
OP2 P5P B 16 -12.13 2.45 -26.16
N1 P5P B 17 -14.36 -2.83 -34.83
C2 P5P B 17 -15.37 -3.72 -34.84
N3 P5P B 17 -16.19 -4.08 -33.85
C4 P5P B 17 -15.90 -3.39 -32.73
C5 P5P B 17 -14.89 -2.45 -32.57
C6 P5P B 17 -14.10 -2.17 -33.68
N7 P5P B 17 -14.90 -1.97 -31.27
C8 P5P B 17 -15.88 -2.61 -30.69
N9 P5P B 17 -16.54 -3.48 -31.52
C1' P5P B 17 -17.67 -4.37 -31.19
C2' P5P B 17 -17.21 -5.78 -30.86
O2' P5P B 17 -18.24 -6.69 -31.20
C3' P5P B 17 -17.04 -5.69 -29.34
O3' P5P B 17 -17.02 -6.95 -28.69
C4' P5P B 17 -18.22 -4.80 -28.95
O4' P5P B 17 -18.32 -3.86 -30.04
C5' P5P B 17 -18.10 -4.07 -27.64
O5' P5P B 17 -16.92 -4.42 -26.93
P P5P B 17 -15.81 -3.33 -26.58
OP1 P5P B 17 -15.12 -3.75 -25.34
OP2 P5P B 17 -15.03 -3.07 -27.82
N1 P5P B 18 -11.36 -4.87 -35.88
C2 P5P B 18 -12.11 -5.84 -36.50
N3 P5P B 18 -13.07 -6.52 -35.90
C4 P5P B 18 -13.22 -6.16 -34.60
C5 P5P B 18 -12.52 -5.20 -33.90
C6 P5P B 18 -11.49 -4.48 -34.55
N7 P5P B 18 -12.98 -5.13 -32.59
C8 P5P B 18 -13.92 -6.02 -32.52
N9 P5P B 18 -14.13 -6.68 -33.71
C1' P5P B 18 -15.12 -7.74 -33.99
C2' P5P B 18 -14.46 -9.12 -34.11
O2' P5P B 18 -15.17 -9.88 -35.07
C3' P5P B 18 -14.65 -9.68 -32.70
O3' P5P B 18 -14.59 -11.09 -32.64
C4' P5P B 18 -16.02 -9.13 -32.32
O4' P5P B 18 -16.03 -7.81 -32.91
C5' P5P B 18 -16.32 -9.06 -30.84
O5' P5P B 18 -15.40 -8.21 -30.17
P P5P B 18 -15.65 -7.79 -28.64
OP1 P5P B 18 -15.90 -9.02 -27.86
OP2 P5P B 18 -14.56 -6.88 -28.24
N1 P5P B 19 -7.32 -5.48 -35.84
C2 P5P B 19 -7.53 -6.29 -36.87
N3 P5P B 19 -8.40 -7.31 -36.99
C4 P5P B 19 -9.11 -7.45 -35.86
C5 P5P B 19 -9.01 -6.69 -34.70
C6 P5P B 19 -8.06 -5.65 -34.72
N7 P5P B 19 -9.90 -7.12 -33.74
C8 P5P B 19 -10.52 -8.12 -34.32
N9 P5P B 19 -10.09 -8.38 -35.60
C1' P5P B 19 -10.58 -9.44 -36.52
C2' P5P B 19 -9.45 -10.33 -37.03
O2' P5P B 19 -9.80 -10.81 -38.31
C3' P5P B 19 -9.47 -11.45 -35.99
O3' P5P B 19 -8.87 -12.65 -36.45
C4' P5P B 19 -10.96 -11.61 -35.71
O4' P5P B 19 -11.48 -10.25 -35.80
C5' P5P B 19 -11.32 -12.20 -34.37
O5' P5P B 19 -12.68 -11.96 -34.05
P P5P B 19 -13.16 -11.82 -32.54
OP1 P5P B 19 -13.37 -13.19 -31.99
OP2 P5P B 19 -12.22 -10.90 -31.85
N1 P5P B 20 -4.00 -5.99 -34.74
C2 P5P B 20 -3.55 -6.30 -35.95
N3 P5P B 20 -3.89 -7.31 -36.76
C4 P5P B 20 -4.82 -8.08 -36.17
C5 P5P B 20 -5.38 -7.88 -34.92
C6 P5P B 20 -4.95 -6.77 -34.18
N7 P5P B 20 -6.31 -8.89 -34.65
C8 P5P B 20 -6.28 -9.64 -35.73
N9 P5P B 20 -5.39 -9.21 -36.69
C1' P5P B 20 -5.13 -9.82 -38.00
C2' P5P B 20 -3.71 -10.40 -38.11
O2' P5P B 20 -3.29 -10.30 -39.45
C3' P5P B 20 -3.96 -11.85 -37.71
O3' P5P B 20 -2.98 -12.78 -38.13
C4' P5P B 20 -5.33 -12.14 -38.31
O4' P5P B 20 -6.04 -10.88 -38.20
C5' P5P B 20 -6.13 -13.23 -37.65
O5' P5P B 20 -6.37 -12.94 -36.28
P P5P B 20 -7.73 -13.37 -35.58
OP1 P5P B 20 -7.88 -14.84 -35.75
OP2 P5P B 20 -7.73 -12.79 -34.20
N1 P5P B 21 -1.05 -6.58 -31.33
C2 P5P B 21 0.17 -6.51 -31.88
N3 P5P B 21 0.54 -6.92 -33.09
C4 P5P B 21 -0.46 -7.57 -33.70
C5 P5P B 21 -1.74 -7.78 -33.21
C6 P5P B 21 -2.02 -7.28 -31.94
N7 P5P B 21 -2.52 -8.50 -34.12
C8 P5P B 21 -1.70 -8.70 -35.12
N9 P5P B 21 -0.45 -8.16 -34.94
C1' P5P B 21 0.65 -8.25 -35.91
C2' P5P B 21 1.95 -8.72 -35.27
O2' P5P B 21 3.04 -8.22 -36.02
C3' P5P B 21 1.83 -10.23 -35.42
O3' P5P B 21 3.07 -10.91 -35.35
C4' P5P B 21 1.14 -10.39 -36.76
O4' P5P B 21 0.28 -9.22 -36.87
C5' P5P B 21 0.32 -11.64 -36.93
O5' P5P B 21 -0.94 -11.37 -37.52
P P5P B 21 -1.52 -12.31 -38.67
OP1 P5P B 21 -1.74 -11.49 -39.89
OP2 P5P B 21 -0.68 -13.53 -38.76
N1 P5P B 22 -2.38 -9.96 -28.16
C2 P5P B 22 -1.34 -9.38 -27.56
N3 P5P B 22 -0.15 -9.04 -28.07
C4 P5P B 22 -0.09 -9.35 -29.37
C5 P5P B 22 -1.09 -9.95 -30.12
C6 P5P B 22 -2.29 -10.27 -29.47
N7 P5P B 22 -0.68 -10.13 -31.43
C8 P5P B 22 0.54 -9.65 -31.46
N9 P5P B 22 0.96 -9.16 -30.25
C1' P5P B 22 2.27 -8.54 -29.96
C2' P5P B 22 3.15 -9.40 -29.05
O2' P5P B 22 3.96 -8.54 -28.25
C3' P5P B 22 4.00 -10.16 -30.07
O3' P5P B 22 5.24 -10.60 -29.55
C4' P5P B 22 4.16 -9.16 -31.20
O4' P5P B 22 2.94 -8.38 -31.19
C5' P5P B 22 4.35 -9.76 -32.57
O5' P5P B 22 3.33 -10.71 -32.85
P P5P B 22 3.47 -11.75 -34.04
OP1 P5P B 22 4.90 -12.13 -34.16
OP2 P5P B 22 2.44 -12.82 -33.85
N1 P5P B 23 -2.07 -14.49 -28.93
C2 P5P B 23 -2.12 -14.22 -27.62
N3 P5P B 23 -1.21 -13.64 -26.84
C4 P5P B 23 -0.12 -13.30 -27.56
C5 P5P B 23 0.08 -13.51 -28.91
C6 P5P B 23 -0.97 -14.14 -29.63
N7 P5P B 23 1.31 -13.04 -29.31
C8 P5P B 23 1.84 -12.56 -28.21
N9 P5P B 23 1.02 -12.68 -27.11
C1' P5P B 23 1.31 -12.24 -25.74
C2' P5P B 23 1.77 -13.37 -24.81
O2' P5P B 23 1.31 -13.11 -23.50
C3' P5P B 23 3.29 -13.25 -24.91
O3' P5P B 23 3.95 -13.77 -23.76
C4' P5P B 23 3.52 -11.75 -25.08
O4' P5P B 23 2.35 -11.28 -25.80
C5' P5P B 23 4.75 -11.37 -25.85
O5' P5P B 23 4.44 -11.10 -27.21
P P5P B 23 5.32 -11.70 -28.39
OP1 P5P B 23 6.73 -11.76 -27.92
OP2 P5P B 23 4.67 -12.94 -28.89
P Y5P B 24 5.39 -14.47 -23.87
C5' Y5P B 24 4.83 -16.97 -24.42
O5' Y5P B 24 5.18 -15.67 -24.89
C4' Y5P B 24 3.50 -16.94 -23.69
O4' Y5P B 24 2.51 -16.27 -24.49
C3' Y5P B 24 2.90 -18.30 -23.38
O3' Y5P B 24 3.44 -18.90 -22.22
C2' Y5P B 24 1.41 -18.00 -23.27
O2' Y5P B 24 1.09 -17.48 -21.99
C1' Y5P B 24 1.25 -16.88 -24.30
N1 Y5P B 24 0.76 -17.38 -25.60
C2 Y5P B 24 -0.48 -17.96 -25.66
N3 Y5P B 24 -0.87 -18.39 -26.90
C4 Y5P B 24 -0.15 -18.31 -28.07
C6 Y5P B 24 1.53 -17.26 -26.74
OP1 Y5P B 24 5.69 -15.07 -22.55
OP2 Y5P B 24 6.36 -13.52 -24.46
C5 Y5P B 24 1.13 -17.69 -27.94
P Y5P B 25 4.52 -20.08 -22.34
C5' Y5P B 25 3.26 -21.37 -20.44
O5' Y5P B 25 4.47 -20.79 -20.91
C4' Y5P B 25 3.52 -22.23 -19.23
O4' Y5P B 25 4.33 -23.38 -19.63
C3' Y5P B 25 4.27 -21.55 -18.10
O3' Y5P B 25 3.83 -22.04 -16.84
C2' Y5P B 25 5.72 -21.98 -18.35
O2' Y5P B 25 6.54 -21.97 -17.21
C1' Y5P B 25 5.54 -23.39 -18.90
N1 Y5P B 25 6.61 -23.83 -19.80
C2 Y5P B 25 7.53 -24.75 -19.34
N3 Y5P B 25 8.50 -25.10 -20.23
C4 Y5P B 25 8.64 -24.64 -21.52
C6 Y5P B 25 6.70 -23.33 -21.08
OP1 Y5P B 25 5.86 -19.47 -22.50
OP2 Y5P B 25 4.03 -21.05 -23.35
C5 Y5P B 25 7.66 -23.69 -21.93
P Y5P B 26 2.79 -21.17 -15.97
C5' Y5P B 26 3.66 -18.72 -16.17
O5' Y5P B 26 3.65 -19.94 -15.45
C4' Y5P B 26 4.37 -17.62 -15.40
O4' Y5P B 26 4.41 -16.43 -16.22
C3' Y5P B 26 3.69 -17.17 -14.11
O3' Y5P B 26 4.02 -17.99 -13.00
C2' Y5P B 26 4.17 -15.73 -13.97
O2' Y5P B 26 5.48 -15.67 -13.44
C1' Y5P B 26 4.22 -15.28 -15.43
N1 Y5P B 26 2.96 -14.63 -15.85
C2 Y5P B 26 2.84 -13.28 -15.68
N3 Y5P B 26 1.64 -12.74 -16.10
C4 Y5P B 26 0.58 -13.42 -16.65
C6 Y5P B 26 1.94 -15.37 -16.41
OP1 Y5P B 26 2.37 -21.98 -14.79
OP2 Y5P B 26 1.77 -20.64 -16.90
C5 Y5P B 26 0.78 -14.83 -16.80
N1 P5P B 27 -2.65 -16.67 -6.79
C2 P5P B 27 -1.65 -16.20 -6.05
N3 P5P B 27 -0.47 -15.74 -6.43
C4 P5P B 27 -0.34 -15.80 -7.77
C5 P5P B 27 -1.29 -16.27 -8.67
C6 P5P B 27 -2.51 -16.71 -8.13
N7 P5P B 27 -0.81 -16.20 -9.96
C8 P5P B 27 0.38 -15.68 -9.83
N9 P5P B 27 0.73 -15.42 -8.52
C1' P5P B 27 2.00 -14.89 -8.03
C2' P5P B 27 2.64 -15.83 -7.01
O2' P5P B 27 3.53 -15.09 -6.18
C3' P5P B 27 3.39 -16.77 -7.93
O3' P5P B 27 4.39 -17.54 -7.28
C4' P5P B 27 3.93 -15.83 -8.99
O4' P5P B 27 2.89 -14.81 -9.12
C5' P5P B 27 4.21 -16.44 -10.33
O5' P5P B 27 3.01 -16.85 -10.98
P P5P B 27 2.96 -18.22 -11.82
OP1 P5P B 27 3.47 -19.30 -10.95
OP2 P5P B 27 1.60 -18.33 -12.42
P Y5P B 28 4.18 -19.12 -7.06
C5' Y5P B 28 3.33 -18.83 -4.60
O5' Y5P B 28 3.07 -19.22 -5.94
C4' Y5P B 28 2.10 -18.95 -3.73
O4' Y5P B 28 0.99 -18.24 -4.35
C3' Y5P B 28 1.56 -20.36 -3.54
O3' Y5P B 28 2.25 -21.08 -2.51
C2' Y5P B 28 0.10 -20.12 -3.23
O2' Y5P B 28 -0.10 -19.75 -1.87
C1' Y5P B 28 -0.21 -18.93 -4.13
N1 Y5P B 28 -0.78 -19.33 -5.43
C2 Y5P B 28 -2.03 -19.92 -5.44
N3 Y5P B 28 -2.50 -20.27 -6.67
C4 Y5P B 28 -1.86 -20.10 -7.88
C6 Y5P B 28 -0.09 -19.14 -6.60
OP1 Y5P B 28 5.44 -19.68 -6.53
OP2 Y5P B 28 3.60 -19.68 -8.32
C5 Y5P B 28 -0.57 -19.49 -7.80
N GLU C 34 -20.85 -20.97 -42.35
CA GLU C 34 -22.05 -20.90 -41.53
C GLU C 34 -21.75 -20.23 -40.19
N LEU C 35 -20.52 -20.42 -39.70
CA LEU C 35 -20.07 -19.85 -38.45
C LEU C 35 -18.68 -19.27 -38.64
N PRO C 36 -18.29 -18.28 -37.84
CA PRO C 36 -16.90 -17.80 -37.89
C PRO C 36 -15.93 -18.92 -37.52
N ARG C 37 -14.65 -18.61 -37.64
CA ARG C 37 -13.62 -19.61 -37.34
C ARG C 37 -13.66 -20.03 -35.89
N ASN C 38 -13.81 -19.07 -34.97
CA ASN C 38 -13.70 -19.36 -33.55
C ASN C 38 -14.78 -20.34 -33.11
N LEU C 39 -16.04 -20.02 -33.41
CA LEU C 39 -17.13 -20.89 -32.98
C LEU C 39 -17.05 -22.23 -33.67
N GLU C 40 -16.64 -22.24 -34.94
CA GLU C 40 -16.50 -23.51 -35.65
C GLU C 40 -15.48 -24.41 -34.96
N VAL C 41 -14.32 -23.85 -34.58
CA VAL C 41 -13.30 -24.67 -33.96
C VAL C 41 -13.76 -25.15 -32.60
N PHE C 42 -14.42 -24.29 -31.81
CA PHE C 42 -14.90 -24.74 -30.52
C PHE C 42 -15.92 -25.85 -30.66
N ASN C 43 -16.86 -25.71 -31.61
CA ASN C 43 -17.84 -26.75 -31.82
C ASN C 43 -17.18 -28.06 -32.21
N GLU C 44 -16.23 -28.01 -33.15
CA GLU C 44 -15.57 -29.23 -33.59
C GLU C 44 -14.84 -29.89 -32.43
N ALA C 45 -14.10 -29.10 -31.64
CA ALA C 45 -13.32 -29.66 -30.55
C ALA C 45 -14.22 -30.27 -29.48
N CYS C 46 -15.27 -29.56 -29.09
CA CYS C 46 -16.18 -30.09 -28.08
C CYS C 46 -16.82 -31.39 -28.56
N GLY C 47 -17.29 -31.41 -29.81
CA GLY C 47 -17.88 -32.62 -30.33
C GLY C 47 -16.90 -33.78 -30.34
N HIS C 48 -15.69 -33.53 -30.85
CA HIS C 48 -14.68 -34.59 -30.88
C HIS C 48 -14.44 -35.15 -29.50
N VAL C 49 -14.21 -34.28 -28.50
CA VAL C 49 -13.80 -34.76 -27.19
C VAL C 49 -14.94 -35.48 -26.49
N PHE C 50 -16.17 -34.96 -26.60
CA PHE C 50 -17.26 -35.41 -25.75
C PHE C 50 -18.34 -36.20 -26.46
N GLY C 51 -18.14 -36.59 -27.72
CA GLY C 51 -19.14 -37.43 -28.35
C GLY C 51 -20.49 -36.74 -28.41
N SER C 52 -21.54 -37.55 -28.30
CA SER C 52 -22.90 -37.05 -28.30
C SER C 52 -23.37 -36.61 -26.92
N SER C 53 -22.59 -36.87 -25.87
CA SER C 53 -22.98 -36.46 -24.52
C SER C 53 -23.01 -34.94 -24.38
N PHE C 54 -22.46 -34.21 -25.34
CA PHE C 54 -22.39 -32.75 -25.28
C PHE C 54 -23.71 -32.17 -25.76
N ASN C 55 -24.51 -31.66 -24.82
CA ASN C 55 -25.77 -30.99 -25.15
C ASN C 55 -25.49 -29.55 -25.53
N ARG C 56 -26.09 -29.10 -26.64
CA ARG C 56 -25.78 -27.80 -27.19
C ARG C 56 -26.72 -26.69 -26.75
N GLU C 57 -27.65 -26.96 -25.82
CA GLU C 57 -28.60 -25.95 -25.35
C GLU C 57 -28.66 -25.85 -23.83
N ASP C 58 -27.70 -26.42 -23.12
CA ASP C 58 -27.66 -26.36 -21.66
C ASP C 58 -26.45 -25.55 -21.23
N ASN C 59 -26.68 -24.51 -20.43
CA ASN C 59 -25.60 -23.61 -20.06
C ASN C 59 -24.58 -24.30 -19.17
N SER C 60 -25.04 -25.08 -18.19
CA SER C 60 -24.10 -25.78 -17.32
C SER C 60 -23.24 -26.76 -18.12
N VAL C 61 -23.86 -27.47 -19.07
CA VAL C 61 -23.11 -28.42 -19.88
C VAL C 61 -22.02 -27.70 -20.66
N ILE C 62 -22.34 -26.59 -21.31
CA ILE C 62 -21.34 -25.88 -22.10
C ILE C 62 -20.27 -25.29 -21.20
N SER C 63 -20.64 -24.79 -20.02
CA SER C 63 -19.64 -24.27 -19.12
C SER C 63 -18.65 -25.34 -18.70
N ASP C 64 -19.16 -26.53 -18.34
CA ASP C 64 -18.27 -27.62 -17.95
C ASP C 64 -17.40 -28.06 -19.12
N ALA C 65 -17.99 -28.17 -20.31
CA ALA C 65 -17.22 -28.60 -21.48
C ALA C 65 -16.11 -27.61 -21.82
N ALA C 66 -16.43 -26.32 -21.80
CA ALA C 66 -15.42 -25.32 -22.12
C ALA C 66 -14.35 -25.26 -21.04
N ALA C 67 -14.73 -25.46 -19.78
CA ALA C 67 -13.72 -25.53 -18.73
C ALA C 67 -12.79 -26.71 -18.94
N PHE C 68 -13.34 -27.87 -19.30
CA PHE C 68 -12.48 -29.04 -19.55
C PHE C 68 -11.56 -28.80 -20.74
N LEU C 69 -12.10 -28.25 -21.84
CA LEU C 69 -11.25 -27.99 -23.00
C LEU C 69 -10.16 -26.97 -22.67
N PHE C 70 -10.48 -25.97 -21.85
CA PHE C 70 -9.45 -25.04 -21.41
C PHE C 70 -8.40 -25.75 -20.59
N LYS C 71 -8.81 -26.63 -19.68
CA LYS C 71 -7.84 -27.39 -18.90
C LYS C 71 -6.91 -28.15 -19.83
N MET C 72 -7.49 -28.85 -20.80
CA MET C 72 -6.69 -29.63 -21.74
C MET C 72 -5.72 -28.75 -22.52
N HIS C 73 -6.18 -27.57 -22.94
CA HIS C 73 -5.35 -26.70 -23.76
C HIS C 73 -4.37 -25.87 -22.95
N THR C 74 -4.45 -25.89 -21.63
CA THR C 74 -3.46 -25.27 -20.78
C THR C 74 -2.56 -26.31 -20.08
N HIS C 75 -2.64 -27.57 -20.49
CA HIS C 75 -1.80 -28.62 -19.93
C HIS C 75 -1.92 -28.68 -18.42
N SER C 76 -3.16 -28.60 -17.94
CA SER C 76 -3.47 -28.78 -16.53
C SER C 76 -4.15 -30.11 -16.24
N LEU C 77 -4.24 -31.00 -17.23
CA LEU C 77 -4.77 -32.32 -17.00
C LEU C 77 -3.64 -33.30 -16.66
N ASP C 78 -3.97 -34.33 -15.89
CA ASP C 78 -3.00 -35.36 -15.55
C ASP C 78 -2.48 -36.02 -16.82
N GLY C 79 -1.18 -36.29 -16.83
CA GLY C 79 -0.54 -36.86 -18.00
C GLY C 79 -0.18 -35.87 -19.08
N GLN C 80 0.04 -34.62 -18.73
CA GLN C 80 0.49 -33.61 -19.68
C GLN C 80 1.81 -33.01 -19.22
N GLU C 81 2.47 -32.29 -20.13
CA GLU C 81 3.77 -31.71 -19.83
C GLU C 81 3.75 -30.97 -18.51
N ALA C 82 4.94 -30.81 -17.92
CA ALA C 82 5.10 -30.15 -16.64
C ALA C 82 5.63 -28.74 -16.85
N LYS C 83 5.09 -27.79 -16.10
CA LYS C 83 5.50 -26.39 -16.19
C LYS C 83 6.68 -26.18 -15.25
N VAL C 84 7.88 -26.14 -15.81
CA VAL C 84 9.11 -26.08 -15.03
C VAL C 84 10.07 -25.00 -15.50
N LEU C 85 9.69 -24.16 -16.46
CA LEU C 85 10.62 -23.18 -17.01
C LEU C 85 11.29 -22.36 -15.90
N ARG C 86 10.47 -21.70 -15.08
CA ARG C 86 10.97 -20.95 -13.93
C ARG C 86 10.25 -21.38 -12.67
N ALA C 87 9.62 -22.56 -12.69
CA ALA C 87 8.78 -22.99 -11.59
C ALA C 87 9.59 -23.15 -10.31
N SER C 88 9.04 -22.65 -9.21
CA SER C 88 9.67 -22.82 -7.91
C SER C 88 9.63 -24.29 -7.49
N GLU C 89 10.48 -24.63 -6.53
CA GLU C 89 10.61 -26.02 -6.11
C GLU C 89 9.26 -26.64 -5.80
N LYS C 90 8.40 -25.92 -5.07
CA LYS C 90 7.06 -26.42 -4.80
C LYS C 90 6.27 -26.59 -6.09
N LYS C 91 6.33 -25.60 -6.98
CA LYS C 91 5.63 -25.71 -8.26
C LYS C 91 6.22 -26.83 -9.10
N ARG C 92 7.54 -27.00 -9.06
CA ARG C 92 8.16 -28.11 -9.78
C ARG C 92 7.64 -29.44 -9.28
N GLU C 93 7.54 -29.59 -7.95
CA GLU C 93 7.01 -30.82 -7.38
C GLU C 93 5.57 -31.04 -7.80
N ARG C 94 4.76 -29.99 -7.77
CA ARG C 94 3.35 -30.12 -8.16
C ARG C 94 3.24 -30.58 -9.61
N GLU C 95 4.00 -29.94 -10.50
CA GLU C 95 3.91 -30.29 -11.92
C GLU C 95 4.45 -31.69 -12.17
N ASN C 96 5.52 -32.09 -11.49
CA ASN C 96 6.04 -33.43 -11.66
C ASN C 96 5.04 -34.47 -11.18
N ALA C 97 4.37 -34.20 -10.06
CA ALA C 97 3.34 -35.12 -9.58
C ALA C 97 2.19 -35.21 -10.57
N LYS C 98 1.78 -34.06 -11.15
CA LYS C 98 0.73 -34.08 -12.16
C LYS C 98 1.14 -34.93 -13.36
N LYS C 99 2.35 -34.72 -13.87
CA LYS C 99 2.81 -35.47 -15.02
C LYS C 99 2.85 -36.96 -14.72
N SER C 100 3.38 -37.31 -13.54
CA SER C 100 3.42 -38.73 -13.15
C SER C 100 2.03 -39.31 -13.00
N ARG C 101 1.07 -38.50 -12.55
CA ARG C 101 -0.28 -38.99 -12.35
C ARG C 101 -0.87 -39.50 -13.67
N LYS C 102 -1.67 -40.55 -13.59
CA LYS C 102 -2.30 -41.10 -14.78
C LYS C 102 -3.29 -40.11 -15.38
N ALA C 103 -3.29 -40.02 -16.71
CA ALA C 103 -4.20 -39.12 -17.39
C ALA C 103 -5.63 -39.64 -17.29
N PRO C 104 -6.61 -38.76 -17.47
CA PRO C 104 -8.02 -39.22 -17.42
C PRO C 104 -8.26 -40.32 -18.44
N GLU C 105 -9.03 -41.32 -18.01
CA GLU C 105 -9.32 -42.48 -18.84
C GLU C 105 -10.61 -42.26 -19.63
N ALA C 106 -10.66 -42.86 -20.82
CA ALA C 106 -11.83 -42.73 -21.66
C ALA C 106 -13.07 -43.22 -20.92
N GLY C 107 -14.18 -42.53 -21.13
CA GLY C 107 -15.42 -42.82 -20.44
C GLY C 107 -15.54 -42.16 -19.09
N MET C 108 -14.57 -41.35 -18.68
CA MET C 108 -14.65 -40.67 -17.39
C MET C 108 -15.75 -39.62 -17.43
N ARG C 109 -16.50 -39.53 -16.33
CA ARG C 109 -17.56 -38.53 -16.21
C ARG C 109 -16.95 -37.14 -16.05
N VAL C 110 -17.48 -36.18 -16.79
CA VAL C 110 -17.06 -34.79 -16.70
C VAL C 110 -18.24 -33.98 -16.18
N GLY C 111 -18.04 -33.28 -15.08
CA GLY C 111 -19.10 -32.51 -14.47
C GLY C 111 -20.28 -33.37 -14.08
N ARG C 112 -21.42 -33.16 -14.75
CA ARG C 112 -22.65 -33.89 -14.46
C ARG C 112 -23.12 -34.74 -15.62
N SER C 113 -23.27 -34.15 -16.81
CA SER C 113 -23.84 -34.84 -17.96
C SER C 113 -22.88 -34.79 -19.15
N LEU C 114 -21.59 -35.00 -18.89
CA LEU C 114 -20.59 -35.09 -19.93
C LEU C 114 -19.71 -36.30 -19.64
N ILE C 115 -19.45 -37.11 -20.66
CA ILE C 115 -18.63 -38.31 -20.53
C ILE C 115 -17.60 -38.32 -21.66
N LEU C 116 -16.35 -38.60 -21.30
CA LEU C 116 -15.29 -38.64 -22.30
C LEU C 116 -15.46 -39.83 -23.23
N THR C 117 -15.12 -39.63 -24.49
CA THR C 117 -15.05 -40.71 -25.46
C THR C 117 -13.63 -41.27 -25.53
N SER C 118 -13.46 -42.33 -26.31
CA SER C 118 -12.16 -42.96 -26.44
C SER C 118 -11.24 -42.24 -27.41
N ARG C 119 -11.74 -41.23 -28.14
CA ARG C 119 -10.94 -40.52 -29.14
C ARG C 119 -10.46 -39.17 -28.62
N TRP C 120 -10.57 -38.91 -27.32
CA TRP C 120 -10.08 -37.65 -26.78
C TRP C 120 -8.56 -37.59 -26.72
N THR C 121 -7.90 -38.73 -26.53
CA THR C 121 -6.45 -38.75 -26.55
C THR C 121 -5.93 -38.33 -27.92
N GLU C 122 -6.59 -38.77 -28.99
CA GLU C 122 -6.17 -38.39 -30.33
C GLU C 122 -6.22 -36.87 -30.50
N TYR C 123 -7.33 -36.25 -30.10
CA TYR C 123 -7.45 -34.80 -30.24
C TYR C 123 -6.42 -34.10 -29.37
N CYS C 124 -6.24 -34.56 -28.14
CA CYS C 124 -5.29 -33.92 -27.24
C CYS C 124 -3.88 -33.97 -27.81
N ALA C 125 -3.50 -35.11 -28.39
CA ALA C 125 -2.16 -35.23 -28.96
C ALA C 125 -2.02 -34.43 -30.24
N THR C 126 -3.07 -34.35 -31.05
CA THR C 126 -2.97 -33.72 -32.36
C THR C 126 -3.05 -32.20 -32.27
N CYS C 127 -4.17 -31.67 -31.79
CA CYS C 127 -4.49 -30.26 -31.94
C CYS C 127 -3.96 -29.37 -30.81
N VAL C 128 -3.51 -29.94 -29.71
CA VAL C 128 -2.96 -29.18 -28.60
C VAL C 128 -1.54 -28.77 -28.98
N PRO C 129 -1.22 -27.48 -29.04
CA PRO C 129 0.17 -27.08 -29.26
C PRO C 129 1.08 -27.62 -28.17
N ALA C 130 2.28 -28.01 -28.56
CA ALA C 130 3.25 -28.50 -27.60
C ALA C 130 3.63 -27.40 -26.62
N LEU C 131 3.89 -27.80 -25.38
CA LEU C 131 4.15 -26.84 -24.33
C LEU C 131 5.27 -25.89 -24.74
N GLY C 132 5.08 -24.61 -24.44
CA GLY C 132 6.05 -23.59 -24.75
C GLY C 132 6.01 -23.05 -26.15
N SER C 133 5.15 -23.59 -27.02
CA SER C 133 5.08 -23.11 -28.38
C SER C 133 4.70 -21.64 -28.42
N LYS C 134 5.29 -20.91 -29.35
CA LYS C 134 5.03 -19.49 -29.52
C LYS C 134 4.69 -19.22 -30.98
N MET C 135 3.80 -18.26 -31.22
CA MET C 135 3.34 -18.01 -32.58
C MET C 135 4.50 -17.61 -33.48
N LYS C 136 5.46 -16.85 -32.96
CA LYS C 136 6.59 -16.42 -33.76
C LYS C 136 7.40 -17.62 -34.26
N VAL C 137 7.60 -18.62 -33.39
CA VAL C 137 8.38 -19.79 -33.79
C VAL C 137 7.69 -20.52 -34.94
N ILE C 138 6.38 -20.72 -34.84
CA ILE C 138 5.66 -21.42 -35.89
C ILE C 138 5.67 -20.61 -37.18
N LYS C 139 5.54 -19.29 -37.06
CA LYS C 139 5.59 -18.43 -38.25
C LYS C 139 6.94 -18.55 -38.93
N ALA C 140 8.03 -18.55 -38.15
CA ALA C 140 9.35 -18.77 -38.73
C ALA C 140 9.42 -20.15 -39.38
N SER C 141 8.75 -21.14 -38.80
CA SER C 141 8.68 -22.46 -39.42
C SER C 141 8.00 -22.40 -40.78
N GLY C 142 6.89 -21.65 -40.87
CA GLY C 142 6.20 -21.49 -42.13
C GLY C 142 5.24 -22.60 -42.48
N ASP C 143 5.03 -23.56 -41.59
CA ASP C 143 4.08 -24.64 -41.85
C ASP C 143 2.66 -24.11 -41.73
N ALA C 144 1.95 -24.08 -42.86
CA ALA C 144 0.59 -23.53 -42.87
C ALA C 144 -0.32 -24.32 -41.92
N ALA C 145 -0.17 -25.64 -41.90
CA ALA C 145 -0.99 -26.45 -41.00
C ALA C 145 -0.77 -26.06 -39.55
N MET C 146 0.49 -25.87 -39.16
CA MET C 146 0.77 -25.48 -37.78
C MET C 146 0.30 -24.07 -37.48
N ILE C 147 0.39 -23.16 -38.45
CA ILE C 147 -0.13 -21.81 -38.23
C ILE C 147 -1.64 -21.88 -37.99
N GLN C 148 -2.34 -22.66 -38.81
CA GLN C 148 -3.78 -22.80 -38.62
C GLN C 148 -4.09 -23.43 -37.26
N MET C 149 -3.32 -24.44 -36.86
CA MET C 149 -3.57 -25.07 -35.57
C MET C 149 -3.33 -24.09 -34.43
N MET C 150 -2.31 -23.25 -34.54
CA MET C 150 -2.05 -22.28 -33.48
C MET C 150 -3.15 -21.22 -33.42
N LYS C 151 -3.63 -20.77 -34.58
CA LYS C 151 -4.74 -19.83 -34.58
C LYS C 151 -5.98 -20.46 -33.99
N ASP C 152 -6.24 -21.73 -34.30
CA ASP C 152 -7.36 -22.42 -33.71
C ASP C 152 -7.20 -22.52 -32.20
N HIS C 153 -5.99 -22.77 -31.73
CA HIS C 153 -5.78 -22.84 -30.29
C HIS C 153 -6.05 -21.50 -29.63
N ASN C 154 -5.58 -20.42 -30.25
CA ASN C 154 -5.84 -19.10 -29.68
C ASN C 154 -7.34 -18.79 -29.64
N SER C 155 -8.05 -19.10 -30.73
CA SER C 155 -9.48 -18.83 -30.74
C SER C 155 -10.21 -19.68 -29.71
N LEU C 156 -9.79 -20.93 -29.54
CA LEU C 156 -10.44 -21.79 -28.55
C LEU C 156 -10.16 -21.29 -27.14
N LEU C 157 -8.95 -20.76 -26.90
CA LEU C 157 -8.70 -20.16 -25.61
C LEU C 157 -9.61 -18.96 -25.36
N ARG C 158 -9.78 -18.10 -26.37
CA ARG C 158 -10.66 -16.94 -26.20
C ARG C 158 -12.09 -17.38 -25.90
N VAL C 159 -12.60 -18.34 -26.65
CA VAL C 159 -13.98 -18.79 -26.44
C VAL C 159 -14.14 -19.42 -25.07
N CYS C 160 -13.21 -20.29 -24.67
CA CYS C 160 -13.34 -20.94 -23.38
C CYS C 160 -13.23 -19.95 -22.25
N VAL C 161 -12.42 -18.91 -22.41
CA VAL C 161 -12.32 -17.91 -21.36
C VAL C 161 -13.59 -17.08 -21.27
N ARG C 162 -14.19 -16.72 -22.41
CA ARG C 162 -15.47 -16.01 -22.36
C ARG C 162 -16.52 -16.83 -21.64
N ILE C 163 -16.61 -18.12 -21.97
CA ILE C 163 -17.60 -18.96 -21.31
C ILE C 163 -17.31 -19.07 -19.82
N GLU C 164 -16.04 -19.19 -19.46
CA GLU C 164 -15.67 -19.28 -18.05
C GLU C 164 -16.07 -18.01 -17.30
N VAL C 165 -15.84 -16.84 -17.89
CA VAL C 165 -16.22 -15.59 -17.25
C VAL C 165 -17.73 -15.51 -17.06
N TRP C 166 -18.48 -15.85 -18.11
CA TRP C 166 -19.93 -15.79 -17.99
C TRP C 166 -20.42 -16.74 -16.91
N LYS C 167 -19.84 -17.93 -16.82
CA LYS C 167 -20.28 -18.83 -15.76
C LYS C 167 -19.86 -18.34 -14.38
N ALA C 168 -18.74 -17.62 -14.28
CA ALA C 168 -18.39 -17.00 -13.01
C ALA C 168 -19.49 -16.04 -12.59
N ARG C 169 -19.93 -15.18 -13.51
CA ARG C 169 -21.02 -14.26 -13.18
C ARG C 169 -22.28 -15.02 -12.82
N TYR C 170 -22.62 -16.05 -13.60
CA TYR C 170 -23.86 -16.79 -13.35
C TYR C 170 -23.84 -17.50 -12.00
N VAL C 171 -22.66 -17.91 -11.54
CA VAL C 171 -22.54 -18.44 -10.18
C VAL C 171 -22.72 -17.32 -9.16
N SER C 172 -22.16 -16.14 -9.46
CA SER C 172 -22.16 -15.07 -8.48
C SER C 172 -23.56 -14.57 -8.14
N LEU C 173 -24.56 -14.88 -8.97
CA LEU C 173 -25.88 -14.33 -8.72
C LEU C 173 -26.50 -14.94 -7.47
N VAL C 174 -26.21 -16.22 -7.19
CA VAL C 174 -26.85 -16.92 -6.08
C VAL C 174 -25.84 -17.60 -5.18
N ALA C 175 -24.57 -17.22 -5.29
CA ALA C 175 -23.54 -17.73 -4.37
C ALA C 175 -22.46 -16.66 -4.26
N LEU C 176 -22.49 -15.91 -3.16
CA LEU C 176 -21.47 -14.89 -2.93
C LEU C 176 -20.10 -15.54 -2.82
N ASP C 177 -19.11 -14.86 -3.40
CA ASP C 177 -17.73 -15.28 -3.28
C ASP C 177 -17.13 -14.73 -2.00
N GLU C 178 -16.35 -15.58 -1.32
CA GLU C 178 -15.76 -15.17 -0.04
C GLU C 178 -14.82 -13.99 -0.20
N ARG C 179 -14.01 -13.98 -1.26
CA ARG C 179 -12.96 -12.97 -1.37
C ARG C 179 -13.50 -11.56 -1.39
N ILE C 180 -14.77 -11.38 -1.75
CA ILE C 180 -15.35 -10.05 -1.92
C ILE C 180 -15.95 -9.63 -0.58
N GLN C 181 -15.32 -8.63 0.04
CA GLN C 181 -15.80 -8.07 1.29
C GLN C 181 -15.86 -6.54 1.29
N THR C 182 -15.13 -5.87 0.41
CA THR C 182 -15.15 -4.41 0.31
C THR C 182 -15.16 -4.03 -1.15
N LEU C 183 -15.56 -2.79 -1.42
CA LEU C 183 -15.64 -2.32 -2.81
C LEU C 183 -14.32 -2.52 -3.52
N GLU C 184 -13.20 -2.38 -2.79
CA GLU C 184 -11.90 -2.69 -3.40
C GLU C 184 -11.84 -4.15 -3.83
N ASP C 185 -12.33 -5.06 -2.99
CA ASP C 185 -12.35 -6.47 -3.35
C ASP C 185 -13.22 -6.70 -4.58
N ALA C 186 -14.41 -6.08 -4.61
CA ALA C 186 -15.33 -6.30 -5.73
C ALA C 186 -14.86 -5.63 -7.00
N GLN C 187 -13.89 -4.72 -6.92
CA GLN C 187 -13.43 -4.05 -8.13
C GLN C 187 -12.81 -5.01 -9.13
N TRP C 188 -12.31 -6.17 -8.68
CA TRP C 188 -11.52 -7.05 -9.52
C TRP C 188 -12.23 -8.36 -9.86
N PHE C 189 -13.53 -8.44 -9.61
CA PHE C 189 -14.28 -9.61 -10.04
C PHE C 189 -14.29 -9.66 -11.57
N PRO C 190 -14.27 -10.86 -12.17
CA PRO C 190 -14.13 -12.20 -11.59
C PRO C 190 -12.69 -12.53 -11.24
N TYR C 191 -12.49 -13.51 -10.37
CA TYR C 191 -11.16 -13.93 -9.93
C TYR C 191 -10.83 -15.24 -10.65
N LEU C 192 -9.97 -15.17 -11.67
CA LEU C 192 -9.65 -16.31 -12.51
C LEU C 192 -8.15 -16.47 -12.66
N SER C 193 -7.76 -17.56 -13.32
CA SER C 193 -6.37 -17.94 -13.46
C SER C 193 -5.63 -16.99 -14.40
N GLY C 194 -4.31 -17.12 -14.42
CA GLY C 194 -3.49 -16.23 -15.24
C GLY C 194 -3.70 -16.43 -16.72
N ASP C 195 -3.90 -17.69 -17.14
CA ASP C 195 -4.15 -17.94 -18.56
C ASP C 195 -5.44 -17.27 -19.01
N SER C 196 -6.46 -17.29 -18.17
CA SER C 196 -7.69 -16.59 -18.49
C SER C 196 -7.43 -15.11 -18.70
N TYR C 197 -6.68 -14.48 -17.82
CA TYR C 197 -6.37 -13.07 -18.01
C TYR C 197 -5.59 -12.84 -19.29
N ARG C 198 -4.68 -13.76 -19.63
CA ARG C 198 -3.87 -13.57 -20.83
C ARG C 198 -4.72 -13.68 -22.08
N ALA C 199 -5.65 -14.63 -22.13
CA ALA C 199 -6.39 -14.87 -23.36
C ALA C 199 -7.41 -13.75 -23.61
N CYS C 200 -8.16 -13.36 -22.58
CA CYS C 200 -9.17 -12.31 -22.67
C CYS C 200 -8.96 -11.30 -21.56
N PRO C 201 -8.01 -10.37 -21.73
CA PRO C 201 -7.73 -9.44 -20.63
C PRO C 201 -8.87 -8.49 -20.32
N GLY C 202 -9.77 -8.25 -21.26
CA GLY C 202 -10.76 -7.20 -21.10
C GLY C 202 -12.00 -7.60 -20.33
N LEU C 203 -12.04 -8.82 -19.81
CA LEU C 203 -13.20 -9.29 -19.07
C LEU C 203 -12.81 -9.93 -17.74
N VAL C 204 -11.58 -10.41 -17.66
CA VAL C 204 -11.13 -11.27 -16.57
C VAL C 204 -10.36 -10.43 -15.56
N GLY C 205 -10.76 -10.52 -14.30
CA GLY C 205 -10.06 -9.87 -13.22
C GLY C 205 -9.19 -10.84 -12.45
N GLY C 206 -8.96 -10.53 -11.19
CA GLY C 206 -8.16 -11.39 -10.33
C GLY C 206 -6.83 -10.77 -9.98
N TYR C 207 -5.93 -11.64 -9.49
CA TYR C 207 -4.61 -11.18 -9.08
C TYR C 207 -3.85 -10.54 -10.24
N PHE C 208 -3.90 -11.18 -11.42
CA PHE C 208 -3.17 -10.65 -12.56
C PHE C 208 -3.74 -9.32 -13.03
N ALA C 209 -5.05 -9.13 -12.93
CA ALA C 209 -5.61 -7.83 -13.28
C ALA C 209 -5.10 -6.74 -12.36
N LYS C 210 -5.02 -7.03 -11.05
CA LYS C 210 -4.44 -6.08 -10.11
C LYS C 210 -3.00 -5.77 -10.47
N LYS C 211 -2.22 -6.81 -10.77
CA LYS C 211 -0.82 -6.60 -11.13
C LYS C 211 -0.70 -5.71 -12.36
N ALA C 212 -1.50 -5.99 -13.40
CA ALA C 212 -1.38 -5.23 -14.64
C ALA C 212 -1.87 -3.79 -14.45
N ALA C 213 -2.85 -3.59 -13.56
CA ALA C 213 -3.35 -2.24 -13.34
C ALA C 213 -2.37 -1.41 -12.52
N ALA C 214 -1.76 -2.01 -11.50
CA ALA C 214 -0.84 -1.26 -10.64
C ALA C 214 0.36 -0.75 -11.41
N GLY C 215 0.90 -1.57 -12.32
CA GLY C 215 2.08 -1.22 -13.05
C GLY C 215 1.79 -0.30 -14.23
N GLU C 216 2.77 -0.20 -15.11
CA GLU C 216 2.69 0.69 -16.26
C GLU C 216 1.52 0.30 -17.16
N ARG C 217 0.87 1.31 -17.73
CA ARG C 217 -0.24 1.10 -18.66
C ARG C 217 0.24 1.47 -20.07
N GLY C 218 0.52 0.45 -20.87
CA GLY C 218 0.92 0.65 -22.25
C GLY C 218 -0.25 0.79 -23.17
N LYS C 219 0.04 0.92 -24.47
CA LYS C 219 -1.02 1.05 -25.45
C LYS C 219 -1.90 -0.18 -25.49
N ASN C 220 -1.30 -1.38 -25.38
CA ASN C 220 -2.05 -2.63 -25.40
C ASN C 220 -2.81 -2.90 -24.11
N TYR C 221 -2.59 -2.09 -23.07
CA TYR C 221 -3.26 -2.32 -21.79
C TYR C 221 -4.77 -2.10 -21.94
N LYS C 222 -5.55 -3.03 -21.42
CA LYS C 222 -7.01 -2.99 -21.48
C LYS C 222 -7.59 -2.95 -20.08
N LYS C 223 -8.56 -2.06 -19.88
CA LYS C 223 -9.19 -1.94 -18.58
C LYS C 223 -10.18 -3.08 -18.35
N LEU C 224 -10.41 -3.38 -17.07
CA LEU C 224 -11.30 -4.47 -16.69
C LEU C 224 -12.77 -4.11 -16.87
N ASN C 225 -13.35 -4.48 -18.01
CA ASN C 225 -14.75 -4.17 -18.29
C ASN C 225 -15.63 -5.20 -17.59
N GLN C 226 -15.84 -5.02 -16.29
CA GLN C 226 -16.52 -6.02 -15.49
C GLN C 226 -17.92 -6.35 -16.01
N THR C 227 -18.62 -5.37 -16.60
CA THR C 227 -20.00 -5.57 -17.02
C THR C 227 -20.15 -5.55 -18.53
N ALA C 228 -19.20 -6.13 -19.27
CA ALA C 228 -19.34 -6.21 -20.71
C ALA C 228 -20.36 -7.29 -21.08
N ILE C 229 -20.99 -7.12 -22.23
CA ILE C 229 -22.02 -8.04 -22.67
C ILE C 229 -21.37 -9.29 -23.23
N ILE C 230 -21.61 -10.42 -22.58
CA ILE C 230 -21.17 -11.73 -23.01
C ILE C 230 -22.41 -12.54 -23.32
N PRO C 231 -22.77 -12.77 -24.58
CA PRO C 231 -23.95 -13.56 -24.86
C PRO C 231 -23.92 -14.85 -24.06
N PRO C 232 -25.08 -15.39 -23.70
CA PRO C 232 -25.08 -16.62 -22.92
C PRO C 232 -24.39 -17.73 -23.68
N PRO C 233 -23.75 -18.67 -22.99
CA PRO C 233 -23.08 -19.77 -23.69
C PRO C 233 -23.86 -20.34 -24.85
N ARG C 234 -25.11 -20.74 -24.63
CA ARG C 234 -25.89 -21.31 -25.71
C ARG C 234 -26.06 -20.34 -26.88
N PHE C 235 -25.91 -19.03 -26.65
CA PHE C 235 -25.86 -18.05 -27.72
C PHE C 235 -24.44 -17.80 -28.21
N LEU C 236 -23.44 -17.97 -27.35
CA LEU C 236 -22.08 -17.60 -27.72
C LEU C 236 -21.50 -18.57 -28.75
N ILE C 237 -21.67 -19.87 -28.54
CA ILE C 237 -21.13 -20.84 -29.48
C ILE C 237 -21.86 -20.75 -30.82
N ILE C 238 -23.16 -20.45 -30.79
CA ILE C 238 -23.93 -20.35 -32.03
C ILE C 238 -23.58 -19.08 -32.80
N GLY C 239 -22.99 -18.08 -32.14
CA GLY C 239 -22.71 -16.82 -32.78
C GLY C 239 -23.88 -15.86 -32.79
N HIS C 240 -25.04 -16.25 -32.28
CA HIS C 240 -26.21 -15.38 -32.25
C HIS C 240 -26.01 -14.30 -31.19
N ARG C 241 -25.82 -13.07 -31.63
CA ARG C 241 -25.59 -11.97 -30.71
C ARG C 241 -26.83 -11.74 -29.85
N LEU C 242 -26.61 -11.53 -28.55
CA LEU C 242 -27.70 -11.22 -27.64
C LEU C 242 -28.35 -9.90 -28.03
N GLN C 243 -29.67 -9.91 -28.16
CA GLN C 243 -30.40 -8.72 -28.57
C GLN C 243 -31.81 -8.79 -27.99
N ILE C 244 -32.65 -7.84 -28.42
CA ILE C 244 -34.00 -7.73 -27.88
C ILE C 244 -34.89 -8.80 -28.50
N GLY C 245 -35.72 -9.42 -27.65
CA GLY C 245 -36.65 -10.44 -28.09
C GLY C 245 -36.22 -11.86 -27.78
N ASP C 246 -34.97 -12.07 -27.39
CA ASP C 246 -34.48 -13.41 -27.13
C ASP C 246 -35.06 -13.96 -25.85
N GLN C 247 -35.39 -15.26 -25.86
CA GLN C 247 -35.98 -15.93 -24.70
C GLN C 247 -34.86 -16.39 -23.78
N VAL C 248 -34.68 -15.69 -22.66
CA VAL C 248 -33.57 -15.94 -21.75
C VAL C 248 -34.07 -15.93 -20.32
N THR C 249 -33.59 -16.90 -19.54
CA THR C 249 -33.89 -16.95 -18.12
C THR C 249 -33.31 -15.72 -17.43
N LEU C 250 -33.96 -15.30 -16.34
CA LEU C 250 -33.55 -14.06 -15.69
C LEU C 250 -32.11 -14.14 -15.20
N ARG C 251 -31.75 -15.24 -14.55
CA ARG C 251 -30.41 -15.35 -14.01
C ARG C 251 -29.38 -15.29 -15.13
N GLU C 252 -29.65 -15.95 -16.25
CA GLU C 252 -28.66 -15.98 -17.32
C GLU C 252 -28.53 -14.62 -17.99
N LEU C 253 -29.64 -13.90 -18.17
CA LEU C 253 -29.53 -12.54 -18.70
C LEU C 253 -28.75 -11.65 -17.75
N LEU C 254 -29.02 -11.75 -16.46
CA LEU C 254 -28.31 -10.92 -15.49
C LEU C 254 -26.82 -11.22 -15.50
N ALA C 255 -26.45 -12.49 -15.63
CA ALA C 255 -25.03 -12.82 -15.78
C ALA C 255 -24.48 -12.31 -17.10
N SER C 256 -25.32 -12.23 -18.12
CA SER C 256 -24.88 -11.69 -19.40
C SER C 256 -24.48 -10.23 -19.28
N ILE C 257 -25.36 -9.40 -18.69
CA ILE C 257 -25.12 -7.96 -18.68
C ILE C 257 -24.44 -7.46 -17.42
N ALA C 258 -24.62 -8.12 -16.28
CA ALA C 258 -24.03 -7.66 -15.03
C ALA C 258 -23.67 -8.89 -14.20
N TRP C 259 -23.40 -8.67 -12.91
CA TRP C 259 -23.07 -9.79 -12.04
C TRP C 259 -23.71 -9.54 -10.68
N GLY C 260 -23.26 -10.31 -9.68
CA GLY C 260 -23.99 -10.39 -8.43
C GLY C 260 -24.11 -9.06 -7.71
N LEU C 261 -23.02 -8.32 -7.60
CA LEU C 261 -23.02 -7.06 -6.87
C LEU C 261 -23.19 -5.85 -7.77
N CYS C 262 -24.01 -5.96 -8.81
CA CYS C 262 -24.49 -4.78 -9.50
C CYS C 262 -25.86 -4.38 -8.94
N ASP C 263 -26.28 -3.16 -9.26
CA ASP C 263 -27.56 -2.69 -8.77
C ASP C 263 -28.69 -3.55 -9.32
N GLY C 264 -29.78 -3.65 -8.57
CA GLY C 264 -30.90 -4.47 -8.99
C GLY C 264 -31.69 -3.89 -10.15
N VAL C 265 -31.42 -2.64 -10.51
CA VAL C 265 -32.21 -1.97 -11.53
C VAL C 265 -32.14 -2.70 -12.86
N LEU C 266 -31.01 -3.37 -13.13
CA LEU C 266 -30.86 -4.07 -14.39
C LEU C 266 -31.91 -5.15 -14.56
N ALA C 267 -32.54 -5.60 -13.46
CA ALA C 267 -33.61 -6.58 -13.57
C ALA C 267 -34.74 -6.09 -14.45
N GLU C 268 -34.88 -4.78 -14.63
CA GLU C 268 -35.92 -4.23 -15.49
C GLU C 268 -35.71 -4.60 -16.97
N CYS C 269 -34.53 -5.06 -17.35
CA CYS C 269 -34.29 -5.49 -18.71
C CYS C 269 -34.96 -6.81 -19.04
N TRP C 270 -35.60 -7.46 -18.06
CA TRP C 270 -36.27 -8.74 -18.26
C TRP C 270 -37.76 -8.57 -17.99
N SER C 271 -38.56 -9.35 -18.71
CA SER C 271 -40.01 -9.29 -18.58
C SER C 271 -40.59 -10.68 -18.77
N PRO C 272 -41.12 -11.31 -17.73
CA PRO C 272 -41.59 -12.70 -17.89
C PRO C 272 -42.63 -12.82 -19.00
N SER C 273 -42.59 -13.94 -19.69
CA SER C 273 -43.50 -14.19 -20.80
C SER C 273 -44.85 -14.67 -20.28
N GLN C 274 -45.74 -15.00 -21.21
CA GLN C 274 -47.07 -15.46 -20.84
C GLN C 274 -46.97 -16.73 -19.99
N GLY C 275 -47.82 -16.81 -18.97
CA GLY C 275 -47.83 -17.97 -18.11
C GLY C 275 -46.69 -18.04 -17.12
N ASP C 276 -46.02 -16.91 -16.84
CA ASP C 276 -44.92 -16.88 -15.90
C ASP C 276 -43.82 -17.85 -16.33
N GLY C 277 -43.83 -19.07 -15.80
CA GLY C 277 -42.80 -20.03 -16.15
C GLY C 277 -41.43 -19.60 -15.61
N SER C 278 -40.39 -20.02 -16.32
CA SER C 278 -39.02 -19.67 -15.98
C SER C 278 -38.29 -18.89 -17.06
N ILE C 279 -38.76 -18.95 -18.30
CA ILE C 279 -38.09 -18.29 -19.42
C ILE C 279 -38.92 -17.09 -19.85
N GLY C 280 -38.29 -15.92 -19.87
CA GLY C 280 -38.96 -14.69 -20.27
C GLY C 280 -38.45 -14.15 -21.58
N VAL C 281 -38.05 -12.89 -21.60
CA VAL C 281 -37.59 -12.24 -22.82
C VAL C 281 -36.82 -10.97 -22.45
N VAL C 282 -35.94 -10.55 -23.33
CA VAL C 282 -35.15 -9.34 -23.14
C VAL C 282 -35.93 -8.16 -23.70
N VAL C 283 -36.05 -7.10 -22.90
CA VAL C 283 -36.75 -5.89 -23.33
C VAL C 283 -35.78 -4.74 -23.61
N GLY C 284 -34.53 -4.83 -23.18
CA GLY C 284 -33.56 -3.78 -23.42
C GLY C 284 -32.18 -4.27 -23.10
N LEU C 285 -31.19 -3.41 -23.36
CA LEU C 285 -29.79 -3.72 -23.09
C LEU C 285 -29.13 -2.47 -22.52
N PRO C 286 -28.70 -2.47 -21.26
CA PRO C 286 -28.11 -1.27 -20.68
C PRO C 286 -26.99 -0.70 -21.53
N LEU C 287 -26.60 0.53 -21.20
CA LEU C 287 -25.52 1.22 -21.87
C LEU C 287 -24.56 1.80 -20.85
N GLN C 288 -23.27 1.62 -21.10
CA GLN C 288 -22.24 2.18 -20.24
C GLN C 288 -22.29 3.70 -20.35
N ALA C 289 -22.66 4.37 -19.26
CA ALA C 289 -22.79 5.81 -19.28
C ALA C 289 -21.47 6.47 -19.65
N THR C 290 -21.54 7.48 -20.52
CA THR C 290 -20.35 8.18 -20.94
C THR C 290 -19.76 8.95 -19.76
N GLY C 291 -18.43 9.03 -19.74
CA GLY C 291 -17.75 9.64 -18.62
C GLY C 291 -17.86 11.16 -18.60
N SER C 292 -18.00 11.69 -17.39
CA SER C 292 -17.96 13.13 -17.16
C SER C 292 -17.47 13.39 -15.74
N CYS C 293 -16.19 13.73 -15.60
CA CYS C 293 -15.56 13.79 -14.29
C CYS C 293 -16.30 14.77 -13.38
N PHE C 294 -16.56 14.33 -12.15
CA PHE C 294 -17.22 15.13 -11.14
C PHE C 294 -16.35 15.28 -9.90
N LEU C 295 -15.07 15.57 -10.10
CA LEU C 295 -14.12 15.76 -9.03
C LEU C 295 -13.46 17.12 -9.12
N VAL C 296 -13.05 17.65 -7.99
CA VAL C 296 -12.34 18.92 -7.92
C VAL C 296 -11.17 18.78 -6.96
N VAL C 297 -9.95 18.72 -7.51
CA VAL C 297 -8.78 18.54 -6.66
C VAL C 297 -8.45 19.83 -5.91
N ALA C 298 -7.88 19.66 -4.72
CA ALA C 298 -7.46 20.80 -3.93
C ALA C 298 -6.38 21.60 -4.67
N SER C 299 -6.44 22.91 -4.54
CA SER C 299 -5.45 23.78 -5.15
C SER C 299 -5.62 25.19 -4.60
N HIS C 300 -4.50 25.89 -4.44
CA HIS C 300 -4.50 27.27 -3.97
C HIS C 300 -5.23 27.39 -2.63
N GLY C 301 -5.03 26.39 -1.76
CA GLY C 301 -5.61 26.40 -0.44
C GLY C 301 -6.98 25.76 -0.34
N LEU C 302 -7.63 25.47 -1.46
CA LEU C 302 -8.95 24.87 -1.41
C LEU C 302 -8.86 23.39 -1.05
N SER C 303 -10.01 22.80 -0.79
CA SER C 303 -10.10 21.40 -0.38
C SER C 303 -10.66 20.57 -1.53
N ALA C 304 -10.09 19.38 -1.70
CA ALA C 304 -10.57 18.47 -2.74
C ALA C 304 -12.01 18.04 -2.45
N ILE C 305 -12.79 17.88 -3.51
CA ILE C 305 -14.18 17.50 -3.41
C ILE C 305 -14.36 16.15 -4.10
N ALA C 306 -14.95 15.20 -3.37
CA ALA C 306 -15.14 13.86 -3.92
C ALA C 306 -16.24 13.83 -4.98
N ASP C 307 -17.26 14.67 -4.84
CA ASP C 307 -18.35 14.71 -5.81
C ASP C 307 -19.02 16.07 -5.72
N SER C 308 -19.00 16.83 -6.82
CA SER C 308 -19.61 18.15 -6.82
C SER C 308 -21.13 18.05 -6.61
N ARG C 309 -21.78 17.09 -7.27
CA ARG C 309 -23.23 17.00 -7.18
C ARG C 309 -23.66 16.69 -5.74
N ILE C 310 -23.08 15.64 -5.15
CA ILE C 310 -23.48 15.25 -3.80
C ILE C 310 -23.17 16.33 -2.79
N GLU C 311 -22.18 17.19 -3.07
CA GLU C 311 -21.84 18.24 -2.13
C GLU C 311 -23.05 19.12 -1.83
N GLY C 312 -23.56 19.81 -2.84
CA GLY C 312 -24.75 20.62 -2.70
C GLY C 312 -24.71 21.46 -1.44
N THR C 313 -25.58 21.15 -0.49
CA THR C 313 -25.54 21.73 0.86
C THR C 313 -25.38 20.64 1.90
N GLY C 314 -24.67 19.57 1.55
CA GLY C 314 -24.45 18.44 2.44
C GLY C 314 -25.41 17.29 2.25
N ASN C 315 -26.38 17.43 1.35
CA ASN C 315 -27.41 16.40 1.15
C ASN C 315 -26.83 15.25 0.32
N THR C 316 -26.62 14.10 0.97
CA THR C 316 -26.08 12.91 0.30
C THR C 316 -27.22 11.92 0.05
N ASN C 317 -27.98 12.19 -1.00
CA ASN C 317 -29.10 11.36 -1.43
C ASN C 317 -28.78 10.80 -2.81
N LEU C 318 -28.04 9.70 -2.84
CA LEU C 318 -27.58 9.11 -4.11
C LEU C 318 -28.53 8.04 -4.59
N LEU C 319 -29.75 8.43 -4.93
CA LEU C 319 -30.73 7.54 -5.54
C LEU C 319 -31.41 8.14 -6.75
N GLU C 320 -30.92 9.28 -7.25
CA GLU C 320 -31.46 9.88 -8.46
C GLU C 320 -30.78 9.35 -9.72
N GLU C 321 -29.65 8.68 -9.58
CA GLU C 321 -28.91 8.20 -10.74
C GLU C 321 -29.77 7.25 -11.56
N CYS C 322 -29.66 7.38 -12.88
CA CYS C 322 -30.43 6.57 -13.81
C CYS C 322 -29.50 5.82 -14.74
N ILE C 323 -29.91 4.60 -15.09
CA ILE C 323 -29.20 3.76 -16.05
C ILE C 323 -29.96 3.85 -17.37
N ALA C 324 -29.24 4.10 -18.45
CA ALA C 324 -29.82 4.10 -19.78
C ALA C 324 -30.21 2.67 -20.12
N ILE C 325 -31.32 2.51 -20.82
CA ILE C 325 -31.75 1.23 -21.36
C ILE C 325 -32.20 1.45 -22.80
N GLN C 326 -31.59 0.73 -23.73
CA GLN C 326 -31.94 0.83 -25.14
C GLN C 326 -33.07 -0.17 -25.42
N LYS C 327 -34.28 0.35 -25.56
CA LYS C 327 -35.43 -0.48 -25.90
C LYS C 327 -35.73 -0.39 -27.39
N GLN C 328 -36.62 -1.26 -27.85
CA GLN C 328 -36.98 -1.25 -29.26
C GLN C 328 -37.60 0.09 -29.66
N ASP C 329 -38.48 0.62 -28.81
CA ASP C 329 -39.08 1.92 -29.09
C ASP C 329 -38.02 3.01 -29.10
N GLY C 330 -37.11 2.98 -28.13
CA GLY C 330 -36.06 3.98 -28.06
C GLY C 330 -35.32 3.88 -26.74
N VAL C 331 -34.42 4.85 -26.54
CA VAL C 331 -33.61 4.90 -25.33
C VAL C 331 -34.44 5.51 -24.21
N ILE C 332 -34.45 4.86 -23.04
CA ILE C 332 -35.10 5.39 -21.86
C ILE C 332 -34.09 5.37 -20.72
N LYS C 333 -34.49 5.94 -19.58
CA LYS C 333 -33.65 5.99 -18.39
C LYS C 333 -34.44 5.45 -17.21
N CYS C 334 -33.82 4.55 -16.45
CA CYS C 334 -34.46 3.91 -15.32
C CYS C 334 -33.78 4.35 -14.03
N LYS C 335 -34.58 4.77 -13.06
CA LYS C 335 -34.05 5.20 -11.78
C LYS C 335 -33.46 4.02 -11.03
N ARG C 336 -32.33 4.24 -10.38
CA ARG C 336 -31.63 3.15 -9.71
C ARG C 336 -32.45 2.63 -8.55
N SER C 337 -32.18 1.38 -8.16
CA SER C 337 -32.84 0.80 -6.99
C SER C 337 -31.91 0.72 -5.79
N GLY C 338 -30.60 0.83 -5.99
CA GLY C 338 -29.68 0.88 -4.87
C GLY C 338 -29.58 -0.41 -4.07
N LYS C 339 -29.86 -1.55 -4.68
CA LYS C 339 -29.80 -2.84 -4.01
C LYS C 339 -29.09 -3.86 -4.89
N SER C 340 -28.32 -4.73 -4.25
CA SER C 340 -27.52 -5.70 -4.97
C SER C 340 -28.41 -6.71 -5.68
N LEU C 341 -27.94 -7.16 -6.86
CA LEU C 341 -28.70 -8.13 -7.63
C LEU C 341 -28.86 -9.43 -6.87
N TYR C 342 -27.81 -9.86 -6.16
CA TYR C 342 -27.94 -11.07 -5.36
C TYR C 342 -29.05 -10.94 -4.33
N HIS C 343 -29.07 -9.81 -3.61
CA HIS C 343 -30.12 -9.59 -2.62
C HIS C 343 -31.49 -9.55 -3.28
N CYS C 344 -31.62 -8.81 -4.37
CA CYS C 344 -32.92 -8.66 -5.02
C CYS C 344 -33.45 -9.98 -5.52
N LEU C 345 -32.59 -10.80 -6.13
CA LEU C 345 -33.06 -12.06 -6.70
C LEU C 345 -33.60 -12.99 -5.62
N LYS C 346 -32.91 -13.06 -4.48
CA LYS C 346 -33.41 -13.90 -3.39
C LYS C 346 -34.63 -13.31 -2.73
N GLU C 347 -34.67 -11.98 -2.60
CA GLU C 347 -35.81 -11.33 -1.94
C GLU C 347 -37.09 -11.51 -2.75
N THR C 348 -37.00 -11.40 -4.07
CA THR C 348 -38.20 -11.48 -4.91
C THR C 348 -38.73 -12.90 -5.02
N ALA C 349 -37.94 -13.91 -4.66
CA ALA C 349 -38.39 -15.30 -4.73
C ALA C 349 -39.19 -15.72 -3.51
N GLY C 350 -39.25 -14.89 -2.47
CA GLY C 350 -40.01 -15.21 -1.28
C GLY C 350 -41.39 -14.61 -1.29
N1 P5P D 1 21.72 29.19 -7.92
C2 P5P D 1 22.25 30.16 -8.68
N3 P5P D 1 21.72 30.77 -9.75
C4 P5P D 1 20.50 30.28 -10.02
C5 P5P D 1 19.83 29.29 -9.32
C6 P5P D 1 20.49 28.73 -8.22
N7 P5P D 1 18.59 29.05 -9.89
C8 P5P D 1 18.53 29.90 -10.89
N9 P5P D 1 19.66 30.67 -11.03
C1' P5P D 1 19.93 31.70 -12.04
C2' P5P D 1 20.88 31.21 -13.13
O2' P5P D 1 21.67 32.31 -13.59
C3' P5P D 1 19.92 30.74 -14.20
O3' P5P D 1 20.48 30.68 -15.50
C4' P5P D 1 18.78 31.75 -14.09
O4' P5P D 1 18.71 32.05 -12.67
C5' P5P D 1 17.43 31.30 -14.59
O5' P5P D 1 17.04 30.08 -13.98
P P5P D 1 15.52 29.59 -14.05
OP1 P5P D 1 15.46 28.23 -13.45
OP2 P5P D 1 14.66 30.67 -13.51
N1 P5P D 2 23.66 25.37 -7.39
C2 P5P D 2 24.67 26.21 -7.67
N3 P5P D 2 24.78 27.07 -8.68
C4 P5P D 2 23.71 27.02 -9.48
C5 P5P D 2 22.60 26.21 -9.32
C6 P5P D 2 22.59 25.34 -8.22
N7 P5P D 2 21.68 26.43 -10.35
C8 P5P D 2 22.25 27.35 -11.08
N9 P5P D 2 23.47 27.76 -10.62
C1' P5P D 2 24.37 28.78 -11.20
C2' P5P D 2 25.72 28.18 -11.61
O2' P5P D 2 26.71 29.19 -11.48
C3' P5P D 2 25.47 27.83 -13.06
O3' P5P D 2 26.65 27.69 -13.83
C4' P5P D 2 24.57 28.97 -13.53
O4' P5P D 2 23.76 29.29 -12.37
C5' P5P D 2 23.68 28.68 -14.71
O5' P5P D 2 22.73 29.70 -14.90
P P5P D 2 21.49 29.48 -15.88
OP1 P5P D 2 21.94 29.71 -17.28
OP2 P5P D 2 20.83 28.20 -15.52
N1 P5P D 3 21.38 20.30 -9.04
C2 P5P D 3 22.57 20.31 -8.43
N3 P5P D 3 23.63 21.09 -8.64
C4 P5P D 3 23.38 21.96 -9.64
C5 P5P D 3 22.21 22.07 -10.37
C6 P5P D 3 21.17 21.18 -10.04
N7 P5P D 3 22.32 23.07 -11.32
C8 P5P D 3 23.53 23.54 -11.15
N9 P5P D 3 24.23 22.91 -10.15
C1' P5P D 3 25.61 23.18 -9.71
C2' P5P D 3 26.48 21.93 -9.77
O2' P5P D 3 27.51 22.03 -8.81
C3' P5P D 3 27.04 22.02 -11.18
O3' P5P D 3 28.21 21.24 -11.38
C4' P5P D 3 27.27 23.51 -11.34
O4' P5P D 3 26.18 24.12 -10.60
C5' P5P D 3 27.28 24.03 -12.76
O5' P5P D 3 27.19 25.44 -12.81
P P5P D 3 27.19 26.22 -14.20
OP1 P5P D 3 28.59 26.35 -14.66
OP2 P5P D 3 26.19 25.57 -15.08
N1 P5P D 4 20.05 17.88 -12.55
C2 P5P D 4 20.47 17.11 -11.54
N3 P5P D 4 21.62 17.17 -10.87
C4 P5P D 4 22.40 18.15 -11.34
C5 P5P D 4 22.10 19.02 -12.38
C6 P5P D 4 20.86 18.86 -13.01
N7 P5P D 4 23.14 19.90 -12.59
C8 P5P D 4 24.04 19.56 -11.70
N9 P5P D 4 23.65 18.50 -10.91
C1' P5P D 4 24.40 17.87 -9.81
C2' P5P D 4 24.59 16.37 -10.03
O2' P5P D 4 24.65 15.73 -8.77
C3' P5P D 4 25.96 16.35 -10.72
O3' P5P D 4 26.62 15.10 -10.63
C4' P5P D 4 26.71 17.47 -10.01
O4' P5P D 4 25.68 18.46 -9.74
C5' P5P D 4 27.83 18.12 -10.79
O5' P5P D 4 27.33 18.92 -11.85
P P5P D 4 28.21 20.08 -12.50
OP1 P5P D 4 29.61 19.57 -12.61
OP2 P5P D 4 27.51 20.58 -13.70
N1 P5P D 5 20.79 17.27 -16.40
C2 P5P D 5 19.98 16.31 -15.96
N3 P5P D 5 20.18 15.41 -15.00
C4 P5P D 5 21.40 15.57 -14.45
C5 P5P D 5 22.35 16.52 -14.79
C6 P5P D 5 22.01 17.42 -15.82
N7 P5P D 5 23.48 16.39 -14.00
C8 P5P D 5 23.20 15.38 -13.21
N9 P5P D 5 21.96 14.83 -13.43
C1' P5P D 5 21.34 13.68 -12.73
C2' P5P D 5 21.56 12.37 -13.48
O2' P5P D 5 20.45 11.52 -13.23
C3' P5P D 5 22.82 11.84 -12.80
O3' P5P D 5 22.98 10.44 -12.94
C4' P5P D 5 22.64 12.28 -11.37
O4' P5P D 5 21.95 13.56 -11.46
C5' P5P D 5 23.90 12.45 -10.56
O5' P5P D 5 24.51 13.71 -10.83
P P5P D 5 26.02 13.81 -11.37
OP1 P5P D 5 26.75 12.61 -10.89
OP2 P5P D 5 25.94 14.10 -12.83
P Y5P D 6 23.46 9.81 -14.34
C5' Y5P D 6 22.54 10.14 -16.76
O5' Y5P D 6 22.34 10.31 -15.37
C4' Y5P D 6 21.39 10.72 -17.56
O4' Y5P D 6 21.22 12.12 -17.22
C3' Y5P D 6 21.58 10.73 -19.07
O3' Y5P D 6 21.28 9.48 -19.67
C2' Y5P D 6 20.67 11.86 -19.51
O2' Y5P D 6 19.31 11.45 -19.55
C1' Y5P D 6 20.84 12.86 -18.37
N1 Y5P D 6 21.89 13.86 -18.64
C2 Y5P D 6 21.65 14.81 -19.63
N3 Y5P D 6 22.67 15.70 -19.83
C4 Y5P D 6 23.87 15.75 -19.16
C6 Y5P D 6 23.07 13.85 -17.94
OP1 Y5P D 6 23.37 8.34 -14.23
OP2 Y5P D 6 24.75 10.45 -14.71
C5 Y5P D 6 24.05 14.74 -18.16
P Y5P D 7 22.45 8.51 -20.17
C5' Y5P D 7 20.75 7.69 -21.98
O5' Y5P D 7 21.69 7.37 -20.97
C4' Y5P D 7 20.19 6.45 -22.64
O4' Y5P D 7 21.24 5.82 -23.42
C3' Y5P D 7 19.66 5.39 -21.68
O3' Y5P D 7 18.53 4.73 -22.24
C2' Y5P D 7 20.84 4.42 -21.57
O2' Y5P D 7 20.47 3.11 -21.21
C1' Y5P D 7 21.41 4.47 -22.99
N1 Y5P D 7 22.83 4.13 -23.09
C2 Y5P D 7 23.77 4.80 -22.31
N3 Y5P D 7 25.07 4.40 -22.49
C4 Y5P D 7 25.53 3.43 -23.37
C6 Y5P D 7 23.24 3.16 -23.98
OP1 Y5P D 7 23.07 7.89 -18.98
OP2 Y5P D 7 23.29 9.27 -21.12
C5 Y5P D 7 24.52 2.79 -24.15
N1 P5P D 8 13.92 9.05 -15.56
C2 P5P D 8 13.99 8.27 -16.63
N3 P5P D 8 14.28 6.98 -16.71
C4 P5P D 8 14.53 6.47 -15.49
C5 P5P D 8 14.49 7.16 -14.29
C6 P5P D 8 14.17 8.52 -14.34
N7 P5P D 8 14.79 6.32 -13.23
C8 P5P D 8 15.01 5.16 -13.80
N9 P5P D 8 14.85 5.17 -15.16
C1' P5P D 8 15.02 4.02 -16.06
C2' P5P D 8 14.01 3.92 -17.20
O2' P5P D 8 12.81 3.31 -16.78
C3' P5P D 8 14.81 3.12 -18.23
O3' P5P D 8 14.72 1.73 -17.93
C4' P5P D 8 16.23 3.63 -18.04
O4' P5P D 8 16.30 4.13 -16.67
C5' P5P D 8 16.67 4.70 -18.98
O5' P5P D 8 17.22 4.16 -20.18
P P5P D 8 17.09 4.92 -21.57
OP1 P5P D 8 16.08 4.19 -22.39
OP2 P5P D 8 16.89 6.36 -21.28
N GLU E 34 -14.14 -41.60 29.34
CA GLU E 34 -14.66 -41.83 28.00
C GLU E 34 -14.43 -40.60 27.13
N LEU E 35 -13.33 -39.91 27.36
CA LEU E 35 -13.00 -38.72 26.61
C LEU E 35 -12.54 -39.06 25.20
N PRO E 36 -12.70 -38.16 24.25
CA PRO E 36 -12.19 -38.41 22.89
C PRO E 36 -10.67 -38.53 22.90
N ARG E 37 -10.16 -39.25 21.89
CA ARG E 37 -8.72 -39.48 21.82
C ARG E 37 -7.93 -38.18 21.79
N ASN E 38 -8.49 -37.13 21.18
CA ASN E 38 -7.76 -35.87 21.10
C ASN E 38 -7.40 -35.35 22.48
N LEU E 39 -8.39 -35.26 23.37
CA LEU E 39 -8.13 -34.75 24.71
C LEU E 39 -7.40 -35.78 25.57
N GLU E 40 -7.65 -37.06 25.32
CA GLU E 40 -6.94 -38.10 26.06
C GLU E 40 -5.44 -38.01 25.82
N VAL E 41 -5.05 -37.76 24.57
CA VAL E 41 -3.62 -37.66 24.25
C VAL E 41 -3.00 -36.49 25.02
N PHE E 42 -3.68 -35.35 25.03
CA PHE E 42 -3.13 -34.19 25.73
C PHE E 42 -3.04 -34.44 27.23
N ASN E 43 -4.07 -35.05 27.81
CA ASN E 43 -4.03 -35.35 29.25
C ASN E 43 -2.88 -36.28 29.57
N GLU E 44 -2.73 -37.35 28.78
CA GLU E 44 -1.64 -38.30 29.02
C GLU E 44 -0.29 -37.62 28.89
N ALA E 45 -0.10 -36.81 27.84
CA ALA E 45 1.17 -36.16 27.63
C ALA E 45 1.49 -35.18 28.76
N CYS E 46 0.50 -34.39 29.17
CA CYS E 46 0.71 -33.45 30.25
C CYS E 46 1.08 -34.18 31.54
N GLY E 47 0.37 -35.27 31.84
CA GLY E 47 0.72 -36.04 33.02
C GLY E 47 2.14 -36.55 32.95
N HIS E 48 2.50 -37.18 31.82
CA HIS E 48 3.83 -37.77 31.70
C HIS E 48 4.92 -36.72 31.81
N VAL E 49 4.69 -35.52 31.27
CA VAL E 49 5.74 -34.50 31.25
C VAL E 49 5.79 -33.67 32.52
N PHE E 50 4.69 -33.57 33.28
CA PHE E 50 4.63 -32.64 34.40
C PHE E 50 4.35 -33.31 35.74
N GLY E 51 4.25 -34.64 35.80
CA GLY E 51 4.04 -35.26 37.09
C GLY E 51 2.75 -34.80 37.73
N SER E 52 2.78 -34.68 39.06
CA SER E 52 1.63 -34.20 39.80
C SER E 52 1.55 -32.69 39.90
N SER E 53 2.58 -31.97 39.44
CA SER E 53 2.56 -30.51 39.47
C SER E 53 1.56 -29.92 38.49
N PHE E 54 1.00 -30.72 37.59
CA PHE E 54 0.07 -30.23 36.58
C PHE E 54 -1.34 -30.25 37.15
N ASN E 55 -1.93 -29.07 37.34
CA ASN E 55 -3.29 -28.95 37.84
C ASN E 55 -4.25 -28.80 36.66
N ARG E 56 -5.32 -29.59 36.67
CA ARG E 56 -6.32 -29.59 35.60
C ARG E 56 -7.52 -28.72 35.92
N GLU E 57 -7.33 -27.65 36.69
CA GLU E 57 -8.42 -26.76 37.07
C GLU E 57 -8.09 -25.29 36.95
N ASP E 58 -6.82 -24.92 36.85
CA ASP E 58 -6.41 -23.52 36.73
C ASP E 58 -6.05 -23.25 35.28
N ASN E 59 -6.54 -22.12 34.75
CA ASN E 59 -6.38 -21.84 33.33
C ASN E 59 -4.97 -21.36 33.00
N SER E 60 -4.34 -20.59 33.90
CA SER E 60 -2.97 -20.16 33.66
C SER E 60 -2.03 -21.37 33.60
N VAL E 61 -2.23 -22.32 34.51
CA VAL E 61 -1.40 -23.52 34.53
C VAL E 61 -1.56 -24.28 33.21
N ILE E 62 -2.80 -24.46 32.76
CA ILE E 62 -3.04 -25.21 31.54
C ILE E 62 -2.48 -24.47 30.33
N SER E 63 -2.56 -23.14 30.33
CA SER E 63 -1.98 -22.38 29.23
C SER E 63 -0.48 -22.58 29.17
N ASP E 64 0.20 -22.50 30.32
CA ASP E 64 1.65 -22.71 30.33
C ASP E 64 2.01 -24.13 29.90
N ALA E 65 1.25 -25.13 30.39
CA ALA E 65 1.53 -26.51 30.02
C ALA E 65 1.35 -26.72 28.52
N ALA E 66 0.26 -26.21 27.96
CA ALA E 66 0.03 -26.38 26.54
C ALA E 66 1.09 -25.66 25.72
N ALA E 67 1.53 -24.49 26.18
CA ALA E 67 2.61 -23.80 25.47
C ALA E 67 3.88 -24.62 25.46
N PHE E 68 4.26 -25.17 26.61
CA PHE E 68 5.48 -25.98 26.65
C PHE E 68 5.35 -27.21 25.76
N LEU E 69 4.23 -27.91 25.85
CA LEU E 69 4.07 -29.12 25.04
C LEU E 69 4.09 -28.80 23.56
N PHE E 70 3.44 -27.70 23.16
CA PHE E 70 3.52 -27.29 21.77
C PHE E 70 4.95 -27.04 21.36
N LYS E 71 5.71 -26.33 22.18
CA LYS E 71 7.11 -26.13 21.84
C LYS E 71 7.83 -27.46 21.69
N MET E 72 7.53 -28.42 22.56
CA MET E 72 8.23 -29.70 22.53
C MET E 72 7.91 -30.45 21.25
N HIS E 73 6.68 -30.37 20.77
CA HIS E 73 6.30 -31.07 19.55
C HIS E 73 6.60 -30.29 18.29
N THR E 74 7.25 -29.12 18.40
CA THR E 74 7.76 -28.41 17.24
C THR E 74 9.28 -28.35 17.22
N HIS E 75 9.95 -29.13 18.05
CA HIS E 75 11.41 -29.17 18.10
C HIS E 75 11.99 -27.78 18.27
N SER E 76 11.31 -26.97 19.10
CA SER E 76 11.76 -25.62 19.40
C SER E 76 12.37 -25.52 20.78
N LEU E 77 12.39 -26.60 21.56
CA LEU E 77 13.06 -26.61 22.85
C LEU E 77 14.56 -26.79 22.65
N ASP E 78 15.32 -26.63 23.74
CA ASP E 78 16.76 -26.82 23.69
C ASP E 78 17.09 -28.29 23.49
N GLY E 79 18.10 -28.55 22.67
CA GLY E 79 18.59 -29.89 22.47
C GLY E 79 17.85 -30.72 21.45
N GLN E 80 16.91 -30.13 20.71
CA GLN E 80 16.19 -30.85 19.68
C GLN E 80 16.73 -30.51 18.31
N GLU E 81 16.30 -31.28 17.31
CA GLU E 81 16.85 -31.19 15.96
C GLU E 81 16.75 -29.77 15.42
N ALA E 82 17.53 -29.47 14.38
CA ALA E 82 17.60 -28.13 13.81
C ALA E 82 16.87 -28.10 12.48
N LYS E 83 16.06 -27.05 12.28
CA LYS E 83 15.26 -26.88 11.07
C LYS E 83 16.15 -26.20 10.03
N VAL E 84 17.09 -26.97 9.48
CA VAL E 84 18.16 -26.41 8.65
C VAL E 84 17.84 -26.62 7.17
N LEU E 85 16.58 -26.84 6.83
CA LEU E 85 16.24 -27.17 5.45
C LEU E 85 16.68 -26.05 4.50
N ARG E 86 16.27 -24.80 4.79
CA ARG E 86 16.65 -23.67 3.97
C ARG E 86 16.98 -22.45 4.82
N ALA E 87 17.47 -22.67 6.04
CA ALA E 87 17.67 -21.58 6.98
C ALA E 87 18.74 -20.62 6.50
N SER E 88 18.55 -19.34 6.83
CA SER E 88 19.56 -18.32 6.55
C SER E 88 20.70 -18.44 7.55
N GLU E 89 21.75 -17.64 7.33
CA GLU E 89 22.93 -17.71 8.18
C GLU E 89 22.58 -17.41 9.63
N LYS E 90 21.80 -16.35 9.87
CA LYS E 90 21.44 -16.01 11.25
C LYS E 90 20.54 -17.09 11.85
N LYS E 91 19.53 -17.54 11.10
CA LYS E 91 18.70 -18.63 11.58
C LYS E 91 19.51 -19.91 11.73
N ARG E 92 20.48 -20.12 10.84
CA ARG E 92 21.36 -21.27 10.96
C ARG E 92 22.10 -21.24 12.30
N GLU E 93 22.68 -20.10 12.65
CA GLU E 93 23.37 -19.98 13.93
C GLU E 93 22.40 -20.19 15.08
N ARG E 94 21.21 -19.60 15.00
CA ARG E 94 20.24 -19.72 16.07
C ARG E 94 19.89 -21.19 16.32
N GLU E 95 19.55 -21.92 15.25
CA GLU E 95 19.16 -23.32 15.41
C GLU E 95 20.34 -24.18 15.83
N ASN E 96 21.54 -23.88 15.34
CA ASN E 96 22.70 -24.64 15.77
C ASN E 96 22.97 -24.46 17.25
N ALA E 97 22.87 -23.23 17.74
CA ALA E 97 23.04 -22.98 19.17
C ALA E 97 21.96 -23.67 19.97
N LYS E 98 20.71 -23.63 19.49
CA LYS E 98 19.63 -24.31 20.19
C LYS E 98 19.90 -25.80 20.30
N LYS E 99 20.29 -26.42 19.18
CA LYS E 99 20.58 -27.85 19.20
C LYS E 99 21.74 -28.17 20.14
N SER E 100 22.80 -27.35 20.09
CA SER E 100 23.93 -27.57 20.99
C SER E 100 23.57 -27.26 22.43
N ARG E 101 22.65 -26.33 22.65
CA ARG E 101 22.29 -25.93 24.01
C ARG E 101 21.75 -27.13 24.78
N LYS E 102 22.11 -27.20 26.06
CA LYS E 102 21.66 -28.30 26.90
C LYS E 102 20.14 -28.35 26.95
N ALA E 103 19.61 -29.56 26.89
CA ALA E 103 18.16 -29.74 26.90
C ALA E 103 17.61 -29.51 28.31
N PRO E 104 16.32 -29.23 28.42
CA PRO E 104 15.72 -29.05 29.75
C PRO E 104 15.91 -30.28 30.61
N GLU E 105 16.09 -30.06 31.90
CA GLU E 105 16.35 -31.13 32.86
C GLU E 105 15.19 -31.26 33.83
N ALA E 106 15.03 -32.47 34.36
CA ALA E 106 13.98 -32.72 35.33
C ALA E 106 14.12 -31.77 36.51
N GLY E 107 12.99 -31.27 36.99
CA GLY E 107 12.97 -30.29 38.05
C GLY E 107 12.97 -28.85 37.58
N MET E 108 13.02 -28.61 36.28
CA MET E 108 12.91 -27.26 35.76
C MET E 108 11.53 -26.69 36.05
N ARG E 109 11.49 -25.38 36.30
CA ARG E 109 10.24 -24.67 36.57
C ARG E 109 9.77 -24.02 35.28
N VAL E 110 8.65 -24.50 34.75
CA VAL E 110 8.03 -23.93 33.56
C VAL E 110 6.86 -23.10 34.05
N GLY E 111 6.95 -21.80 33.90
CA GLY E 111 5.90 -20.89 34.34
C GLY E 111 5.98 -20.65 35.84
N ARG E 112 4.94 -21.02 36.55
CA ARG E 112 4.85 -20.76 37.99
C ARG E 112 4.56 -21.99 38.82
N SER E 113 3.73 -22.92 38.31
CA SER E 113 3.30 -24.06 39.11
C SER E 113 3.44 -25.37 38.33
N LEU E 114 4.42 -25.46 37.44
CA LEU E 114 4.68 -26.67 36.67
C LEU E 114 6.15 -27.03 36.78
N ILE E 115 6.43 -28.28 37.16
CA ILE E 115 7.79 -28.76 37.33
C ILE E 115 7.96 -30.02 36.48
N LEU E 116 9.02 -30.05 35.69
CA LEU E 116 9.29 -31.20 34.83
C LEU E 116 9.75 -32.40 35.66
N THR E 117 9.47 -33.58 35.13
CA THR E 117 9.87 -34.84 35.75
C THR E 117 10.96 -35.50 34.90
N SER E 118 11.40 -36.67 35.35
CA SER E 118 12.41 -37.43 34.61
C SER E 118 11.85 -38.10 33.37
N ARG E 119 10.56 -38.45 33.37
CA ARG E 119 9.95 -39.14 32.24
C ARG E 119 9.79 -38.24 31.03
N TRP E 120 10.00 -36.92 31.17
CA TRP E 120 9.76 -36.02 30.05
C TRP E 120 10.70 -36.30 28.89
N THR E 121 11.96 -36.63 29.17
CA THR E 121 12.88 -36.99 28.09
C THR E 121 12.39 -38.23 27.36
N GLU E 122 11.92 -39.23 28.10
CA GLU E 122 11.43 -40.45 27.47
C GLU E 122 10.20 -40.17 26.61
N TYR E 123 9.26 -39.39 27.13
CA TYR E 123 8.09 -39.05 26.33
C TYR E 123 8.47 -38.28 25.08
N CYS E 124 9.38 -37.31 25.22
CA CYS E 124 9.84 -36.57 24.05
C CYS E 124 10.42 -37.51 23.01
N ALA E 125 11.30 -38.43 23.44
CA ALA E 125 11.93 -39.34 22.49
C ALA E 125 10.91 -40.24 21.82
N THR E 126 9.96 -40.77 22.59
CA THR E 126 9.09 -41.82 22.08
C THR E 126 7.89 -41.28 21.28
N CYS E 127 7.39 -40.09 21.61
CA CYS E 127 6.18 -39.57 20.99
C CYS E 127 6.43 -38.44 20.00
N VAL E 128 7.49 -37.65 20.19
CA VAL E 128 7.77 -36.55 19.28
C VAL E 128 8.17 -37.14 17.92
N PRO E 129 7.46 -36.82 16.84
CA PRO E 129 7.93 -37.27 15.52
C PRO E 129 9.31 -36.74 15.21
N ALA E 130 10.10 -37.54 14.51
CA ALA E 130 11.43 -37.08 14.09
C ALA E 130 11.31 -35.89 13.16
N LEU E 131 12.17 -34.89 13.40
CA LEU E 131 12.08 -33.64 12.65
C LEU E 131 11.96 -33.90 11.17
N GLY E 132 11.01 -33.23 10.53
CA GLY E 132 10.74 -33.39 9.12
C GLY E 132 9.84 -34.54 8.76
N SER E 133 9.41 -35.34 9.75
CA SER E 133 8.53 -36.46 9.45
C SER E 133 7.26 -35.97 8.79
N LYS E 134 6.82 -36.71 7.76
CA LYS E 134 5.61 -36.39 7.03
C LYS E 134 4.62 -37.53 7.15
N MET E 135 3.34 -37.18 7.26
CA MET E 135 2.31 -38.21 7.43
C MET E 135 2.27 -39.14 6.23
N LYS E 136 2.53 -38.62 5.03
CA LYS E 136 2.48 -39.46 3.84
C LYS E 136 3.50 -40.59 3.92
N VAL E 137 4.72 -40.28 4.36
CA VAL E 137 5.76 -41.31 4.45
C VAL E 137 5.38 -42.36 5.48
N ILE E 138 4.88 -41.93 6.64
CA ILE E 138 4.49 -42.89 7.68
C ILE E 138 3.38 -43.79 7.17
N LYS E 139 2.39 -43.20 6.50
CA LYS E 139 1.29 -44.01 5.97
C LYS E 139 1.78 -44.99 4.92
N ALA E 140 2.69 -44.56 4.04
CA ALA E 140 3.22 -45.46 3.03
C ALA E 140 3.98 -46.60 3.66
N SER E 141 4.79 -46.31 4.67
CA SER E 141 5.55 -47.37 5.34
C SER E 141 4.63 -48.43 5.93
N GLY E 142 3.43 -48.04 6.35
CA GLY E 142 2.45 -48.97 6.86
C GLY E 142 2.58 -49.31 8.34
N ASP E 143 3.59 -48.77 9.02
CA ASP E 143 3.76 -49.05 10.44
C ASP E 143 2.58 -48.50 11.22
N ALA E 144 1.79 -49.38 11.83
CA ALA E 144 0.62 -48.93 12.59
C ALA E 144 1.02 -48.07 13.76
N ALA E 145 2.08 -48.45 14.48
CA ALA E 145 2.51 -47.68 15.65
C ALA E 145 2.88 -46.26 15.25
N MET E 146 3.65 -46.10 14.18
CA MET E 146 4.03 -44.77 13.74
C MET E 146 2.83 -43.96 13.25
N ILE E 147 1.89 -44.61 12.57
CA ILE E 147 0.69 -43.90 12.13
C ILE E 147 -0.09 -43.38 13.33
N GLN E 148 -0.27 -44.23 14.34
CA GLN E 148 -0.96 -43.80 15.55
C GLN E 148 -0.22 -42.68 16.25
N MET E 149 1.11 -42.77 16.31
CA MET E 149 1.89 -41.71 16.95
C MET E 149 1.74 -40.40 16.21
N MET E 150 1.75 -40.43 14.88
CA MET E 150 1.61 -39.21 14.11
C MET E 150 0.20 -38.62 14.27
N LYS E 151 -0.83 -39.47 14.30
CA LYS E 151 -2.17 -38.97 14.55
C LYS E 151 -2.27 -38.34 15.94
N ASP E 152 -1.65 -38.96 16.94
CA ASP E 152 -1.63 -38.38 18.28
C ASP E 152 -0.91 -37.03 18.27
N HIS E 153 0.20 -36.92 17.54
CA HIS E 153 0.90 -35.65 17.47
C HIS E 153 0.04 -34.59 16.81
N ASN E 154 -0.67 -34.94 15.75
CA ASN E 154 -1.55 -33.97 15.11
C ASN E 154 -2.64 -33.50 16.06
N SER E 155 -3.27 -34.44 16.77
CA SER E 155 -4.32 -34.05 17.71
C SER E 155 -3.76 -33.17 18.82
N LEU E 156 -2.57 -33.51 19.33
CA LEU E 156 -1.98 -32.69 20.38
C LEU E 156 -1.64 -31.29 19.87
N LEU E 157 -1.18 -31.19 18.62
CA LEU E 157 -0.93 -29.87 18.06
C LEU E 157 -2.21 -29.06 17.97
N ARG E 158 -3.30 -29.66 17.51
CA ARG E 158 -4.55 -28.92 17.40
C ARG E 158 -5.04 -28.47 18.78
N VAL E 159 -4.96 -29.36 19.78
CA VAL E 159 -5.39 -28.99 21.12
C VAL E 159 -4.55 -27.83 21.66
N CYS E 160 -3.22 -27.93 21.53
CA CYS E 160 -2.36 -26.91 22.10
C CYS E 160 -2.53 -25.58 21.38
N VAL E 161 -2.84 -25.62 20.09
CA VAL E 161 -3.08 -24.36 19.38
C VAL E 161 -4.39 -23.74 19.83
N ARG E 162 -5.43 -24.55 20.07
CA ARG E 162 -6.67 -23.98 20.58
C ARG E 162 -6.44 -23.32 21.94
N ILE E 163 -5.71 -23.99 22.83
CA ILE E 163 -5.45 -23.41 24.15
C ILE E 163 -4.63 -22.14 24.02
N GLU E 164 -3.64 -22.13 23.15
CA GLU E 164 -2.83 -20.93 22.96
C GLU E 164 -3.68 -19.77 22.46
N VAL E 165 -4.60 -20.03 21.53
CA VAL E 165 -5.43 -18.95 21.00
C VAL E 165 -6.34 -18.39 22.11
N TRP E 166 -6.95 -19.28 22.89
CA TRP E 166 -7.80 -18.79 23.96
C TRP E 166 -7.01 -17.96 24.97
N LYS E 167 -5.81 -18.40 25.32
CA LYS E 167 -5.02 -17.61 26.25
C LYS E 167 -4.61 -16.28 25.64
N ALA E 168 -4.39 -16.24 24.32
CA ALA E 168 -4.12 -14.97 23.68
C ALA E 168 -5.29 -14.02 23.86
N ARG E 169 -6.51 -14.51 23.63
CA ARG E 169 -7.69 -13.64 23.81
C ARG E 169 -7.87 -13.25 25.27
N TYR E 170 -7.55 -14.14 26.21
CA TYR E 170 -7.68 -13.80 27.61
C TYR E 170 -6.69 -12.73 28.03
N VAL E 171 -5.44 -12.85 27.61
CA VAL E 171 -4.45 -11.84 27.97
C VAL E 171 -4.76 -10.52 27.28
N SER E 172 -5.40 -10.58 26.11
CA SER E 172 -5.70 -9.36 25.38
C SER E 172 -6.78 -8.52 26.03
N LEU E 173 -7.47 -9.00 27.06
CA LEU E 173 -8.53 -8.20 27.68
C LEU E 173 -7.97 -7.07 28.52
N VAL E 174 -6.79 -7.25 29.13
CA VAL E 174 -6.28 -6.28 30.10
C VAL E 174 -4.96 -5.67 29.65
N ALA E 175 -4.39 -6.18 28.56
CA ALA E 175 -3.13 -5.64 28.05
C ALA E 175 -3.12 -5.82 26.54
N LEU E 176 -3.48 -4.76 25.81
CA LEU E 176 -3.50 -4.82 24.36
C LEU E 176 -2.08 -4.87 23.80
N ASP E 177 -1.92 -5.54 22.67
CA ASP E 177 -0.64 -5.61 22.01
C ASP E 177 -0.34 -4.28 21.33
N GLU E 178 0.93 -3.87 21.39
CA GLU E 178 1.29 -2.58 20.81
C GLU E 178 1.06 -2.55 19.31
N ARG E 179 1.11 -3.70 18.64
CA ARG E 179 0.90 -3.73 17.20
C ARG E 179 -0.51 -3.32 16.82
N ILE E 180 -1.45 -3.30 17.76
CA ILE E 180 -2.84 -2.97 17.47
C ILE E 180 -2.98 -1.45 17.63
N GLN E 181 -3.05 -0.75 16.50
CA GLN E 181 -3.33 0.67 16.48
C GLN E 181 -4.41 1.06 15.48
N THR E 182 -4.76 0.18 14.55
CA THR E 182 -5.78 0.46 13.55
C THR E 182 -6.60 -0.81 13.33
N LEU E 183 -7.80 -0.63 12.82
CA LEU E 183 -8.67 -1.77 12.56
C LEU E 183 -8.00 -2.76 11.62
N GLU E 184 -7.20 -2.26 10.67
CA GLU E 184 -6.45 -3.14 9.79
C GLU E 184 -5.56 -4.09 10.58
N ASP E 185 -4.84 -3.55 11.57
CA ASP E 185 -3.99 -4.39 12.40
C ASP E 185 -4.81 -5.36 13.25
N ALA E 186 -5.93 -4.88 13.81
CA ALA E 186 -6.75 -5.71 14.67
C ALA E 186 -7.52 -6.77 13.91
N GLN E 187 -7.54 -6.70 12.57
CA GLN E 187 -8.29 -7.67 11.79
C GLN E 187 -7.68 -9.07 11.85
N TRP E 188 -6.41 -9.20 12.24
CA TRP E 188 -5.71 -10.47 12.17
C TRP E 188 -5.42 -11.10 13.53
N PHE E 189 -5.80 -10.43 14.62
CA PHE E 189 -5.55 -11.00 15.94
C PHE E 189 -6.26 -12.35 16.05
N PRO E 190 -5.66 -13.34 16.74
CA PRO E 190 -4.39 -13.35 17.46
C PRO E 190 -3.19 -13.47 16.54
N TYR E 191 -2.04 -12.97 17.00
CA TYR E 191 -0.81 -13.00 16.22
C TYR E 191 0.05 -14.14 16.76
N LEU E 192 -0.05 -15.30 16.13
CA LEU E 192 0.59 -16.52 16.58
C LEU E 192 1.66 -16.96 15.59
N SER E 193 2.52 -17.87 16.05
CA SER E 193 3.60 -18.39 15.23
C SER E 193 3.05 -19.14 14.03
N GLY E 194 3.96 -19.51 13.13
CA GLY E 194 3.53 -20.16 11.89
C GLY E 194 2.92 -21.53 12.10
N ASP E 195 3.54 -22.35 12.94
CA ASP E 195 3.05 -23.71 13.14
C ASP E 195 1.66 -23.68 13.76
N SER E 196 1.40 -22.69 14.62
CA SER E 196 0.05 -22.54 15.17
C SER E 196 -0.95 -22.33 14.05
N TYR E 197 -0.63 -21.46 13.08
CA TYR E 197 -1.53 -21.28 11.95
C TYR E 197 -1.68 -22.57 11.17
N ARG E 198 -0.60 -23.32 11.02
CA ARG E 198 -0.67 -24.56 10.26
C ARG E 198 -1.65 -25.54 10.89
N ALA E 199 -1.59 -25.68 12.22
CA ALA E 199 -2.38 -26.72 12.87
C ALA E 199 -3.86 -26.39 12.89
N CYS E 200 -4.22 -25.15 13.24
CA CYS E 200 -5.61 -24.75 13.40
C CYS E 200 -5.86 -23.49 12.58
N PRO E 201 -6.21 -23.62 11.31
CA PRO E 201 -6.33 -22.42 10.45
C PRO E 201 -7.58 -21.61 10.74
N GLY E 202 -8.63 -22.21 11.29
CA GLY E 202 -9.88 -21.51 11.47
C GLY E 202 -9.93 -20.55 12.63
N LEU E 203 -8.93 -20.54 13.50
CA LEU E 203 -8.91 -19.68 14.67
C LEU E 203 -7.69 -18.77 14.73
N VAL E 204 -6.57 -19.18 14.14
CA VAL E 204 -5.31 -18.50 14.29
C VAL E 204 -5.16 -17.45 13.19
N GLY E 205 -4.86 -16.23 13.59
CA GLY E 205 -4.56 -15.19 12.62
C GLY E 205 -3.07 -14.97 12.53
N GLY E 206 -2.65 -13.72 12.40
CA GLY E 206 -1.24 -13.40 12.34
C GLY E 206 -0.76 -13.19 10.92
N TYR E 207 0.57 -13.09 10.80
CA TYR E 207 1.18 -12.86 9.50
C TYR E 207 0.81 -13.95 8.52
N PHE E 208 0.76 -15.20 8.98
CA PHE E 208 0.48 -16.30 8.06
C PHE E 208 -0.96 -16.27 7.57
N ALA E 209 -1.90 -15.95 8.45
CA ALA E 209 -3.28 -15.77 8.00
C ALA E 209 -3.39 -14.61 7.03
N LYS E 210 -2.67 -13.51 7.30
CA LYS E 210 -2.68 -12.38 6.38
C LYS E 210 -2.15 -12.78 5.00
N LYS E 211 -1.03 -13.51 4.99
CA LYS E 211 -0.44 -13.96 3.73
C LYS E 211 -1.40 -14.87 2.98
N ALA E 212 -2.05 -15.79 3.69
CA ALA E 212 -3.01 -16.66 3.04
C ALA E 212 -4.18 -15.87 2.46
N ALA E 213 -4.62 -14.83 3.18
CA ALA E 213 -5.70 -13.98 2.66
C ALA E 213 -5.20 -13.06 1.56
N ALA E 214 -4.02 -12.47 1.73
CA ALA E 214 -3.44 -11.59 0.73
C ALA E 214 -2.84 -12.42 -0.41
N GLY E 215 -3.72 -13.13 -1.12
CA GLY E 215 -3.30 -14.07 -2.15
C GLY E 215 -4.47 -14.82 -2.73
N GLU E 216 -4.38 -16.14 -2.78
CA GLU E 216 -5.43 -16.95 -3.41
C GLU E 216 -5.86 -18.03 -2.44
N ARG E 217 -7.12 -18.45 -2.58
CA ARG E 217 -7.71 -19.47 -1.73
C ARG E 217 -7.95 -20.72 -2.56
N GLY E 218 -7.52 -21.87 -2.03
CA GLY E 218 -7.73 -23.14 -2.66
C GLY E 218 -8.99 -23.84 -2.17
N LYS E 219 -9.07 -25.14 -2.48
CA LYS E 219 -10.21 -25.94 -2.06
C LYS E 219 -10.29 -26.10 -0.55
N ASN E 220 -9.19 -25.85 0.17
CA ASN E 220 -9.14 -26.08 1.61
C ASN E 220 -8.69 -24.82 2.33
N TYR E 221 -9.25 -23.67 1.96
CA TYR E 221 -8.93 -22.38 2.56
C TYR E 221 -9.95 -22.07 3.64
N LYS E 222 -9.47 -21.75 4.84
CA LYS E 222 -10.32 -21.51 5.99
C LYS E 222 -10.28 -20.04 6.37
N LYS E 223 -11.43 -19.51 6.76
CA LYS E 223 -11.57 -18.09 7.08
C LYS E 223 -11.32 -17.86 8.56
N LEU E 224 -10.44 -16.89 8.86
CA LEU E 224 -10.15 -16.54 10.24
C LEU E 224 -11.42 -16.10 10.95
N ASN E 225 -11.71 -16.73 12.09
CA ASN E 225 -12.89 -16.41 12.88
C ASN E 225 -12.40 -15.90 14.23
N GLN E 226 -12.17 -14.59 14.31
CA GLN E 226 -11.61 -14.02 15.53
C GLN E 226 -12.42 -14.39 16.76
N THR E 227 -13.74 -14.48 16.65
CA THR E 227 -14.62 -14.66 17.80
C THR E 227 -15.23 -16.06 17.85
N ALA E 228 -14.60 -17.04 17.23
CA ALA E 228 -15.08 -18.40 17.35
C ALA E 228 -15.06 -18.82 18.82
N ILE E 229 -16.08 -19.56 19.24
CA ILE E 229 -16.21 -19.95 20.63
C ILE E 229 -15.23 -21.10 20.90
N ILE E 230 -14.36 -20.90 21.88
CA ILE E 230 -13.40 -21.89 22.35
C ILE E 230 -13.69 -22.13 23.83
N PRO E 231 -13.99 -23.35 24.26
CA PRO E 231 -14.19 -23.59 25.68
C PRO E 231 -12.95 -23.17 26.46
N PRO E 232 -13.13 -22.61 27.65
CA PRO E 232 -11.97 -22.34 28.49
C PRO E 232 -11.11 -23.58 28.63
N PRO E 233 -9.81 -23.41 28.83
CA PRO E 233 -8.93 -24.60 28.85
C PRO E 233 -9.40 -25.67 29.82
N ARG E 234 -9.87 -25.27 31.00
CA ARG E 234 -10.33 -26.27 31.97
C ARG E 234 -11.49 -27.07 31.42
N PHE E 235 -12.28 -26.48 30.52
CA PHE E 235 -13.37 -27.21 29.87
C PHE E 235 -12.93 -27.87 28.56
N LEU E 236 -11.87 -27.35 27.93
CA LEU E 236 -11.46 -27.92 26.64
C LEU E 236 -10.73 -29.25 26.83
N ILE E 237 -9.91 -29.37 27.87
CA ILE E 237 -9.11 -30.59 28.05
C ILE E 237 -9.93 -31.75 28.58
N ILE E 238 -11.12 -31.50 29.13
CA ILE E 238 -12.00 -32.56 29.60
C ILE E 238 -13.21 -32.74 28.69
N GLY E 239 -13.26 -32.02 27.58
CA GLY E 239 -14.33 -32.18 26.61
C GLY E 239 -15.60 -31.46 26.94
N HIS E 240 -15.68 -30.78 28.08
CA HIS E 240 -16.87 -30.02 28.42
C HIS E 240 -17.08 -28.91 27.39
N ARG E 241 -18.29 -28.81 26.88
CA ARG E 241 -18.65 -27.77 25.91
C ARG E 241 -19.29 -26.61 26.63
N LEU E 242 -18.83 -25.40 26.33
CA LEU E 242 -19.41 -24.21 26.94
C LEU E 242 -20.89 -24.11 26.58
N GLN E 243 -21.72 -23.87 27.58
CA GLN E 243 -23.16 -23.71 27.39
C GLN E 243 -23.68 -22.80 28.49
N ILE E 244 -25.00 -22.76 28.67
CA ILE E 244 -25.61 -21.89 29.64
C ILE E 244 -25.74 -22.62 30.97
N GLY E 245 -25.47 -21.92 32.07
CA GLY E 245 -25.66 -22.47 33.40
C GLY E 245 -24.43 -23.07 34.04
N ASP E 246 -23.25 -22.88 33.46
CA ASP E 246 -22.01 -23.41 34.00
C ASP E 246 -21.11 -22.27 34.46
N GLN E 247 -20.69 -22.33 35.71
CA GLN E 247 -19.98 -21.23 36.33
C GLN E 247 -18.68 -20.95 35.59
N VAL E 248 -18.39 -19.66 35.39
CA VAL E 248 -17.17 -19.19 34.76
C VAL E 248 -16.83 -17.83 35.35
N THR E 249 -15.64 -17.33 35.04
CA THR E 249 -15.27 -15.96 35.37
C THR E 249 -15.63 -15.04 34.21
N LEU E 250 -15.80 -13.76 34.54
CA LEU E 250 -16.14 -12.79 33.50
C LEU E 250 -15.07 -12.76 32.42
N ARG E 251 -13.81 -12.59 32.83
CA ARG E 251 -12.73 -12.55 31.85
C ARG E 251 -12.63 -13.88 31.10
N GLU E 252 -12.83 -15.00 31.80
CA GLU E 252 -12.77 -16.28 31.13
C GLU E 252 -13.79 -16.36 29.99
N LEU E 253 -15.06 -16.08 30.29
CA LEU E 253 -16.08 -16.15 29.25
C LEU E 253 -15.79 -15.14 28.15
N LEU E 254 -15.39 -13.92 28.50
CA LEU E 254 -15.16 -12.91 27.48
C LEU E 254 -14.05 -13.33 26.55
N ALA E 255 -12.95 -13.86 27.08
CA ALA E 255 -11.91 -14.39 26.21
C ALA E 255 -12.44 -15.55 25.38
N SER E 256 -13.35 -16.33 25.94
CA SER E 256 -13.87 -17.47 25.20
C SER E 256 -14.66 -17.03 23.97
N ILE E 257 -15.48 -15.99 24.10
CA ILE E 257 -16.38 -15.60 23.00
C ILE E 257 -15.94 -14.36 22.25
N ALA E 258 -15.06 -13.54 22.83
CA ALA E 258 -14.62 -12.33 22.17
C ALA E 258 -13.21 -12.03 22.65
N TRP E 259 -12.69 -10.86 22.32
CA TRP E 259 -11.37 -10.48 22.77
C TRP E 259 -11.36 -9.01 23.15
N GLY E 260 -10.14 -8.45 23.27
CA GLY E 260 -9.99 -7.20 23.98
C GLY E 260 -10.72 -6.03 23.33
N LEU E 261 -10.71 -5.98 22.00
CA LEU E 261 -11.26 -4.84 21.29
C LEU E 261 -12.73 -4.99 20.94
N CYS E 262 -13.26 -6.20 20.96
CA CYS E 262 -14.66 -6.40 20.57
C CYS E 262 -15.58 -5.52 21.42
N ASP E 263 -16.82 -5.41 20.97
CA ASP E 263 -17.76 -4.51 21.62
C ASP E 263 -18.04 -4.96 23.04
N GLY E 264 -18.35 -3.99 23.90
CA GLY E 264 -18.63 -4.27 25.29
C GLY E 264 -19.96 -4.93 25.56
N VAL E 265 -20.88 -4.90 24.58
CA VAL E 265 -22.21 -5.46 24.79
C VAL E 265 -22.14 -6.94 25.14
N LEU E 266 -21.13 -7.64 24.62
CA LEU E 266 -21.01 -9.06 24.90
C LEU E 266 -20.89 -9.33 26.40
N ALA E 267 -20.49 -8.34 27.17
CA ALA E 267 -20.42 -8.52 28.62
C ALA E 267 -21.77 -8.95 29.20
N GLU E 268 -22.87 -8.60 28.53
CA GLU E 268 -24.18 -8.98 29.01
C GLU E 268 -24.39 -10.49 28.98
N CYS E 269 -23.55 -11.24 28.27
CA CYS E 269 -23.68 -12.69 28.24
C CYS E 269 -23.32 -13.35 29.55
N TRP E 270 -22.76 -12.60 30.50
CA TRP E 270 -22.42 -13.12 31.81
C TRP E 270 -23.23 -12.40 32.88
N SER E 271 -23.54 -13.12 33.95
CA SER E 271 -24.26 -12.53 35.07
C SER E 271 -23.61 -12.97 36.38
N PRO E 272 -23.19 -12.05 37.24
CA PRO E 272 -22.55 -12.46 38.49
C PRO E 272 -23.49 -13.24 39.39
N SER E 273 -22.91 -14.14 40.17
CA SER E 273 -23.67 -14.96 41.12
C SER E 273 -23.85 -14.21 42.43
N GLN E 274 -24.45 -14.87 43.41
CA GLN E 274 -24.65 -14.27 44.72
C GLN E 274 -23.29 -13.93 45.34
N GLY E 275 -23.18 -12.71 45.86
CA GLY E 275 -21.95 -12.27 46.47
C GLY E 275 -20.80 -12.02 45.51
N ASP E 276 -21.06 -12.08 44.20
CA ASP E 276 -20.02 -11.85 43.20
C ASP E 276 -18.89 -12.86 43.38
N GLY E 277 -17.82 -12.47 44.09
CA GLY E 277 -16.71 -13.37 44.30
C GLY E 277 -15.92 -13.68 43.04
N SER E 278 -16.05 -12.86 42.02
CA SER E 278 -15.37 -13.01 40.73
C SER E 278 -15.87 -14.21 39.94
N ILE E 279 -16.85 -14.94 40.43
CA ILE E 279 -17.40 -16.11 39.75
C ILE E 279 -18.89 -15.91 39.58
N GLY E 280 -19.36 -15.91 38.34
CA GLY E 280 -20.77 -15.76 38.03
C GLY E 280 -21.27 -16.95 37.26
N VAL E 281 -22.03 -16.68 36.20
CA VAL E 281 -22.59 -17.74 35.37
C VAL E 281 -22.83 -17.21 33.97
N VAL E 282 -22.84 -18.12 33.00
CA VAL E 282 -23.16 -17.79 31.63
C VAL E 282 -24.66 -17.79 31.45
N VAL E 283 -25.19 -16.72 30.85
CA VAL E 283 -26.62 -16.63 30.57
C VAL E 283 -26.91 -16.70 29.07
N GLY E 284 -25.90 -16.71 28.23
CA GLY E 284 -26.12 -16.82 26.80
C GLY E 284 -24.80 -16.77 26.06
N LEU E 285 -24.84 -17.23 24.81
CA LEU E 285 -23.67 -17.24 23.94
C LEU E 285 -24.04 -16.51 22.66
N PRO E 286 -23.22 -15.57 22.19
CA PRO E 286 -23.63 -14.76 21.04
C PRO E 286 -23.87 -15.62 19.82
N LEU E 287 -24.89 -15.24 19.05
CA LEU E 287 -25.20 -15.94 17.81
C LEU E 287 -24.48 -15.25 16.66
N GLN E 288 -23.54 -15.95 16.04
CA GLN E 288 -22.72 -15.37 14.99
C GLN E 288 -23.55 -15.21 13.72
N ALA E 289 -23.66 -13.98 13.24
CA ALA E 289 -24.44 -13.73 12.04
C ALA E 289 -23.80 -14.40 10.83
N THR E 290 -24.65 -14.78 9.87
CA THR E 290 -24.15 -15.39 8.65
C THR E 290 -23.59 -14.34 7.71
N GLY E 291 -22.52 -14.69 7.00
CA GLY E 291 -21.91 -13.78 6.06
C GLY E 291 -22.88 -13.32 4.99
N SER E 292 -23.06 -12.01 4.87
CA SER E 292 -24.00 -11.42 3.90
C SER E 292 -23.50 -10.01 3.58
N CYS E 293 -22.84 -9.86 2.45
CA CYS E 293 -22.36 -8.55 2.04
C CYS E 293 -23.49 -7.73 1.44
N PHE E 294 -23.40 -6.40 1.64
CA PHE E 294 -24.42 -5.47 1.19
C PHE E 294 -23.85 -4.41 0.25
N LEU E 295 -22.76 -4.75 -0.45
CA LEU E 295 -22.17 -3.83 -1.41
C LEU E 295 -23.04 -3.75 -2.67
N VAL E 296 -22.93 -2.62 -3.37
CA VAL E 296 -23.45 -2.52 -4.73
C VAL E 296 -22.44 -1.73 -5.55
N VAL E 297 -21.66 -2.43 -6.36
CA VAL E 297 -20.58 -1.78 -7.09
C VAL E 297 -21.16 -0.87 -8.17
N ALA E 298 -20.38 0.13 -8.55
CA ALA E 298 -20.82 1.04 -9.60
C ALA E 298 -20.92 0.31 -10.93
N SER E 299 -21.94 0.65 -11.72
CA SER E 299 -22.08 0.06 -13.04
C SER E 299 -23.01 0.92 -13.87
N HIS E 300 -22.79 0.92 -15.19
CA HIS E 300 -23.67 1.61 -16.13
C HIS E 300 -23.86 3.07 -15.73
N GLY E 301 -22.82 3.66 -15.14
CA GLY E 301 -22.89 5.04 -14.70
C GLY E 301 -23.47 5.24 -13.31
N LEU E 302 -24.01 4.20 -12.69
CA LEU E 302 -24.46 4.33 -11.32
C LEU E 302 -23.26 4.56 -10.41
N SER E 303 -23.52 4.69 -9.12
CA SER E 303 -22.49 5.03 -8.15
C SER E 303 -22.38 3.97 -7.07
N ALA E 304 -21.16 3.70 -6.64
CA ALA E 304 -20.90 2.64 -5.68
C ALA E 304 -21.56 2.94 -4.35
N ILE E 305 -21.99 1.87 -3.67
CA ILE E 305 -22.59 1.95 -2.35
C ILE E 305 -21.79 1.07 -1.41
N ALA E 306 -21.38 1.63 -0.28
CA ALA E 306 -20.64 0.84 0.70
C ALA E 306 -21.56 -0.07 1.51
N ASP E 307 -22.82 0.30 1.65
CA ASP E 307 -23.77 -0.47 2.44
C ASP E 307 -25.18 -0.14 1.98
N SER E 308 -25.92 -1.15 1.54
CA SER E 308 -27.28 -0.92 1.04
C SER E 308 -28.19 -0.40 2.14
N ARG E 309 -28.10 -0.98 3.33
CA ARG E 309 -29.05 -0.68 4.40
C ARG E 309 -29.00 0.79 4.82
N ILE E 310 -27.79 1.34 4.97
CA ILE E 310 -27.65 2.66 5.58
C ILE E 310 -27.70 3.78 4.53
N GLU E 311 -27.30 3.49 3.29
CA GLU E 311 -27.20 4.54 2.28
C GLU E 311 -28.54 5.20 2.03
N GLY E 312 -29.60 4.40 1.93
CA GLY E 312 -30.92 4.91 1.59
C GLY E 312 -31.38 6.05 2.46
N THR E 313 -31.60 5.79 3.74
CA THR E 313 -32.09 6.81 4.65
C THR E 313 -30.97 7.69 5.22
N GLY E 314 -29.71 7.32 5.01
CA GLY E 314 -28.60 8.12 5.48
C GLY E 314 -28.34 8.03 6.97
N ASN E 315 -28.88 7.03 7.66
CA ASN E 315 -28.69 6.88 9.10
C ASN E 315 -27.28 6.31 9.34
N THR E 316 -26.30 7.21 9.29
CA THR E 316 -24.90 6.83 9.42
C THR E 316 -24.51 6.43 10.85
N ASN E 317 -25.36 6.68 11.83
CA ASN E 317 -25.02 6.35 13.21
C ASN E 317 -24.86 4.84 13.36
N LEU E 318 -23.85 4.44 14.14
CA LEU E 318 -23.52 3.03 14.35
C LEU E 318 -23.72 2.61 15.80
N LEU E 319 -24.51 3.37 16.55
CA LEU E 319 -24.79 3.06 17.94
C LEU E 319 -26.13 2.38 18.14
N GLU E 320 -26.81 1.97 17.06
CA GLU E 320 -28.10 1.31 17.16
C GLU E 320 -28.02 -0.18 16.86
N GLU E 321 -26.96 -0.64 16.20
CA GLU E 321 -26.87 -2.04 15.82
C GLU E 321 -26.93 -2.93 17.06
N CYS E 322 -27.66 -4.04 16.96
CA CYS E 322 -27.89 -4.94 18.08
C CYS E 322 -27.31 -6.31 17.78
N ILE E 323 -26.75 -6.93 18.81
CA ILE E 323 -26.17 -8.26 18.71
C ILE E 323 -27.21 -9.28 19.14
N ALA E 324 -27.02 -10.52 18.72
CA ALA E 324 -27.95 -11.61 19.01
C ALA E 324 -27.35 -12.50 20.09
N ILE E 325 -28.12 -12.72 21.15
CA ILE E 325 -27.71 -13.55 22.28
C ILE E 325 -28.72 -14.68 22.43
N GLN E 326 -28.21 -15.91 22.47
CA GLN E 326 -29.05 -17.10 22.65
C GLN E 326 -29.19 -17.36 24.14
N LYS E 327 -30.33 -17.01 24.71
CA LYS E 327 -30.59 -17.22 26.13
C LYS E 327 -31.26 -18.57 26.35
N GLN E 328 -31.53 -18.88 27.61
CA GLN E 328 -32.26 -20.10 27.93
C GLN E 328 -33.65 -20.07 27.33
N ASP E 329 -34.30 -18.91 27.33
CA ASP E 329 -35.65 -18.78 26.80
C ASP E 329 -35.64 -18.74 25.28
N GLY E 330 -34.97 -17.73 24.71
CA GLY E 330 -34.91 -17.60 23.28
C GLY E 330 -33.95 -16.51 22.87
N VAL E 331 -33.76 -16.39 21.55
CA VAL E 331 -32.86 -15.37 21.03
C VAL E 331 -33.35 -13.99 21.43
N ILE E 332 -32.44 -13.14 21.86
CA ILE E 332 -32.75 -11.75 22.20
C ILE E 332 -31.76 -10.86 21.49
N LYS E 333 -32.18 -9.62 21.23
CA LYS E 333 -31.33 -8.62 20.63
C LYS E 333 -30.92 -7.63 21.72
N CYS E 334 -29.62 -7.34 21.78
CA CYS E 334 -29.08 -6.42 22.78
C CYS E 334 -28.40 -5.26 22.06
N LYS E 335 -28.75 -4.04 22.46
CA LYS E 335 -28.17 -2.86 21.84
C LYS E 335 -26.69 -2.75 22.22
N ARG E 336 -25.88 -2.34 21.26
CA ARG E 336 -24.44 -2.24 21.50
C ARG E 336 -24.14 -1.04 22.39
N SER E 337 -23.01 -1.13 23.09
CA SER E 337 -22.58 -0.06 23.98
C SER E 337 -21.60 0.89 23.31
N GLY E 338 -20.95 0.47 22.22
CA GLY E 338 -20.04 1.32 21.50
C GLY E 338 -18.68 1.49 22.14
N LYS E 339 -18.39 0.75 23.21
CA LYS E 339 -17.12 0.85 23.91
C LYS E 339 -16.44 -0.52 23.97
N SER E 340 -15.12 -0.52 23.83
CA SER E 340 -14.37 -1.76 23.79
C SER E 340 -14.44 -2.49 25.13
N LEU E 341 -14.37 -3.82 25.07
CA LEU E 341 -14.33 -4.61 26.30
C LEU E 341 -13.12 -4.23 27.14
N TYR E 342 -12.00 -3.94 26.50
CA TYR E 342 -10.82 -3.53 27.26
C TYR E 342 -11.09 -2.24 28.03
N HIS E 343 -11.59 -1.21 27.33
CA HIS E 343 -11.88 0.05 28.00
C HIS E 343 -13.00 -0.11 29.03
N CYS E 344 -14.02 -0.92 28.71
CA CYS E 344 -15.10 -1.13 29.65
C CYS E 344 -14.59 -1.76 30.94
N LEU E 345 -13.77 -2.81 30.84
CA LEU E 345 -13.24 -3.43 32.04
C LEU E 345 -12.34 -2.47 32.80
N LYS E 346 -11.50 -1.71 32.07
CA LYS E 346 -10.62 -0.75 32.75
C LYS E 346 -11.43 0.27 33.53
N GLU E 347 -12.47 0.84 32.90
CA GLU E 347 -13.27 1.85 33.58
C GLU E 347 -14.03 1.26 34.75
N THR E 348 -14.63 0.08 34.58
CA THR E 348 -15.37 -0.54 35.66
C THR E 348 -14.48 -1.15 36.72
N ALA E 349 -13.17 -1.22 36.49
CA ALA E 349 -12.26 -1.75 37.49
C ALA E 349 -12.27 -0.91 38.77
N GLY E 350 -12.68 0.34 38.68
CA GLY E 350 -12.74 1.20 39.85
C GLY E 350 -13.13 2.63 39.51
N1 P5P F 1 -15.56 -34.08 5.62
C2 P5P F 1 -15.83 -35.13 6.41
N3 P5P F 1 -16.00 -35.17 7.73
C4 P5P F 1 -15.86 -33.94 8.27
C5 P5P F 1 -15.58 -32.77 7.59
C6 P5P F 1 -15.42 -32.86 6.19
N7 P5P F 1 -15.51 -31.70 8.47
C8 P5P F 1 -15.75 -32.24 9.64
N9 P5P F 1 -15.97 -33.59 9.59
C1' P5P F 1 -16.26 -34.51 10.69
C2' P5P F 1 -15.08 -35.41 11.02
O2' P5P F 1 -15.55 -36.66 11.50
C3' P5P F 1 -14.39 -34.63 12.14
O3' P5P F 1 -13.55 -35.42 12.95
C4' P5P F 1 -15.57 -34.04 12.89
O4' P5P F 1 -16.54 -33.74 11.85
C5' P5P F 1 -15.28 -32.79 13.69
O5' P5P F 1 -14.70 -31.77 12.89
P P5P F 1 -14.18 -30.41 13.55
OP1 P5P F 1 -13.28 -29.75 12.58
OP2 P5P F 1 -15.37 -29.68 14.08
N1 P5P F 2 -12.15 -34.23 3.02
C2 P5P F 2 -12.45 -35.53 3.16
N3 P5P F 2 -12.70 -36.23 4.26
C4 P5P F 2 -12.62 -35.44 5.34
C5 P5P F 2 -12.32 -34.09 5.37
C6 P5P F 2 -12.07 -33.47 4.13
N7 P5P F 2 -12.33 -33.60 6.67
C8 P5P F 2 -12.62 -34.65 7.39
N9 P5P F 2 -12.81 -35.80 6.66
C1' P5P F 2 -13.14 -37.14 7.17
C2' P5P F 2 -12.13 -38.20 6.73
O2' P5P F 2 -12.79 -39.44 6.58
C3' P5P F 2 -11.19 -38.21 7.92
O3' P5P F 2 -10.42 -39.40 8.02
C4' P5P F 2 -12.12 -38.00 9.09
O4' P5P F 2 -13.14 -37.10 8.57
C5' P5P F 2 -11.50 -37.40 10.33
O5' P5P F 2 -12.48 -36.93 11.23
P P5P F 2 -12.12 -35.90 12.40
OP1 P5P F 2 -11.43 -36.64 13.47
OP2 P5P F 2 -11.45 -34.73 11.77
N1 P5P F 3 -7.65 -30.92 3.57
C2 P5P F 3 -7.56 -31.81 2.57
N3 P5P F 3 -7.86 -33.11 2.57
C4 P5P F 3 -8.31 -33.49 3.78
C5 P5P F 3 -8.45 -32.69 4.90
C6 P5P F 3 -8.11 -31.34 4.77
N7 P5P F 3 -8.94 -33.44 5.97
C8 P5P F 3 -9.07 -34.64 5.47
N9 P5P F 3 -8.71 -34.75 4.15
C1' P5P F 3 -8.73 -35.97 3.32
C2' P5P F 3 -7.40 -36.21 2.61
O2' P5P F 3 -7.64 -36.90 1.39
C3' P5P F 3 -6.68 -37.10 3.61
O3' P5P F 3 -5.62 -37.86 3.04
C4' P5P F 3 -7.81 -37.96 4.15
O4' P5P F 3 -8.96 -37.07 4.17
C5' P5P F 3 -7.59 -38.54 5.53
O5' P5P F 3 -8.81 -38.92 6.14
P P5P F 3 -8.85 -39.38 7.67
OP1 P5P F 3 -8.34 -40.77 7.74
OP2 P5P F 3 -8.21 -38.31 8.48
N1 P5P F 4 -4.36 -29.56 5.69
C2 P5P F 4 -3.99 -29.47 4.41
N3 P5P F 4 -4.02 -30.40 3.45
C4 P5P F 4 -4.50 -31.56 3.94
C5 P5P F 4 -4.92 -31.81 5.23
C6 P5P F 4 -4.84 -30.74 6.15
N7 P5P F 4 -5.36 -33.11 5.37
C8 P5P F 4 -5.20 -33.63 4.18
N9 P5P F 4 -4.68 -32.74 3.26
C1' P5P F 4 -4.38 -33.01 1.83
C2' P5P F 4 -2.94 -32.67 1.46
O2' P5P F 4 -2.91 -32.21 0.12
C3' P5P F 4 -2.26 -34.03 1.59
O3' P5P F 4 -1.07 -34.14 0.84
C4' P5P F 4 -3.35 -34.99 1.12
O4' P5P F 4 -4.59 -34.37 1.58
C5' P5P F 4 -3.27 -36.40 1.62
O5' P5P F 4 -3.51 -36.48 3.02
P P5P F 4 -4.15 -37.79 3.67
OP1 P5P F 4 -3.38 -38.96 3.19
OP2 P5P F 4 -4.27 -37.56 5.13
N1 P5P F 5 -1.96 -30.94 8.48
C2 P5P F 5 -1.43 -29.78 8.09
N3 P5P F 5 -0.97 -29.43 6.89
C4 P5P F 5 -1.10 -30.44 6.02
C5 P5P F 5 -1.61 -31.69 6.28
C6 P5P F 5 -2.06 -31.94 7.58
N7 P5P F 5 -1.58 -32.48 5.14
C8 P5P F 5 -1.05 -31.70 4.23
N9 P5P F 5 -0.73 -30.45 4.70
C1' P5P F 5 -0.12 -29.35 3.92
C2' P5P F 5 1.41 -29.34 4.01
O2' P5P F 5 1.86 -28.00 3.96
C3' P5P F 5 1.78 -30.11 2.75
O3' P5P F 5 3.10 -29.83 2.29
C4' P5P F 5 0.72 -29.68 1.76
O4' P5P F 5 -0.47 -29.51 2.56
C5' P5P F 5 0.44 -30.65 0.64
O5' P5P F 5 -0.37 -31.73 1.08
P P5P F 5 0.20 -33.21 1.17
OP1 P5P F 5 1.19 -33.39 0.07
OP2 P5P F 5 0.62 -33.47 2.57
P Y5P F 6 4.38 -30.52 3.00
C5' Y5P F 6 4.94 -30.72 5.54
O5' Y5P F 6 3.97 -30.61 4.53
C4' Y5P F 6 4.52 -29.97 6.78
O4' Y5P F 6 3.12 -30.24 7.06
C3' Y5P F 6 5.24 -30.33 8.07
O3' Y5P F 6 6.47 -29.64 8.21
C2' Y5P F 6 4.23 -29.94 9.14
O2' Y5P F 6 4.29 -28.55 9.44
C1' Y5P F 6 2.89 -30.24 8.45
N1 Y5P F 6 2.33 -31.55 8.84
C2 Y5P F 6 1.90 -31.73 10.14
N3 Y5P F 6 1.37 -32.96 10.42
C4 Y5P F 6 1.21 -34.01 9.54
C6 Y5P F 6 2.19 -32.56 7.91
OP1 Y5P F 6 5.52 -29.57 2.89
OP2 Y5P F 6 4.51 -31.90 2.46
C5 Y5P F 6 1.67 -33.76 8.21
P Y5P F 7 7.87 -30.37 7.87
C5' Y5P F 7 8.89 -28.56 9.47
O5' Y5P F 7 8.96 -29.27 8.23
C4' Y5P F 7 10.19 -27.86 9.79
O4' Y5P F 7 11.24 -28.85 9.93
C3' Y5P F 7 10.67 -26.85 8.74
O3' Y5P F 7 11.31 -25.76 9.38
C2' Y5P F 7 11.70 -27.66 7.96
O2' Y5P F 7 12.68 -26.88 7.30
C1' Y5P F 7 12.31 -28.52 9.06
N1 Y5P F 7 12.96 -29.76 8.61
C2 Y5P F 7 12.22 -30.68 7.89
N3 Y5P F 7 12.91 -31.80 7.51
C4 Y5P F 7 14.23 -32.10 7.77
C6 Y5P F 7 14.27 -30.00 8.90
OP1 Y5P F 7 7.93 -30.61 6.41
OP2 Y5P F 7 8.03 -31.50 8.81
C5 Y5P F 7 14.93 -31.10 8.53
N1 P5P F 8 3.33 -22.58 7.60
C2 P5P F 8 4.51 -22.41 8.19
N3 P5P F 8 5.66 -22.00 7.68
C4 P5P F 8 5.55 -21.75 6.37
C5 P5P F 8 4.40 -21.89 5.61
C6 P5P F 8 3.24 -22.32 6.28
N7 P5P F 8 4.64 -21.54 4.28
C8 P5P F 8 5.91 -21.21 4.28
N9 P5P F 8 6.53 -21.30 5.49
C1' P5P F 8 7.94 -21.02 5.77
C2' P5P F 8 8.21 -20.34 7.12
O2' P5P F 8 8.03 -18.95 7.06
C3' P5P F 8 9.64 -20.78 7.40
O3' P5P F 8 10.56 -19.94 6.71
C4' P5P F 8 9.69 -22.20 6.81
O4' P5P F 8 8.64 -22.24 5.80
C5' P5P F 8 9.44 -23.31 7.80
O5' P5P F 8 10.52 -23.45 8.71
P P5P F 8 10.44 -24.51 9.90
OP1 P5P F 8 11.12 -23.91 11.07
OP2 P5P F 8 9.03 -24.96 10.02
N1 P5P F 9 6.26 -14.51 9.36
C2 P5P F 9 7.00 -13.67 8.63
N3 P5P F 9 8.32 -13.64 8.45
C4 P5P F 9 8.90 -14.65 9.14
C5 P5P F 9 8.27 -15.59 9.92
C6 P5P F 9 6.88 -15.50 10.02
N7 P5P F 9 9.20 -16.48 10.46
C8 P5P F 9 10.35 -16.05 10.00
N9 P5P F 9 10.24 -14.93 9.20
C1' P5P F 9 11.30 -14.21 8.47
C2' P5P F 9 12.66 -14.33 9.15
O2' P5P F 9 13.45 -13.21 8.79
C3' P5P F 9 13.21 -15.60 8.51
O3' P5P F 9 14.62 -15.68 8.54
C4' P5P F 9 12.65 -15.53 7.09
O4' P5P F 9 11.41 -14.81 7.20
C5' P5P F 9 12.40 -16.87 6.44
O5' P5P F 9 11.48 -17.64 7.20
P P5P F 9 11.73 -19.18 7.50
OP1 P5P F 9 13.02 -19.58 6.89
OP2 P5P F 9 11.53 -19.39 8.96
P Y5P F 10 15.40 -15.82 9.94
C5' Y5P F 10 15.81 -13.26 10.36
O5' Y5P F 10 15.12 -14.46 10.71
C4' Y5P F 10 15.06 -12.04 10.83
O4' Y5P F 10 13.66 -12.17 10.45
C3' Y5P F 10 15.01 -11.82 12.34
O3' Y5P F 10 16.16 -11.17 12.83
C2' Y5P F 10 13.72 -11.04 12.53
O2' Y5P F 10 13.93 -9.66 12.26
C1' Y5P F 10 12.83 -11.62 11.43
N1 Y5P F 10 11.93 -12.69 11.94
C2 Y5P F 10 10.59 -12.60 11.63
N3 Y5P F 10 9.80 -13.61 12.12
C4 Y5P F 10 10.21 -14.67 12.90
C6 Y5P F 10 12.40 -13.73 12.72
OP1 Y5P F 10 16.85 -15.88 9.64
OP2 Y5P F 10 14.76 -16.92 10.71
C5 Y5P F 10 11.60 -14.70 13.19
N GLU G 34 34.84 13.21 35.16
CA GLU G 34 34.07 14.45 35.16
C GLU G 34 32.89 14.36 34.21
N LEU G 35 33.05 13.57 33.14
CA LEU G 35 32.02 13.36 32.15
C LEU G 35 31.94 11.88 31.82
N PRO G 36 30.78 11.39 31.39
CA PRO G 36 30.68 10.00 30.95
C PRO G 36 31.61 9.72 29.78
N ARG G 37 31.75 8.43 29.45
CA ARG G 37 32.63 8.04 28.35
C ARG G 37 32.14 8.61 27.03
N ASN G 38 30.83 8.58 26.78
CA ASN G 38 30.31 9.05 25.51
C ASN G 38 30.56 10.54 25.32
N LEU G 39 30.21 11.34 26.33
CA LEU G 39 30.43 12.78 26.23
C LEU G 39 31.91 13.11 26.12
N GLU G 40 32.75 12.43 26.92
CA GLU G 40 34.18 12.68 26.87
C GLU G 40 34.75 12.36 25.50
N VAL G 41 34.36 11.22 24.92
CA VAL G 41 34.91 10.84 23.63
C VAL G 41 34.41 11.78 22.54
N PHE G 42 33.13 12.20 22.62
CA PHE G 42 32.63 13.16 21.65
C PHE G 42 33.40 14.47 21.72
N ASN G 43 33.64 14.97 22.93
CA ASN G 43 34.39 16.21 23.09
C ASN G 43 35.81 16.05 22.56
N GLU G 44 36.46 14.94 22.87
CA GLU G 44 37.83 14.71 22.41
C GLU G 44 37.88 14.68 20.90
N ALA G 45 36.96 13.94 20.27
CA ALA G 45 36.95 13.84 18.81
C ALA G 45 36.69 15.19 18.17
N CYS G 46 35.70 15.93 18.68
CA CYS G 46 35.40 17.24 18.12
C CYS G 46 36.60 18.18 18.24
N GLY G 47 37.22 18.21 19.41
CA GLY G 47 38.38 19.07 19.58
C GLY G 47 39.51 18.71 18.66
N HIS G 48 39.84 17.42 18.59
CA HIS G 48 40.95 16.99 17.72
C HIS G 48 40.66 17.33 16.27
N VAL G 49 39.42 17.14 15.83
CA VAL G 49 39.10 17.36 14.43
C VAL G 49 39.11 18.85 14.09
N PHE G 50 38.53 19.68 14.95
CA PHE G 50 38.23 21.07 14.59
C PHE G 50 39.08 22.10 15.31
N GLY G 51 40.13 21.70 16.03
CA GLY G 51 40.96 22.70 16.64
C GLY G 51 40.18 23.53 17.65
N SER G 52 40.58 24.80 17.77
CA SER G 52 39.87 25.73 18.63
C SER G 52 38.66 26.35 17.95
N SER G 53 38.48 26.13 16.65
CA SER G 53 37.36 26.72 15.92
C SER G 53 36.02 26.20 16.42
N PHE G 54 35.99 25.02 17.03
CA PHE G 54 34.74 24.42 17.50
C PHE G 54 34.22 25.20 18.69
N ASN G 55 33.11 25.91 18.49
CA ASN G 55 32.45 26.63 19.57
C ASN G 55 31.58 25.65 20.35
N ARG G 56 31.77 25.60 21.67
CA ARG G 56 31.06 24.65 22.50
C ARG G 56 29.70 25.16 22.98
N GLU G 57 29.37 26.43 22.73
CA GLU G 57 28.13 27.02 23.19
C GLU G 57 27.20 27.40 22.05
N ASP G 58 27.52 27.02 20.82
CA ASP G 58 26.69 27.30 19.65
C ASP G 58 26.05 26.00 19.19
N ASN G 59 24.72 25.97 19.19
CA ASN G 59 24.01 24.74 18.82
C ASN G 59 24.25 24.38 17.37
N SER G 60 24.24 25.38 16.48
CA SER G 60 24.47 25.11 15.06
C SER G 60 25.87 24.54 14.84
N VAL G 61 26.87 25.12 15.51
CA VAL G 61 28.24 24.63 15.36
C VAL G 61 28.35 23.19 15.86
N ILE G 62 27.72 22.91 17.00
CA ILE G 62 27.78 21.55 17.55
C ILE G 62 27.10 20.57 16.59
N SER G 63 25.95 20.95 16.03
CA SER G 63 25.25 20.08 15.10
C SER G 63 26.09 19.83 13.85
N ASP G 64 26.74 20.88 13.33
CA ASP G 64 27.59 20.71 12.15
C ASP G 64 28.76 19.78 12.45
N ALA G 65 29.40 19.96 13.62
CA ALA G 65 30.51 19.10 13.99
C ALA G 65 30.05 17.65 14.15
N ALA G 66 28.88 17.45 14.76
CA ALA G 66 28.36 16.10 14.92
C ALA G 66 28.06 15.46 13.56
N ALA G 67 27.49 16.23 12.65
CA ALA G 67 27.21 15.70 11.31
C ALA G 67 28.51 15.33 10.60
N PHE G 68 29.52 16.18 10.70
CA PHE G 68 30.80 15.87 10.07
C PHE G 68 31.42 14.61 10.66
N LEU G 69 31.37 14.48 11.99
CA LEU G 69 31.92 13.30 12.65
C LEU G 69 31.15 12.04 12.24
N PHE G 70 29.83 12.15 12.14
CA PHE G 70 29.02 11.01 11.71
C PHE G 70 29.37 10.60 10.28
N LYS G 71 29.56 11.58 9.40
CA LYS G 71 29.98 11.27 8.03
C LYS G 71 31.36 10.60 8.02
N MET G 72 32.28 11.10 8.84
CA MET G 72 33.62 10.52 8.87
C MET G 72 33.59 9.07 9.36
N HIS G 73 32.96 8.85 10.51
CA HIS G 73 32.92 7.51 11.09
C HIS G 73 32.08 6.54 10.26
N THR G 74 31.21 7.04 9.38
CA THR G 74 30.41 6.21 8.50
C THR G 74 31.10 5.97 7.16
N HIS G 75 32.32 6.48 6.99
CA HIS G 75 33.06 6.33 5.73
C HIS G 75 32.30 6.95 4.55
N SER G 76 31.53 8.00 4.82
CA SER G 76 30.77 8.69 3.80
C SER G 76 31.52 9.87 3.20
N LEU G 77 32.71 10.19 3.72
CA LEU G 77 33.49 11.29 3.18
C LEU G 77 34.34 10.81 1.98
N ASP G 78 34.88 11.77 1.25
CA ASP G 78 35.67 11.45 0.07
C ASP G 78 36.97 10.75 0.46
N GLY G 79 37.34 9.76 -0.34
CA GLY G 79 38.60 9.07 -0.15
C GLY G 79 38.59 7.95 0.87
N GLN G 80 37.43 7.57 1.39
CA GLN G 80 37.33 6.52 2.38
C GLN G 80 36.94 5.20 1.72
N GLU G 81 36.93 4.12 2.52
CA GLU G 81 36.71 2.79 1.98
C GLU G 81 35.36 2.70 1.27
N ALA G 82 35.36 1.98 0.15
CA ALA G 82 34.16 1.80 -0.65
C ALA G 82 33.34 0.64 -0.12
N LYS G 83 32.03 0.87 0.02
CA LYS G 83 31.10 -0.15 0.50
C LYS G 83 30.59 -0.92 -0.72
N VAL G 84 31.13 -2.12 -0.94
CA VAL G 84 30.85 -2.89 -2.14
C VAL G 84 30.43 -4.32 -1.84
N LEU G 85 30.22 -4.68 -0.57
CA LEU G 85 29.88 -6.05 -0.22
C LEU G 85 28.71 -6.57 -1.06
N ARG G 86 27.55 -5.91 -0.96
CA ARG G 86 26.36 -6.28 -1.71
C ARG G 86 25.87 -5.11 -2.56
N ALA G 87 26.74 -4.14 -2.82
CA ALA G 87 26.34 -2.96 -3.56
C ALA G 87 25.97 -3.32 -5.00
N SER G 88 24.90 -2.69 -5.50
CA SER G 88 24.54 -2.82 -6.89
C SER G 88 25.46 -1.96 -7.76
N GLU G 89 25.40 -2.19 -9.07
CA GLU G 89 26.35 -1.54 -9.98
C GLU G 89 26.35 -0.03 -9.79
N LYS G 90 25.17 0.58 -9.62
CA LYS G 90 25.13 2.02 -9.39
C LYS G 90 25.80 2.40 -8.08
N LYS G 91 25.52 1.64 -7.01
CA LYS G 91 26.17 1.89 -5.73
C LYS G 91 27.66 1.63 -5.83
N ARG G 92 28.07 0.58 -6.56
CA ARG G 92 29.48 0.32 -6.75
C ARG G 92 30.16 1.51 -7.43
N GLU G 93 29.53 2.05 -8.48
CA GLU G 93 30.09 3.20 -9.17
C GLU G 93 30.18 4.42 -8.25
N ARG G 94 29.13 4.66 -7.46
CA ARG G 94 29.14 5.82 -6.57
C ARG G 94 30.24 5.69 -5.53
N GLU G 95 30.38 4.50 -4.94
CA GLU G 95 31.43 4.30 -3.94
C GLU G 95 32.81 4.42 -4.56
N ASN G 96 33.00 3.89 -5.77
CA ASN G 96 34.29 4.01 -6.43
C ASN G 96 34.61 5.47 -6.73
N ALA G 97 33.62 6.25 -7.18
CA ALA G 97 33.83 7.66 -7.43
C ALA G 97 34.20 8.39 -6.15
N LYS G 98 33.51 8.08 -5.05
CA LYS G 98 33.84 8.72 -3.77
C LYS G 98 35.27 8.37 -3.36
N LYS G 99 35.65 7.10 -3.50
CA LYS G 99 36.99 6.68 -3.12
C LYS G 99 38.05 7.39 -3.97
N SER G 100 37.82 7.47 -5.28
CA SER G 100 38.77 8.13 -6.16
C SER G 100 38.82 9.63 -5.89
N ARG G 101 37.70 10.23 -5.49
CA ARG G 101 37.69 11.65 -5.21
C ARG G 101 38.64 11.97 -4.06
N LYS G 102 39.34 13.09 -4.18
CA LYS G 102 40.29 13.48 -3.14
C LYS G 102 39.58 13.71 -1.82
N ALA G 103 40.19 13.26 -0.74
CA ALA G 103 39.63 13.46 0.58
C ALA G 103 39.71 14.94 0.97
N PRO G 104 38.90 15.37 1.93
CA PRO G 104 38.94 16.79 2.32
C PRO G 104 40.34 17.21 2.73
N GLU G 105 40.70 18.42 2.33
CA GLU G 105 42.01 18.98 2.62
C GLU G 105 41.97 19.76 3.93
N ALA G 106 43.13 19.88 4.57
CA ALA G 106 43.22 20.61 5.82
C ALA G 106 42.84 22.07 5.60
N GLY G 107 42.16 22.65 6.59
CA GLY G 107 41.71 24.02 6.52
C GLY G 107 40.40 24.21 5.77
N MET G 108 39.78 23.13 5.29
CA MET G 108 38.52 23.26 4.58
C MET G 108 37.45 23.79 5.53
N ARG G 109 36.59 24.67 5.01
CA ARG G 109 35.51 25.22 5.80
C ARG G 109 34.39 24.20 5.95
N VAL G 110 33.95 23.98 7.19
CA VAL G 110 32.85 23.09 7.50
C VAL G 110 31.68 23.94 7.98
N GLY G 111 30.53 23.76 7.34
CA GLY G 111 29.35 24.53 7.70
C GLY G 111 29.56 26.03 7.55
N ARG G 112 29.57 26.74 8.67
CA ARG G 112 29.73 28.19 8.68
C ARG G 112 30.97 28.64 9.43
N SER G 113 31.15 28.18 10.67
CA SER G 113 32.26 28.61 11.52
C SER G 113 33.03 27.41 12.05
N LEU G 114 33.23 26.39 11.22
CA LEU G 114 34.04 25.23 11.57
C LEU G 114 35.08 25.04 10.49
N ILE G 115 36.34 24.88 10.89
CA ILE G 115 37.46 24.71 9.98
C ILE G 115 38.26 23.49 10.43
N LEU G 116 38.55 22.60 9.48
CA LEU G 116 39.34 21.41 9.78
C LEU G 116 40.79 21.78 10.09
N THR G 117 41.39 21.04 11.00
CA THR G 117 42.80 21.19 11.32
C THR G 117 43.64 20.24 10.48
N SER G 118 44.95 20.47 10.49
CA SER G 118 45.88 19.62 9.75
C SER G 118 46.02 18.24 10.38
N ARG G 119 45.52 18.04 11.59
CA ARG G 119 45.67 16.77 12.31
C ARG G 119 44.39 15.95 12.30
N TRP G 120 43.37 16.36 11.54
CA TRP G 120 42.14 15.57 11.46
C TRP G 120 42.38 14.25 10.75
N THR G 121 43.30 14.20 9.78
CA THR G 121 43.56 12.97 9.05
C THR G 121 44.13 11.90 9.98
N GLU G 122 45.00 12.30 10.92
CA GLU G 122 45.55 11.33 11.86
C GLU G 122 44.45 10.70 12.69
N TYR G 123 43.53 11.53 13.21
CA TYR G 123 42.43 10.99 14.01
C TYR G 123 41.53 10.09 13.15
N CYS G 124 41.27 10.50 11.91
CA CYS G 124 40.43 9.67 11.04
C CYS G 124 41.07 8.31 10.80
N ALA G 125 42.38 8.28 10.57
CA ALA G 125 43.06 7.02 10.33
C ALA G 125 43.16 6.17 11.59
N THR G 126 43.24 6.82 12.76
CA THR G 126 43.48 6.10 14.01
C THR G 126 42.19 5.60 14.65
N CYS G 127 41.28 6.51 14.97
CA CYS G 127 40.12 6.18 15.80
C CYS G 127 38.95 5.62 15.01
N VAL G 128 38.99 5.67 13.68
CA VAL G 128 37.89 5.18 12.85
C VAL G 128 38.09 3.69 12.62
N PRO G 129 37.17 2.82 13.04
CA PRO G 129 37.31 1.40 12.75
C PRO G 129 37.36 1.16 11.25
N ALA G 130 38.11 0.13 10.85
CA ALA G 130 38.17 -0.26 9.45
C ALA G 130 36.81 -0.72 8.96
N LEU G 131 36.54 -0.49 7.68
CA LEU G 131 35.26 -0.86 7.10
C LEU G 131 35.01 -2.35 7.27
N GLY G 132 33.78 -2.69 7.65
CA GLY G 132 33.41 -4.06 7.91
C GLY G 132 33.77 -4.56 9.29
N SER G 133 34.31 -3.71 10.15
CA SER G 133 34.67 -4.14 11.50
C SER G 133 33.43 -4.55 12.28
N LYS G 134 33.58 -5.58 13.12
CA LYS G 134 32.50 -6.08 13.96
C LYS G 134 33.03 -6.27 15.37
N MET G 135 32.16 -6.02 16.36
CA MET G 135 32.59 -6.11 17.75
C MET G 135 33.02 -7.52 18.12
N LYS G 136 32.33 -8.53 17.58
CA LYS G 136 32.66 -9.91 17.92
C LYS G 136 34.08 -10.25 17.47
N VAL G 137 34.47 -9.79 16.27
CA VAL G 137 35.81 -10.09 15.77
C VAL G 137 36.87 -9.48 16.68
N ILE G 138 36.68 -8.22 17.08
CA ILE G 138 37.67 -7.57 17.94
C ILE G 138 37.71 -8.24 19.30
N LYS G 139 36.54 -8.63 19.84
CA LYS G 139 36.52 -9.34 21.11
C LYS G 139 37.27 -10.65 21.02
N ALA G 140 37.12 -11.37 19.90
CA ALA G 140 37.90 -12.58 19.69
C ALA G 140 39.39 -12.26 19.60
N SER G 141 39.73 -11.11 19.02
CA SER G 141 41.13 -10.71 18.91
C SER G 141 41.75 -10.53 20.29
N GLY G 142 41.02 -9.94 21.22
CA GLY G 142 41.50 -9.75 22.57
C GLY G 142 42.35 -8.53 22.81
N ASP G 143 42.42 -7.61 21.83
CA ASP G 143 43.19 -6.39 22.00
C ASP G 143 42.34 -5.36 22.75
N ALA G 144 42.75 -5.03 23.97
CA ALA G 144 41.97 -4.10 24.79
C ALA G 144 41.87 -2.73 24.14
N ALA G 145 42.97 -2.27 23.53
CA ALA G 145 42.95 -0.96 22.88
C ALA G 145 41.91 -0.93 21.75
N MET G 146 41.85 -2.02 20.96
CA MET G 146 40.86 -2.08 19.89
C MET G 146 39.45 -2.12 20.43
N ILE G 147 39.22 -2.83 21.55
CA ILE G 147 37.90 -2.85 22.16
C ILE G 147 37.50 -1.45 22.60
N GLN G 148 38.43 -0.73 23.24
CA GLN G 148 38.15 0.64 23.64
C GLN G 148 37.85 1.51 22.43
N MET G 149 38.60 1.32 21.35
CA MET G 149 38.37 2.11 20.14
C MET G 149 36.98 1.84 19.57
N MET G 150 36.58 0.57 19.53
CA MET G 150 35.27 0.23 18.98
C MET G 150 34.14 0.78 19.86
N LYS G 151 34.30 0.68 21.18
CA LYS G 151 33.30 1.25 22.08
C LYS G 151 33.22 2.76 21.91
N ASP G 152 34.37 3.42 21.76
CA ASP G 152 34.39 4.86 21.50
C ASP G 152 33.67 5.19 20.21
N HIS G 153 33.91 4.40 19.16
CA HIS G 153 33.23 4.64 17.88
C HIS G 153 31.72 4.50 18.04
N ASN G 154 31.27 3.46 18.76
CA ASN G 154 29.84 3.27 18.96
C ASN G 154 29.23 4.43 19.75
N SER G 155 29.90 4.86 20.82
CA SER G 155 29.38 5.97 21.61
C SER G 155 29.32 7.25 20.79
N LEU G 156 30.36 7.50 19.99
CA LEU G 156 30.37 8.70 19.16
C LEU G 156 29.25 8.66 18.14
N LEU G 157 29.01 7.49 17.54
CA LEU G 157 27.90 7.37 16.59
C LEU G 157 26.56 7.66 17.28
N ARG G 158 26.36 7.11 18.48
CA ARG G 158 25.11 7.35 19.19
C ARG G 158 24.93 8.83 19.50
N VAL G 159 25.98 9.49 19.98
CA VAL G 159 25.88 10.91 20.33
C VAL G 159 25.61 11.73 19.09
N CYS G 160 26.33 11.47 18.00
CA CYS G 160 26.14 12.22 16.77
C CYS G 160 24.72 12.04 16.24
N VAL G 161 24.19 10.82 16.32
CA VAL G 161 22.83 10.58 15.82
C VAL G 161 21.81 11.29 16.69
N ARG G 162 22.02 11.31 18.01
CA ARG G 162 21.12 12.06 18.87
C ARG G 162 21.13 13.54 18.51
N ILE G 163 22.33 14.10 18.31
CA ILE G 163 22.43 15.51 17.94
C ILE G 163 21.76 15.76 16.60
N GLU G 164 21.93 14.83 15.65
CA GLU G 164 21.30 14.98 14.35
C GLU G 164 19.78 14.99 14.47
N VAL G 165 19.23 14.11 15.30
CA VAL G 165 17.78 14.09 15.50
C VAL G 165 17.31 15.41 16.10
N TRP G 166 18.04 15.90 17.10
CA TRP G 166 17.66 17.18 17.70
C TRP G 166 17.69 18.31 16.67
N LYS G 167 18.74 18.35 15.84
CA LYS G 167 18.85 19.41 14.85
C LYS G 167 17.76 19.29 13.78
N ALA G 168 17.41 18.06 13.40
CA ALA G 168 16.30 17.88 12.46
C ALA G 168 15.00 18.40 13.05
N ARG G 169 14.75 18.10 14.33
CA ARG G 169 13.57 18.65 14.98
C ARG G 169 13.61 20.17 14.98
N TYR G 170 14.76 20.75 15.31
CA TYR G 170 14.88 22.21 15.35
C TYR G 170 14.60 22.82 13.99
N VAL G 171 15.15 22.22 12.93
CA VAL G 171 14.92 22.72 11.58
C VAL G 171 13.43 22.62 11.24
N SER G 172 12.79 21.52 11.62
CA SER G 172 11.37 21.34 11.31
C SER G 172 10.50 22.43 11.91
N LEU G 173 10.97 23.11 12.96
CA LEU G 173 10.14 24.09 13.64
C LEU G 173 9.75 25.23 12.72
N VAL G 174 10.68 25.71 11.90
CA VAL G 174 10.43 26.87 11.04
C VAL G 174 10.72 26.53 9.58
N ALA G 175 10.84 25.25 9.28
CA ALA G 175 11.12 24.81 7.91
C ALA G 175 10.44 23.46 7.71
N LEU G 176 9.26 23.49 7.11
CA LEU G 176 8.51 22.25 6.89
C LEU G 176 9.24 21.34 5.93
N ASP G 177 9.21 20.04 6.23
CA ASP G 177 9.80 19.03 5.35
C ASP G 177 8.79 18.68 4.27
N GLU G 178 9.20 18.86 3.01
CA GLU G 178 8.29 18.60 1.90
C GLU G 178 7.88 17.14 1.83
N ARG G 179 8.67 16.26 2.43
CA ARG G 179 8.35 14.83 2.42
C ARG G 179 7.10 14.49 3.22
N ILE G 180 6.65 15.39 4.08
CA ILE G 180 5.50 15.15 4.96
C ILE G 180 4.29 15.84 4.36
N GLN G 181 3.25 15.06 4.07
CA GLN G 181 1.99 15.59 3.58
C GLN G 181 0.77 15.00 4.27
N THR G 182 0.91 13.87 4.98
CA THR G 182 -0.19 13.24 5.69
C THR G 182 0.30 12.78 7.05
N LEU G 183 -0.66 12.50 7.94
CA LEU G 183 -0.29 12.03 9.27
C LEU G 183 0.57 10.78 9.20
N GLU G 184 0.34 9.93 8.20
CA GLU G 184 1.18 8.74 8.05
C GLU G 184 2.63 9.13 7.79
N ASP G 185 2.86 10.11 6.91
CA ASP G 185 4.22 10.56 6.65
C ASP G 185 4.84 11.16 7.91
N ALA G 186 4.09 11.97 8.64
CA ALA G 186 4.61 12.58 9.86
C ALA G 186 4.86 11.56 10.96
N GLN G 187 4.21 10.40 10.90
CA GLN G 187 4.37 9.40 11.94
C GLN G 187 5.80 8.90 12.06
N TRP G 188 6.58 8.98 10.98
CA TRP G 188 7.93 8.42 10.95
C TRP G 188 9.01 9.48 10.97
N PHE G 189 8.66 10.72 11.34
CA PHE G 189 9.66 11.75 11.47
C PHE G 189 10.60 11.42 12.64
N PRO G 190 11.90 11.70 12.52
CA PRO G 190 12.61 12.23 11.36
C PRO G 190 12.99 11.15 10.36
N TYR G 191 13.27 11.56 9.12
CA TYR G 191 13.73 10.65 8.07
C TYR G 191 15.25 10.79 7.98
N LEU G 192 15.97 9.77 8.43
CA LEU G 192 17.42 9.77 8.44
C LEU G 192 17.95 8.46 7.85
N SER G 193 19.26 8.40 7.67
CA SER G 193 19.88 7.25 7.05
C SER G 193 19.82 6.04 7.97
N GLY G 194 20.04 4.86 7.38
CA GLY G 194 19.98 3.63 8.15
C GLY G 194 21.00 3.59 9.26
N ASP G 195 22.14 4.27 9.07
CA ASP G 195 23.14 4.32 10.13
C ASP G 195 22.57 4.97 11.39
N SER G 196 21.82 6.05 11.21
CA SER G 196 21.22 6.72 12.36
C SER G 196 20.26 5.81 13.10
N TYR G 197 19.40 5.09 12.36
CA TYR G 197 18.48 4.17 13.01
C TYR G 197 19.24 3.06 13.73
N ARG G 198 20.30 2.56 13.12
CA ARG G 198 21.08 1.50 13.75
C ARG G 198 21.69 1.99 15.06
N ALA G 199 22.23 3.21 15.07
CA ALA G 199 22.86 3.72 16.28
C ALA G 199 21.83 3.98 17.38
N CYS G 200 20.74 4.67 17.04
CA CYS G 200 19.72 5.08 18.02
C CYS G 200 18.36 4.72 17.48
N PRO G 201 18.02 3.42 17.46
CA PRO G 201 16.71 3.02 16.91
C PRO G 201 15.53 3.65 17.63
N GLY G 202 15.66 3.94 18.92
CA GLY G 202 14.56 4.50 19.70
C GLY G 202 14.29 5.96 19.46
N LEU G 203 15.14 6.65 18.70
CA LEU G 203 14.97 8.07 18.43
C LEU G 203 14.88 8.41 16.95
N VAL G 204 15.34 7.54 16.06
CA VAL G 204 15.40 7.83 14.62
C VAL G 204 14.31 7.04 13.93
N GLY G 205 13.53 7.72 13.11
CA GLY G 205 12.49 7.09 12.31
C GLY G 205 12.99 6.74 10.93
N GLY G 206 12.21 7.12 9.93
CA GLY G 206 12.62 6.96 8.54
C GLY G 206 12.17 5.64 7.95
N TYR G 207 12.70 5.37 6.75
CA TYR G 207 12.32 4.18 6.02
C TYR G 207 12.71 2.91 6.76
N PHE G 208 13.90 2.90 7.37
CA PHE G 208 14.33 1.72 8.12
C PHE G 208 13.46 1.50 9.34
N ALA G 209 13.03 2.58 10.01
CA ALA G 209 12.08 2.43 11.11
C ALA G 209 10.77 1.85 10.61
N LYS G 210 10.30 2.32 9.44
CA LYS G 210 9.08 1.77 8.87
C LYS G 210 9.23 0.28 8.61
N LYS G 211 10.37 -0.12 8.04
CA LYS G 211 10.61 -1.54 7.77
C LYS G 211 10.61 -2.35 9.06
N ALA G 212 11.27 -1.83 10.10
CA ALA G 212 11.32 -2.54 11.37
C ALA G 212 9.92 -2.69 11.96
N ALA G 213 9.12 -1.62 11.91
CA ALA G 213 7.79 -1.67 12.50
C ALA G 213 6.87 -2.60 11.71
N ALA G 214 6.95 -2.56 10.38
CA ALA G 214 6.05 -3.38 9.57
C ALA G 214 6.25 -4.87 9.84
N GLY G 215 7.50 -5.32 9.94
CA GLY G 215 7.79 -6.69 10.29
C GLY G 215 7.45 -6.97 11.74
N GLU G 216 7.82 -8.17 12.19
CA GLU G 216 7.55 -8.55 13.57
C GLU G 216 8.26 -7.59 14.52
N ARG G 217 7.89 -7.66 15.80
CA ARG G 217 8.48 -6.82 16.83
C ARG G 217 8.98 -7.72 17.95
N GLY G 218 10.27 -8.01 17.94
CA GLY G 218 10.88 -8.89 18.92
C GLY G 218 11.21 -8.16 20.21
N LYS G 219 12.01 -8.81 21.04
CA LYS G 219 12.38 -8.23 22.33
C LYS G 219 13.29 -7.03 22.16
N ASN G 220 14.16 -7.03 21.15
CA ASN G 220 15.11 -5.95 20.95
C ASN G 220 14.52 -4.78 20.15
N TYR G 221 13.34 -4.94 19.58
CA TYR G 221 12.73 -3.86 18.80
C TYR G 221 12.36 -2.69 19.72
N LYS G 222 12.68 -1.48 19.28
CA LYS G 222 12.36 -0.26 20.01
C LYS G 222 11.43 0.59 19.15
N LYS G 223 10.28 0.97 19.72
CA LYS G 223 9.35 1.81 19.00
C LYS G 223 9.93 3.21 18.81
N LEU G 224 9.58 3.84 17.70
CA LEU G 224 10.05 5.17 17.37
C LEU G 224 9.40 6.19 18.31
N ASN G 225 10.17 6.68 19.28
CA ASN G 225 9.71 7.74 20.19
C ASN G 225 9.94 9.07 19.51
N GLN G 226 8.91 9.55 18.79
CA GLN G 226 9.04 10.79 18.05
C GLN G 226 9.25 11.99 18.96
N THR G 227 8.71 11.97 20.17
CA THR G 227 8.79 13.11 21.09
C THR G 227 9.64 12.79 22.32
N ALA G 228 10.62 11.91 22.19
CA ALA G 228 11.52 11.66 23.30
C ALA G 228 12.34 12.90 23.62
N ILE G 229 12.61 13.11 24.90
CA ILE G 229 13.31 14.30 25.35
C ILE G 229 14.79 14.15 25.01
N ILE G 230 15.31 15.11 24.24
CA ILE G 230 16.70 15.14 23.84
C ILE G 230 17.28 16.50 24.27
N PRO G 231 18.19 16.54 25.23
CA PRO G 231 18.75 17.84 25.62
C PRO G 231 19.44 18.49 24.44
N PRO G 232 19.42 19.82 24.38
CA PRO G 232 20.08 20.50 23.26
C PRO G 232 21.54 20.10 23.18
N PRO G 233 22.14 20.21 21.99
CA PRO G 233 23.55 19.80 21.86
C PRO G 233 24.47 20.50 22.85
N ARG G 234 24.22 21.78 23.12
CA ARG G 234 25.02 22.49 24.11
C ARG G 234 24.88 21.91 25.52
N PHE G 235 23.77 21.24 25.81
CA PHE G 235 23.58 20.54 27.08
C PHE G 235 23.97 19.07 26.99
N LEU G 236 23.72 18.43 25.85
CA LEU G 236 23.97 16.99 25.74
C LEU G 236 25.46 16.68 25.91
N ILE G 237 26.33 17.46 25.27
CA ILE G 237 27.76 17.20 25.37
C ILE G 237 28.24 17.44 26.79
N ILE G 238 27.71 18.45 27.47
CA ILE G 238 28.07 18.71 28.86
C ILE G 238 27.45 17.67 29.77
N GLY G 239 26.39 17.00 29.34
CA GLY G 239 25.69 16.05 30.17
C GLY G 239 24.69 16.65 31.13
N HIS G 240 24.51 17.97 31.11
CA HIS G 240 23.56 18.63 31.98
C HIS G 240 22.14 18.30 31.52
N ARG G 241 21.50 17.35 32.20
CA ARG G 241 20.17 16.91 31.82
C ARG G 241 19.21 18.10 31.81
N LEU G 242 18.42 18.20 30.75
CA LEU G 242 17.41 19.25 30.66
C LEU G 242 16.45 19.14 31.82
N GLN G 243 16.15 20.28 32.46
CA GLN G 243 15.25 20.32 33.60
C GLN G 243 14.68 21.73 33.71
N ILE G 244 13.80 21.91 34.70
CA ILE G 244 13.17 23.21 34.91
C ILE G 244 14.21 24.22 35.36
N GLY G 245 14.10 25.44 34.83
CA GLY G 245 14.96 26.54 35.22
C GLY G 245 16.08 26.84 34.25
N ASP G 246 16.40 25.92 33.34
CA ASP G 246 17.47 26.15 32.39
C ASP G 246 17.10 27.29 31.45
N GLN G 247 18.09 28.14 31.15
CA GLN G 247 17.90 29.26 30.25
C GLN G 247 18.05 28.75 28.82
N VAL G 248 16.92 28.64 28.11
CA VAL G 248 16.90 28.09 26.77
C VAL G 248 15.98 28.93 25.89
N THR G 249 16.26 28.94 24.60
CA THR G 249 15.40 29.60 23.64
C THR G 249 14.12 28.80 23.44
N LEU G 250 13.06 29.50 23.04
CA LEU G 250 11.79 28.82 22.80
C LEU G 250 11.93 27.76 21.72
N ARG G 251 12.58 28.12 20.61
CA ARG G 251 12.71 27.18 19.50
C ARG G 251 13.52 25.95 19.91
N GLU G 252 14.66 26.16 20.59
CA GLU G 252 15.50 25.03 20.96
C GLU G 252 14.80 24.14 21.97
N LEU G 253 14.10 24.74 22.94
CA LEU G 253 13.37 23.95 23.92
C LEU G 253 12.28 23.13 23.24
N LEU G 254 11.54 23.75 22.32
CA LEU G 254 10.50 23.02 21.60
C LEU G 254 11.08 21.87 20.81
N ALA G 255 12.22 22.11 20.14
CA ALA G 255 12.88 21.04 19.40
C ALA G 255 13.27 19.90 20.34
N SER G 256 13.78 20.25 21.53
CA SER G 256 14.16 19.22 22.49
C SER G 256 12.96 18.39 22.91
N ILE G 257 11.82 19.05 23.16
CA ILE G 257 10.65 18.34 23.66
C ILE G 257 9.69 17.94 22.55
N ALA G 258 9.76 18.59 21.39
CA ALA G 258 8.81 18.37 20.32
C ALA G 258 9.47 18.73 19.00
N TRP G 259 8.68 18.81 17.93
CA TRP G 259 9.16 19.26 16.63
C TRP G 259 8.06 20.09 15.98
N GLY G 260 8.20 20.33 14.68
CA GLY G 260 7.38 21.33 14.02
C GLY G 260 5.89 21.02 14.07
N LEU G 261 5.52 19.76 13.83
CA LEU G 261 4.13 19.40 13.61
C LEU G 261 3.40 18.98 14.87
N CYS G 262 3.95 19.26 16.05
CA CYS G 262 3.24 18.95 17.28
C CYS G 262 2.32 20.11 17.68
N ASP G 263 1.51 19.87 18.70
CA ASP G 263 0.57 20.88 19.16
C ASP G 263 1.31 22.08 19.76
N GLY G 264 0.71 23.26 19.61
CA GLY G 264 1.30 24.47 20.16
C GLY G 264 1.18 24.61 21.66
N VAL G 265 0.39 23.74 22.30
CA VAL G 265 0.21 23.81 23.75
C VAL G 265 1.55 23.63 24.46
N LEU G 266 2.48 22.90 23.85
CA LEU G 266 3.79 22.71 24.46
C LEU G 266 4.51 24.03 24.66
N ALA G 267 4.13 25.08 23.94
CA ALA G 267 4.72 26.39 24.16
C ALA G 267 4.51 26.88 25.59
N GLU G 268 3.51 26.34 26.29
CA GLU G 268 3.31 26.68 27.69
C GLU G 268 4.45 26.24 28.59
N CYS G 269 5.32 25.35 28.10
CA CYS G 269 6.47 24.90 28.87
C CYS G 269 7.60 25.91 28.90
N TRP G 270 7.39 27.10 28.34
CA TRP G 270 8.41 28.13 28.25
C TRP G 270 7.87 29.44 28.81
N SER G 271 8.79 30.30 29.27
CA SER G 271 8.41 31.60 29.81
C SER G 271 9.53 32.60 29.55
N PRO G 272 9.25 33.68 28.81
CA PRO G 272 10.31 34.69 28.58
C PRO G 272 10.82 35.26 29.90
N SER G 273 12.12 35.54 29.94
CA SER G 273 12.75 36.09 31.13
C SER G 273 12.54 37.60 31.18
N GLN G 274 13.11 38.23 32.21
CA GLN G 274 12.98 39.67 32.36
C GLN G 274 13.57 40.39 31.15
N GLY G 275 12.85 41.40 30.66
CA GLY G 275 13.29 42.13 29.50
C GLY G 275 13.01 41.45 28.18
N ASP G 276 12.14 40.44 28.16
CA ASP G 276 11.81 39.73 26.93
C ASP G 276 13.06 39.10 26.34
N GLY G 277 13.70 39.78 25.39
CA GLY G 277 14.89 39.24 24.77
C GLY G 277 14.57 38.01 23.93
N SER G 278 15.56 37.11 23.84
CA SER G 278 15.43 35.90 23.05
C SER G 278 15.55 34.61 23.86
N ILE G 279 16.17 34.66 25.05
CA ILE G 279 16.35 33.48 25.89
C ILE G 279 15.44 33.61 27.10
N GLY G 280 14.64 32.59 27.35
CA GLY G 280 13.75 32.58 28.50
C GLY G 280 14.15 31.55 29.54
N VAL G 281 13.19 30.76 30.01
CA VAL G 281 13.44 29.75 31.02
C VAL G 281 12.41 28.64 30.87
N VAL G 282 12.82 27.43 31.23
CA VAL G 282 11.94 26.27 31.18
C VAL G 282 11.08 26.26 32.43
N VAL G 283 9.76 26.15 32.25
CA VAL G 283 8.83 26.15 33.37
C VAL G 283 8.19 24.78 33.59
N GLY G 284 8.18 23.91 32.59
CA GLY G 284 7.57 22.60 32.74
C GLY G 284 8.09 21.62 31.71
N LEU G 285 7.88 20.33 32.00
CA LEU G 285 8.29 19.25 31.12
C LEU G 285 7.08 18.36 30.84
N PRO G 286 6.71 18.11 29.59
CA PRO G 286 5.56 17.25 29.31
C PRO G 286 5.82 15.81 29.70
N LEU G 287 4.73 15.10 29.95
CA LEU G 287 4.76 13.67 30.22
C LEU G 287 3.74 12.97 29.31
N GLN G 288 3.93 11.66 29.15
CA GLN G 288 3.06 10.84 28.30
C GLN G 288 2.88 9.50 29.01
N ALA G 289 1.62 9.08 29.14
CA ALA G 289 1.29 7.87 29.87
C ALA G 289 0.64 6.82 28.97
N THR G 290 1.12 6.70 27.74
CA THR G 290 0.62 5.65 26.84
C THR G 290 -0.90 5.71 26.71
N GLY G 291 -1.42 6.73 26.05
CA GLY G 291 -2.85 6.83 25.83
C GLY G 291 -3.45 5.50 25.41
N SER G 292 -4.42 5.00 26.20
CA SER G 292 -4.99 3.69 25.96
C SER G 292 -5.76 3.65 24.65
N CYS G 293 -6.06 2.44 24.19
CA CYS G 293 -6.78 2.27 22.93
C CYS G 293 -8.25 2.61 23.12
N PHE G 294 -8.86 3.14 22.05
CA PHE G 294 -10.27 3.52 22.07
C PHE G 294 -10.95 3.06 20.78
N LEU G 295 -10.69 1.82 20.39
CA LEU G 295 -11.23 1.25 19.16
C LEU G 295 -12.12 0.07 19.47
N VAL G 296 -13.02 -0.24 18.55
CA VAL G 296 -13.93 -1.37 18.70
C VAL G 296 -14.12 -2.05 17.36
N VAL G 297 -13.52 -3.24 17.21
CA VAL G 297 -13.62 -3.96 15.94
C VAL G 297 -15.03 -4.52 15.77
N ALA G 298 -15.38 -4.74 14.50
CA ALA G 298 -16.68 -5.32 14.19
C ALA G 298 -16.72 -6.77 14.65
N SER G 299 -17.91 -7.20 15.08
CA SER G 299 -18.06 -8.57 15.57
C SER G 299 -19.54 -8.91 15.62
N HIS G 300 -19.86 -10.15 15.27
CA HIS G 300 -21.22 -10.66 15.38
C HIS G 300 -22.21 -9.78 14.62
N GLY G 301 -21.74 -9.19 13.51
CA GLY G 301 -22.57 -8.35 12.69
C GLY G 301 -22.52 -6.87 13.02
N LEU G 302 -21.89 -6.49 14.13
CA LEU G 302 -21.79 -5.07 14.45
C LEU G 302 -20.87 -4.37 13.46
N SER G 303 -20.62 -3.09 13.72
CA SER G 303 -19.80 -2.26 12.84
C SER G 303 -18.64 -1.66 13.62
N ALA G 304 -17.49 -1.58 12.98
CA ALA G 304 -16.29 -1.05 13.63
C ALA G 304 -16.48 0.43 13.94
N ILE G 305 -15.82 0.86 15.02
CA ILE G 305 -15.84 2.25 15.47
C ILE G 305 -14.41 2.73 15.54
N ALA G 306 -14.12 3.86 14.90
CA ALA G 306 -12.77 4.39 14.92
C ALA G 306 -12.43 4.99 16.28
N ASP G 307 -13.43 5.45 17.02
CA ASP G 307 -13.19 6.05 18.33
C ASP G 307 -14.49 6.03 19.12
N SER G 308 -14.48 5.37 20.28
CA SER G 308 -15.68 5.29 21.11
C SER G 308 -16.10 6.66 21.61
N ARG G 309 -15.15 7.49 22.03
CA ARG G 309 -15.49 8.79 22.57
C ARG G 309 -16.12 9.69 21.50
N ILE G 310 -15.46 9.79 20.35
CA ILE G 310 -15.92 10.71 19.30
C ILE G 310 -17.28 10.31 18.75
N GLU G 311 -17.64 9.02 18.83
CA GLU G 311 -18.94 8.58 18.33
C GLU G 311 -20.06 9.36 19.00
N GLY G 312 -20.17 9.26 20.32
CA GLY G 312 -21.21 9.96 21.06
C GLY G 312 -22.61 9.62 20.58
N THR G 316 -18.19 15.17 16.36
CA THR G 316 -16.82 14.96 15.93
C THR G 316 -15.95 16.15 16.32
N ASN G 317 -16.22 16.71 17.50
CA ASN G 317 -15.46 17.84 18.03
C ASN G 317 -14.95 17.47 19.41
N LEU G 318 -13.63 17.55 19.60
CA LEU G 318 -13.02 17.14 20.87
C LEU G 318 -11.72 17.91 21.03
N LEU G 319 -11.75 18.95 21.88
CA LEU G 319 -10.55 19.70 22.23
C LEU G 319 -10.30 19.67 23.74
N GLU G 320 -11.00 18.80 24.48
CA GLU G 320 -10.86 18.73 25.92
C GLU G 320 -9.60 17.99 26.35
N GLU G 321 -8.90 17.34 25.44
CA GLU G 321 -7.72 16.58 25.81
C GLU G 321 -6.68 17.50 26.44
N CYS G 322 -6.02 16.99 27.48
CA CYS G 322 -5.05 17.75 28.25
C CYS G 322 -3.71 17.03 28.25
N ILE G 323 -2.64 17.80 28.41
CA ILE G 323 -1.28 17.29 28.50
C ILE G 323 -0.77 17.51 29.91
N ALA G 324 -0.15 16.48 30.48
CA ALA G 324 0.41 16.55 31.82
C ALA G 324 1.78 17.20 31.76
N ILE G 325 2.00 18.21 32.59
CA ILE G 325 3.27 18.92 32.68
C ILE G 325 3.76 18.85 34.11
N GLN G 326 5.01 18.42 34.28
CA GLN G 326 5.63 18.33 35.61
C GLN G 326 6.32 19.65 35.91
N LYS G 327 5.69 20.47 36.74
CA LYS G 327 6.27 21.74 37.18
C LYS G 327 6.92 21.57 38.55
N GLN G 328 7.68 22.58 38.96
CA GLN G 328 8.37 22.52 40.24
C GLN G 328 7.38 22.33 41.39
N ASP G 329 6.27 23.08 41.36
CA ASP G 329 5.26 22.92 42.40
C ASP G 329 4.64 21.53 42.34
N GLY G 330 4.35 21.04 41.14
CA GLY G 330 3.74 19.74 40.99
C GLY G 330 3.30 19.50 39.56
N VAL G 331 2.59 18.39 39.37
CA VAL G 331 2.08 18.03 38.05
C VAL G 331 0.75 18.72 37.83
N ILE G 332 0.61 19.35 36.66
CA ILE G 332 -0.64 20.00 36.26
C ILE G 332 -1.05 19.48 34.90
N LYS G 333 -2.25 19.85 34.48
CA LYS G 333 -2.80 19.47 33.18
C LYS G 333 -3.17 20.72 32.41
N CYS G 334 -2.70 20.82 31.17
CA CYS G 334 -2.95 21.96 30.31
C CYS G 334 -3.81 21.54 29.13
N LYS G 335 -4.88 22.30 28.89
CA LYS G 335 -5.78 21.99 27.78
C LYS G 335 -5.06 22.21 26.45
N ARG G 336 -5.21 21.25 25.55
CA ARG G 336 -4.54 21.34 24.25
C ARG G 336 -5.07 22.55 23.47
N SER G 337 -4.18 23.16 22.69
CA SER G 337 -4.57 24.27 21.82
C SER G 337 -5.05 23.79 20.46
N GLY G 338 -4.59 22.63 20.01
CA GLY G 338 -5.02 22.09 18.74
C GLY G 338 -4.45 22.81 17.53
N LYS G 339 -3.37 23.56 17.71
CA LYS G 339 -2.73 24.30 16.63
C LYS G 339 -1.27 23.93 16.55
N SER G 340 -0.77 23.85 15.31
CA SER G 340 0.59 23.38 15.08
C SER G 340 1.61 24.34 15.68
N LEU G 341 2.71 23.77 16.16
CA LEU G 341 3.77 24.60 16.73
C LEU G 341 4.35 25.54 15.69
N TYR G 342 4.56 25.04 14.46
CA TYR G 342 5.09 25.90 13.40
C TYR G 342 4.16 27.07 13.12
N HIS G 343 2.85 26.80 13.06
CA HIS G 343 1.90 27.87 12.84
C HIS G 343 1.94 28.89 13.98
N CYS G 344 1.95 28.40 15.22
CA CYS G 344 1.91 29.30 16.37
C CYS G 344 3.16 30.18 16.43
N LEU G 345 4.32 29.59 16.16
CA LEU G 345 5.57 30.33 16.26
C LEU G 345 5.57 31.51 15.28
N LYS G 346 5.12 31.27 14.05
CA LYS G 346 5.09 32.34 13.06
C LYS G 346 3.98 33.33 13.34
N GLU G 347 2.84 32.85 13.84
CA GLU G 347 1.70 33.75 14.06
C GLU G 347 1.97 34.71 15.21
N THR G 348 2.46 34.19 16.34
CA THR G 348 2.71 35.02 17.50
C THR G 348 3.82 36.04 17.28
N ALA G 349 4.67 35.83 16.28
CA ALA G 349 5.77 36.75 15.99
C ALA G 349 5.36 37.87 15.04
N GLY G 350 4.12 37.86 14.56
CA GLY G 350 3.66 38.90 13.65
C GLY G 350 3.25 40.16 14.38
N1 P5P H 1 19.33 -4.03 29.84
C2 P5P H 1 20.36 -3.85 30.67
N3 P5P H 1 20.91 -2.72 31.10
C4 P5P H 1 20.28 -1.66 30.57
C5 P5P H 1 19.21 -1.68 29.69
C6 P5P H 1 18.72 -2.95 29.32
N7 P5P H 1 18.83 -0.39 29.36
C8 P5P H 1 19.66 0.37 30.03
N9 P5P H 1 20.55 -0.34 30.79
C1' P5P H 1 21.64 0.17 31.65
C2' P5P H 1 23.00 -0.14 31.04
O2' P5P H 1 23.97 -0.26 32.08
C3' P5P H 1 23.24 1.09 30.20
O3' P5P H 1 24.60 1.29 29.85
C4' P5P H 1 22.68 2.19 31.07
O4' P5P H 1 21.53 1.58 31.72
C5' P5P H 1 22.22 3.45 30.37
O5' P5P H 1 20.90 3.32 29.89
P P5P H 1 19.69 4.04 30.64
OP1 P5P H 1 19.81 3.76 32.09
OP2 P5P H 1 19.63 5.45 30.17
N1 P5P H 2 19.68 -5.27 25.95
C2 P5P H 2 20.45 -6.00 26.78
N3 P5P H 2 21.38 -5.59 27.62
C4 P5P H 2 21.52 -4.26 27.57
C5 P5P H 2 20.82 -3.38 26.78
C6 P5P H 2 19.84 -3.93 25.93
N7 P5P H 2 21.25 -2.08 27.01
C8 P5P H 2 22.18 -2.20 27.92
N9 P5P H 2 22.39 -3.50 28.31
C1' P5P H 2 23.36 -4.04 29.28
C2' P5P H 2 24.44 -4.86 28.60
O2' P5P H 2 24.91 -5.84 29.50
C3' P5P H 2 25.50 -3.78 28.35
O3' P5P H 2 26.79 -4.29 28.12
C4' P5P H 2 25.40 -2.94 29.62
O4' P5P H 2 23.98 -2.96 29.95
C5' P5P H 2 25.87 -1.51 29.49
O5' P5P H 2 25.10 -0.81 28.52
P P5P H 2 25.15 0.79 28.42
OP1 P5P H 2 26.57 1.19 28.30
OP2 P5P H 2 24.18 1.20 27.37
N1 P5P H 3 20.36 -6.15 21.81
C2 P5P H 3 20.66 -7.38 22.24
N3 P5P H 3 21.51 -7.74 23.20
C4 P5P H 3 22.11 -6.66 23.75
C5 P5P H 3 21.91 -5.34 23.40
C6 P5P H 3 20.97 -5.09 22.37
N7 P5P H 3 22.69 -4.50 24.17
C8 P5P H 3 23.35 -5.33 24.95
N9 P5P H 3 23.05 -6.65 24.75
C1' P5P H 3 23.58 -7.84 25.44
C2' P5P H 3 24.36 -8.76 24.48
O2' P5P H 3 24.16 -10.11 24.91
C3' P5P H 3 25.79 -8.30 24.71
O3' P5P H 3 26.75 -9.27 24.36
C4' P5P H 3 25.80 -7.95 26.19
O4' P5P H 3 24.48 -7.41 26.44
C5' P5P H 3 26.85 -6.98 26.64
O5' P5P H 3 26.66 -5.70 26.03
P P5P H 3 27.36 -4.40 26.62
OP1 P5P H 3 28.82 -4.64 26.70
OP2 P5P H 3 26.85 -3.22 25.85
N1 P5P H 4 20.02 -5.39 16.51
C2 P5P H 4 20.04 -6.73 16.52
N3 P5P H 4 20.71 -7.56 17.33
C4 P5P H 4 21.42 -6.86 18.23
C5 P5P H 4 21.50 -5.48 18.35
C6 P5P H 4 20.74 -4.73 17.44
N7 P5P H 4 22.33 -5.13 19.40
C8 P5P H 4 22.74 -6.28 19.88
N9 P5P H 4 22.23 -7.37 19.22
C1' P5P H 4 22.48 -8.80 19.50
C2' P5P H 4 22.95 -9.58 18.29
O2' P5P H 4 22.40 -10.89 18.35
C3' P5P H 4 24.46 -9.61 18.50
O3' P5P H 4 25.11 -10.68 17.83
C4' P5P H 4 24.59 -9.68 20.01
O4' P5P H 4 23.48 -8.89 20.50
C5' P5P H 4 25.88 -9.17 20.59
O5' P5P H 4 25.87 -9.21 22.01
P P5P H 4 27.22 -9.43 22.83
OP1 P5P H 4 27.65 -10.85 22.62
OP2 P5P H 4 28.14 -8.33 22.50
N1 P5P H 5 23.88 -1.94 16.54
C2 P5P H 5 23.14 -2.35 15.49
N3 P5P H 5 22.91 -3.59 15.06
C4 P5P H 5 23.54 -4.49 15.83
C5 P5P H 5 24.33 -4.22 16.94
C6 P5P H 5 24.50 -2.87 17.30
N7 P5P H 5 24.83 -5.39 17.50
C8 P5P H 5 24.33 -6.32 16.72
N9 P5P H 5 23.55 -5.85 15.69
C1' P5P H 5 22.84 -6.65 14.68
C2' P5P H 5 23.55 -6.67 13.32
O2' P5P H 5 22.57 -6.73 12.29
C3' P5P H 5 24.35 -7.96 13.40
O3' P5P H 5 24.67 -8.52 12.14
C4' P5P H 5 23.43 -8.88 14.21
O4' P5P H 5 22.76 -7.98 15.14
C5' P5P H 5 24.13 -9.98 14.98
O5' P5P H 5 25.30 -9.48 15.63
P P5P H 5 26.12 -10.39 16.64
OP1 P5P H 5 26.41 -11.68 15.95
OP2 P5P H 5 27.25 -9.59 17.17
P Y5P H 6 26.03 -8.08 11.41
C5' Y5P H 6 27.21 -5.75 11.20
O5' Y5P H 6 26.12 -6.52 11.68
C4' Y5P H 6 26.91 -4.28 11.23
O4' Y5P H 6 26.41 -3.91 12.55
C3' Y5P H 6 28.09 -3.35 11.00
O3' Y5P H 6 28.40 -3.19 9.63
C2' Y5P H 6 27.64 -2.07 11.69
O2' Y5P H 6 26.76 -1.33 10.86
C1' Y5P H 6 26.86 -2.62 12.88
N1 Y5P H 6 27.69 -2.71 14.11
C2 Y5P H 6 27.98 -1.53 14.76
N3 Y5P H 6 28.75 -1.67 15.89
C4 Y5P H 6 29.23 -2.85 16.42
C6 Y5P H 6 28.13 -3.92 14.58
OP1 Y5P H 6 25.85 -8.28 9.94
OP2 Y5P H 6 27.16 -8.74 12.11
C5 Y5P H 6 28.88 -4.03 15.68
P Y5P H 7 29.64 -3.96 8.97
C5' Y5P H 7 29.73 -2.03 7.20
O5' Y5P H 7 29.67 -3.43 7.48
C4' Y5P H 7 29.84 -1.76 5.72
O4' Y5P H 7 31.06 -2.38 5.23
C3' Y5P H 7 28.70 -2.32 4.88
O3' Y5P H 7 28.46 -1.48 3.76
C2' Y5P H 7 29.26 -3.65 4.40
O2' Y5P H 7 28.68 -4.14 3.21
C1' Y5P H 7 30.74 -3.31 4.20
N1 Y5P H 7 31.65 -4.46 4.31
C2 Y5P H 7 32.56 -4.67 3.30
N3 Y5P H 7 33.38 -5.75 3.48
C4 Y5P H 7 33.38 -6.64 4.54
C6 Y5P H 7 31.59 -5.30 5.41
OP1 Y5P H 7 29.31 -5.41 8.93
OP2 Y5P H 7 30.87 -3.52 9.66
C5 Y5P H 7 32.40 -6.36 5.55
N1 P5P H 8 18.46 -3.02 8.73
C2 P5P H 8 18.59 -3.91 7.75
N3 P5P H 8 19.56 -4.03 6.84
C4 P5P H 8 20.50 -3.09 7.02
C5 P5P H 8 20.50 -2.09 7.99
C6 P5P H 8 19.41 -2.07 8.88
N7 P5P H 8 21.62 -1.30 7.87
C8 P5P H 8 22.27 -1.81 6.84
N9 P5P H 8 21.64 -2.90 6.29
C1' P5P H 8 22.08 -3.70 5.14
C2' P5P H 8 21.73 -3.03 3.80
O2' P5P H 8 21.51 -4.04 2.83
C3' P5P H 8 23.01 -2.26 3.51
O3' P5P H 8 23.18 -1.95 2.14
C4' P5P H 8 24.09 -3.19 4.03
O4' P5P H 8 23.49 -3.82 5.19
C5' P5P H 8 25.38 -2.54 4.44
O5' P5P H 8 25.99 -1.85 3.36
P P5P H 8 27.06 -0.69 3.61
OP1 P5P H 8 27.11 0.14 2.38
OP2 P5P H 8 26.76 -0.06 4.91
#